data_6S7Z
#
_entry.id   6S7Z
#
_cell.length_a   175.465
_cell.length_b   97.132
_cell.length_c   124.780
_cell.angle_alpha   90.000
_cell.angle_beta   102.740
_cell.angle_gamma   90.000
#
_symmetry.space_group_name_H-M   'C 1 2 1'
#
loop_
_entity.id
_entity.type
_entity.pdbx_description
1 polymer 'Fumarate hydratase class II'
2 non-polymer ~{N}-[5-(3,4-dihydro-1~{H}-isoquinolin-2-ylsulfonyl)-2-methoxy-phenyl]-2-(4-oxidanylidene-3~{H}-phthalazin-1-yl)ethanamide
3 non-polymer 'MAGNESIUM ION'
4 non-polymer 'FORMIC ACID'
5 water water
#
_entity_poly.entity_id   1
_entity_poly.type   'polypeptide(L)'
_entity_poly.pdbx_seq_one_letter_code
;MAVDADSANYRIEHDTMGEVRVPAKALWRAQTQRAVENFPISGRGLERTQIRALGLLKGACAQVNSDLGLLAPEKADAII
AAAAEIADGQHDDQFPIDVFQTGSGTSSNMNTNEVIASIAAKGGVTLHPNDDVNMSQSSNDTFPTATHIAATEAAVAHLI
PALQQLHDALAAKALDWHTVVKSGRTHLMDAVPVTLGQEFSGYARQIEAGIERVRACLPRLGELAIGGTAVGTGLNAPDD
FGVRVVAVLVAQTGLSELRTAANSFEAQAARDGLVEASGALRTIAVSLTKIANDIRWMGSGPLTGLAEIQLPDLQPGSSI
MPGKVNPVLPEAVTQVAAQVIGNDAAIAWGGANGAFELNVYIPMMARNILESFKLLTNVSRLFAQRCIAGLTANVEHLRR
LAESSPSIVTPLNSAIGYEEAAAVAKQALKERKTIRQTVIDRGLIGDRLSIEDLDRRLDVLAMAKAEQLDSDRL
;
_entity_poly.pdbx_strand_id   A,B,C,D
#
loop_
_chem_comp.id
_chem_comp.type
_chem_comp.name
_chem_comp.formula
FMT non-polymer 'FORMIC ACID' 'C H2 O2'
KZN non-polymer ~{N}-[5-(3,4-dihydro-1~{H}-isoquinolin-2-ylsulfonyl)-2-methoxy-phenyl]-2-(4-oxidanylidene-3~{H}-phthalazin-1-yl)ethanamide 'C26 H24 N4 O5 S'
MG non-polymer 'MAGNESIUM ION' 'Mg 2'
#
# COMPACT_ATOMS: atom_id res chain seq x y z
N TYR A 10 5.68 -26.84 36.72
CA TYR A 10 5.41 -27.53 35.43
C TYR A 10 4.26 -28.54 35.61
N ARG A 11 3.03 -28.08 35.87
CA ARG A 11 1.88 -28.94 36.29
C ARG A 11 1.14 -29.47 35.04
N ILE A 12 0.37 -30.55 35.21
CA ILE A 12 -0.17 -31.41 34.11
C ILE A 12 -1.69 -31.25 34.01
N GLU A 13 -2.21 -31.18 32.77
CA GLU A 13 -3.66 -31.06 32.47
C GLU A 13 -4.04 -32.17 31.49
N HIS A 14 -5.26 -32.69 31.60
CA HIS A 14 -5.66 -33.81 30.74
C HIS A 14 -6.56 -33.24 29.65
N ASP A 15 -6.27 -33.61 28.40
CA ASP A 15 -7.06 -33.08 27.26
C ASP A 15 -7.64 -34.26 26.50
N THR A 16 -8.66 -34.03 25.68
CA THR A 16 -9.29 -35.15 24.94
C THR A 16 -8.22 -35.81 24.06
N MET A 17 -7.44 -34.97 23.36
CA MET A 17 -6.34 -35.35 22.46
C MET A 17 -5.22 -36.05 23.25
N GLY A 18 -5.02 -35.71 24.53
CA GLY A 18 -3.98 -36.38 25.33
C GLY A 18 -3.62 -35.55 26.54
N GLU A 19 -2.61 -35.93 27.30
CA GLU A 19 -2.26 -35.02 28.42
C GLU A 19 -1.49 -33.80 27.89
N VAL A 20 -1.57 -32.66 28.60
CA VAL A 20 -0.87 -31.41 28.19
C VAL A 20 -0.15 -30.84 29.40
N ARG A 21 1.12 -30.47 29.27
CA ARG A 21 1.82 -29.85 30.42
C ARG A 21 1.66 -28.34 30.32
N VAL A 22 1.30 -27.71 31.43
CA VAL A 22 1.02 -26.25 31.59
C VAL A 22 1.95 -25.72 32.68
N PRO A 23 2.68 -24.61 32.45
CA PRO A 23 3.52 -24.01 33.50
C PRO A 23 2.77 -23.88 34.81
N ALA A 24 3.51 -23.87 35.93
CA ALA A 24 3.00 -23.99 37.32
C ALA A 24 2.14 -22.77 37.68
N LYS A 25 2.69 -21.57 37.49
CA LYS A 25 2.05 -20.29 37.90
C LYS A 25 1.25 -19.72 36.72
N ALA A 26 0.89 -20.56 35.76
CA ALA A 26 0.03 -20.20 34.61
C ALA A 26 -1.43 -20.44 35.01
N LEU A 27 -2.27 -19.45 34.78
CA LEU A 27 -3.73 -19.51 35.06
C LEU A 27 -4.48 -20.02 33.83
N TRP A 28 -3.80 -20.17 32.70
CA TRP A 28 -4.49 -20.73 31.52
C TRP A 28 -4.59 -22.26 31.62
N ARG A 29 -5.41 -22.86 30.77
CA ARG A 29 -5.64 -24.32 30.83
C ARG A 29 -5.26 -24.99 29.51
N ALA A 30 -5.81 -26.19 29.30
CA ALA A 30 -5.45 -27.07 28.18
C ALA A 30 -5.71 -26.42 26.82
N GLN A 31 -6.81 -25.74 26.62
CA GLN A 31 -7.10 -25.15 25.29
C GLN A 31 -6.08 -24.06 24.96
N THR A 32 -5.72 -23.23 25.93
CA THR A 32 -4.71 -22.18 25.70
C THR A 32 -3.37 -22.83 25.40
N GLN A 33 -3.01 -23.88 26.14
CA GLN A 33 -1.71 -24.56 25.90
C GLN A 33 -1.66 -25.15 24.48
N ARG A 34 -2.75 -25.75 24.02
CA ARG A 34 -2.73 -26.31 22.65
C ARG A 34 -2.53 -25.19 21.64
N ALA A 35 -3.17 -24.05 21.85
CA ALA A 35 -3.03 -22.87 20.97
C ALA A 35 -1.56 -22.41 20.96
N VAL A 36 -0.90 -22.44 22.11
CA VAL A 36 0.53 -22.05 22.21
C VAL A 36 1.35 -23.00 21.33
N GLU A 37 1.04 -24.28 21.39
CA GLU A 37 1.71 -25.30 20.56
C GLU A 37 1.37 -25.16 19.07
N ASN A 38 0.11 -24.87 18.74
N ASN A 38 0.10 -24.89 18.74
CA ASN A 38 -0.36 -24.78 17.33
CA ASN A 38 -0.38 -24.77 17.34
C ASN A 38 0.12 -23.53 16.59
C ASN A 38 0.12 -23.53 16.60
N PHE A 39 0.23 -22.40 17.28
CA PHE A 39 0.60 -21.19 16.53
C PHE A 39 1.87 -20.52 17.00
N PRO A 40 3.22 -21.12 17.03
CA PRO A 40 4.50 -20.45 17.33
C PRO A 40 4.98 -19.68 16.10
N ILE A 41 4.43 -18.50 15.85
CA ILE A 41 4.57 -17.82 14.53
C ILE A 41 5.32 -16.52 14.70
N SER A 42 4.85 -15.61 15.54
CA SER A 42 5.41 -14.25 15.75
C SER A 42 6.12 -14.16 17.10
N GLY A 43 5.71 -14.95 18.08
CA GLY A 43 6.20 -14.85 19.48
C GLY A 43 5.63 -13.59 20.15
N ARG A 44 4.64 -12.94 19.56
CA ARG A 44 4.00 -11.74 20.16
C ARG A 44 2.51 -12.08 20.34
N GLY A 45 2.03 -11.86 21.56
CA GLY A 45 0.63 -12.13 21.93
C GLY A 45 -0.21 -10.86 21.95
N LEU A 46 -1.38 -10.93 22.56
CA LEU A 46 -2.29 -9.77 22.60
C LEU A 46 -1.64 -8.61 23.35
N GLU A 47 -2.05 -7.40 22.99
N GLU A 47 -2.02 -7.39 22.98
CA GLU A 47 -1.52 -6.20 23.69
CA GLU A 47 -1.53 -6.18 23.67
C GLU A 47 -2.36 -5.96 24.95
C GLU A 47 -2.34 -5.97 24.96
N ARG A 48 -1.84 -5.15 25.87
CA ARG A 48 -2.51 -4.83 27.15
C ARG A 48 -3.96 -4.34 26.93
N THR A 49 -4.19 -3.49 25.93
CA THR A 49 -5.55 -2.93 25.70
C THR A 49 -6.57 -4.03 25.35
N GLN A 50 -6.18 -5.00 24.51
N GLN A 50 -6.15 -4.97 24.50
CA GLN A 50 -7.15 -6.06 24.15
CA GLN A 50 -6.99 -6.12 24.08
C GLN A 50 -7.36 -7.04 25.31
C GLN A 50 -7.33 -6.98 25.30
N ILE A 51 -6.33 -7.26 26.13
CA ILE A 51 -6.52 -8.12 27.32
C ILE A 51 -7.50 -7.40 28.24
N ARG A 52 -7.31 -6.10 28.42
CA ARG A 52 -8.23 -5.33 29.29
C ARG A 52 -9.64 -5.40 28.71
N ALA A 53 -9.79 -5.27 27.40
CA ALA A 53 -11.12 -5.29 26.77
C ALA A 53 -11.81 -6.65 26.96
N LEU A 54 -11.04 -7.73 26.85
CA LEU A 54 -11.60 -9.10 27.07
C LEU A 54 -12.06 -9.24 28.52
N GLY A 55 -11.30 -8.76 29.47
CA GLY A 55 -11.76 -8.67 30.88
C GLY A 55 -13.04 -7.87 31.04
N LEU A 56 -13.05 -6.65 30.50
CA LEU A 56 -14.23 -5.78 30.56
C LEU A 56 -15.43 -6.60 30.04
N LEU A 57 -15.31 -7.21 28.87
CA LEU A 57 -16.46 -7.88 28.22
C LEU A 57 -16.95 -9.04 29.10
N LYS A 58 -16.05 -9.87 29.64
CA LYS A 58 -16.45 -11.07 30.40
C LYS A 58 -17.18 -10.64 31.66
N GLY A 59 -16.72 -9.61 32.35
CA GLY A 59 -17.40 -9.02 33.53
C GLY A 59 -18.82 -8.58 33.21
N ALA A 60 -18.98 -7.83 32.11
CA ALA A 60 -20.28 -7.27 31.70
C ALA A 60 -21.18 -8.43 31.29
N CYS A 61 -20.66 -9.46 30.62
CA CYS A 61 -21.48 -10.62 30.22
C CYS A 61 -21.99 -11.38 31.45
N ALA A 62 -21.14 -11.54 32.47
CA ALA A 62 -21.54 -12.26 33.68
C ALA A 62 -22.57 -11.39 34.43
N GLN A 63 -22.41 -10.06 34.42
CA GLN A 63 -23.35 -9.15 35.12
C GLN A 63 -24.73 -9.36 34.52
N VAL A 64 -24.80 -9.40 33.19
CA VAL A 64 -26.10 -9.52 32.50
C VAL A 64 -26.69 -10.93 32.64
N ASN A 65 -25.88 -11.98 32.54
CA ASN A 65 -26.38 -13.37 32.72
C ASN A 65 -26.95 -13.51 34.16
N SER A 66 -26.29 -12.92 35.13
CA SER A 66 -26.79 -12.84 36.53
C SER A 66 -28.12 -12.08 36.57
N ASP A 67 -28.16 -10.85 36.07
CA ASP A 67 -29.38 -9.98 36.05
C ASP A 67 -30.56 -10.72 35.41
N LEU A 68 -30.33 -11.53 34.36
CA LEU A 68 -31.44 -12.23 33.66
C LEU A 68 -31.80 -13.54 34.35
N GLY A 69 -31.04 -13.94 35.40
CA GLY A 69 -31.30 -15.18 36.15
C GLY A 69 -30.73 -16.43 35.47
N LEU A 70 -29.78 -16.30 34.55
CA LEU A 70 -29.26 -17.44 33.74
C LEU A 70 -28.05 -18.06 34.41
N LEU A 71 -27.43 -17.29 35.29
CA LEU A 71 -26.16 -17.65 35.94
C LEU A 71 -26.25 -17.41 37.45
N ALA A 72 -25.89 -18.42 38.24
CA ALA A 72 -25.91 -18.32 39.71
C ALA A 72 -25.09 -17.10 40.15
N PRO A 73 -25.61 -16.28 41.07
CA PRO A 73 -24.90 -15.08 41.53
C PRO A 73 -23.47 -15.33 42.03
N GLU A 74 -23.25 -16.42 42.74
CA GLU A 74 -21.91 -16.74 43.29
C GLU A 74 -20.89 -16.94 42.15
N LYS A 75 -21.30 -17.62 41.07
CA LYS A 75 -20.45 -17.83 39.88
C LYS A 75 -20.26 -16.47 39.19
N ALA A 76 -21.33 -15.68 39.11
CA ALA A 76 -21.27 -14.35 38.47
C ALA A 76 -20.35 -13.45 39.27
N ASP A 77 -20.44 -13.48 40.60
CA ASP A 77 -19.57 -12.63 41.43
C ASP A 77 -18.09 -13.02 41.21
N ALA A 78 -17.81 -14.31 41.11
CA ALA A 78 -16.44 -14.83 40.91
C ALA A 78 -15.89 -14.34 39.57
N ILE A 79 -16.71 -14.41 38.54
CA ILE A 79 -16.29 -13.95 37.19
C ILE A 79 -16.04 -12.45 37.22
N ILE A 80 -16.98 -11.71 37.77
CA ILE A 80 -16.87 -10.22 37.79
C ILE A 80 -15.60 -9.82 38.55
N ALA A 81 -15.32 -10.40 39.74
CA ALA A 81 -14.05 -10.15 40.48
C ALA A 81 -12.82 -10.56 39.61
N ALA A 82 -12.82 -11.72 38.96
CA ALA A 82 -11.67 -12.17 38.16
C ALA A 82 -11.50 -11.24 36.94
N ALA A 83 -12.58 -10.99 36.22
CA ALA A 83 -12.57 -10.11 35.02
C ALA A 83 -12.02 -8.73 35.40
N ALA A 84 -12.41 -8.16 36.55
CA ALA A 84 -11.91 -6.86 37.01
C ALA A 84 -10.40 -6.88 37.11
N GLU A 85 -9.84 -7.98 37.63
CA GLU A 85 -8.37 -8.09 37.81
C GLU A 85 -7.74 -8.07 36.42
N ILE A 86 -8.31 -8.79 35.45
CA ILE A 86 -7.79 -8.83 34.04
C ILE A 86 -7.89 -7.42 33.43
N ALA A 87 -9.03 -6.76 33.63
CA ALA A 87 -9.22 -5.41 33.08
C ALA A 87 -8.29 -4.42 33.77
N ASP A 88 -7.78 -4.77 34.96
CA ASP A 88 -6.90 -3.87 35.73
C ASP A 88 -5.43 -4.10 35.35
N GLY A 89 -5.18 -5.02 34.41
CA GLY A 89 -3.80 -5.28 33.94
C GLY A 89 -3.03 -6.20 34.87
N GLN A 90 -3.71 -6.88 35.78
CA GLN A 90 -3.03 -7.79 36.73
C GLN A 90 -2.59 -9.11 36.12
N HIS A 91 -3.12 -9.50 34.96
CA HIS A 91 -2.82 -10.84 34.40
C HIS A 91 -2.36 -10.79 32.95
N ASP A 92 -1.61 -9.76 32.59
CA ASP A 92 -1.09 -9.56 31.21
C ASP A 92 -0.18 -10.74 30.81
N ASP A 93 0.46 -11.38 31.78
CA ASP A 93 1.38 -12.52 31.52
C ASP A 93 0.60 -13.83 31.39
N GLN A 94 -0.72 -13.80 31.43
CA GLN A 94 -1.54 -15.05 31.36
C GLN A 94 -2.15 -15.23 29.96
N PHE A 95 -1.75 -14.42 28.99
CA PHE A 95 -2.28 -14.49 27.61
C PHE A 95 -1.11 -14.77 26.67
N PRO A 96 -0.65 -16.03 26.56
CA PRO A 96 0.53 -16.37 25.77
C PRO A 96 0.30 -16.72 24.30
N ILE A 97 -0.96 -16.75 23.86
CA ILE A 97 -1.27 -17.15 22.46
C ILE A 97 -0.78 -16.10 21.46
N ASP A 98 -0.24 -16.57 20.36
CA ASP A 98 0.22 -15.72 19.25
C ASP A 98 -0.95 -14.92 18.64
N VAL A 99 -0.67 -13.70 18.19
CA VAL A 99 -1.61 -12.90 17.35
C VAL A 99 -2.05 -13.76 16.18
N PHE A 100 -1.16 -14.54 15.57
CA PHE A 100 -1.49 -15.28 14.33
C PHE A 100 -2.11 -16.61 14.73
N GLN A 101 -3.37 -16.52 15.16
CA GLN A 101 -4.16 -17.66 15.66
C GLN A 101 -5.38 -17.81 14.75
N THR A 102 -6.29 -18.71 15.10
CA THR A 102 -7.58 -18.90 14.37
C THR A 102 -8.21 -17.51 14.18
N GLY A 103 -8.75 -17.20 13.01
CA GLY A 103 -9.05 -15.81 12.61
C GLY A 103 -10.26 -15.19 13.29
N SER A 104 -11.08 -15.99 14.00
CA SER A 104 -12.20 -15.51 14.84
C SER A 104 -11.66 -14.94 16.14
N GLY A 105 -10.41 -15.28 16.49
CA GLY A 105 -9.81 -15.04 17.82
C GLY A 105 -10.44 -15.92 18.91
N THR A 106 -11.00 -17.05 18.51
CA THR A 106 -11.62 -18.00 19.46
C THR A 106 -10.57 -18.45 20.49
N SER A 107 -9.33 -18.66 20.06
CA SER A 107 -8.30 -19.15 21.01
C SER A 107 -8.13 -18.14 22.15
N SER A 108 -8.05 -16.86 21.83
CA SER A 108 -7.88 -15.83 22.88
C SER A 108 -9.15 -15.75 23.74
N ASN A 109 -10.32 -15.95 23.13
CA ASN A 109 -11.59 -15.93 23.91
C ASN A 109 -11.52 -17.03 24.96
N MET A 110 -11.13 -18.22 24.56
CA MET A 110 -10.99 -19.40 25.45
C MET A 110 -9.92 -19.11 26.51
N ASN A 111 -8.84 -18.43 26.13
CA ASN A 111 -7.74 -18.05 27.03
C ASN A 111 -8.31 -17.23 28.17
N THR A 112 -9.18 -16.27 27.86
CA THR A 112 -9.81 -15.43 28.89
C THR A 112 -10.69 -16.29 29.79
N ASN A 113 -11.48 -17.19 29.20
CA ASN A 113 -12.43 -18.05 29.96
C ASN A 113 -11.66 -18.94 30.94
N GLU A 114 -10.56 -19.53 30.47
CA GLU A 114 -9.71 -20.42 31.30
C GLU A 114 -9.07 -19.64 32.45
N VAL A 115 -8.55 -18.45 32.16
CA VAL A 115 -7.85 -17.62 33.19
C VAL A 115 -8.85 -17.23 34.27
N ILE A 116 -10.07 -16.91 33.87
CA ILE A 116 -11.11 -16.51 34.86
C ILE A 116 -11.48 -17.71 35.74
N ALA A 117 -11.60 -18.88 35.14
CA ALA A 117 -11.94 -20.12 35.87
C ALA A 117 -10.83 -20.40 36.89
N SER A 118 -9.56 -20.21 36.51
CA SER A 118 -8.41 -20.53 37.40
C SER A 118 -8.30 -19.49 38.51
N ILE A 119 -8.59 -18.21 38.24
CA ILE A 119 -8.58 -17.15 39.30
C ILE A 119 -9.69 -17.48 40.32
N ALA A 120 -10.86 -17.88 39.84
CA ALA A 120 -12.02 -18.22 40.68
C ALA A 120 -11.70 -19.48 41.52
N ALA A 121 -11.04 -20.47 40.94
CA ALA A 121 -10.67 -21.74 41.62
C ALA A 121 -9.91 -21.43 42.91
N LYS A 122 -9.00 -20.44 42.88
CA LYS A 122 -8.14 -20.03 44.01
C LYS A 122 -8.97 -19.43 45.14
N GLY A 123 -10.17 -18.93 44.82
CA GLY A 123 -11.11 -18.36 45.80
C GLY A 123 -12.21 -19.34 46.16
N GLY A 124 -12.04 -20.61 45.81
CA GLY A 124 -12.98 -21.67 46.17
C GLY A 124 -14.23 -21.77 45.30
N VAL A 125 -14.26 -21.13 44.14
CA VAL A 125 -15.48 -21.18 43.28
C VAL A 125 -15.14 -21.90 41.99
N THR A 126 -15.99 -22.86 41.62
CA THR A 126 -15.80 -23.69 40.42
C THR A 126 -16.62 -23.12 39.25
N LEU A 127 -15.92 -22.69 38.20
CA LEU A 127 -16.48 -22.16 36.94
C LEU A 127 -16.01 -23.06 35.79
N HIS A 128 -16.95 -23.45 34.99
CA HIS A 128 -16.72 -24.09 33.69
C HIS A 128 -16.42 -22.99 32.70
N PRO A 129 -15.24 -23.02 32.04
CA PRO A 129 -14.84 -21.93 31.13
C PRO A 129 -15.90 -21.66 30.09
N ASN A 130 -16.42 -22.70 29.45
CA ASN A 130 -17.43 -22.55 28.38
C ASN A 130 -18.82 -22.24 28.96
N ASP A 131 -19.32 -23.14 29.82
CA ASP A 131 -20.75 -23.17 30.21
C ASP A 131 -21.06 -21.95 31.07
N ASP A 132 -20.09 -21.49 31.87
CA ASP A 132 -20.31 -20.35 32.78
C ASP A 132 -19.69 -19.09 32.17
N VAL A 133 -18.39 -19.09 31.90
CA VAL A 133 -17.73 -17.80 31.61
C VAL A 133 -18.09 -17.37 30.19
N ASN A 134 -18.37 -18.32 29.30
CA ASN A 134 -18.77 -18.06 27.89
C ASN A 134 -20.29 -18.17 27.74
N MET A 135 -21.05 -18.19 28.83
CA MET A 135 -22.54 -18.33 28.71
C MET A 135 -23.14 -17.17 27.92
N SER A 136 -24.01 -17.48 26.96
CA SER A 136 -24.76 -16.54 26.07
C SER A 136 -23.87 -15.92 24.99
N GLN A 137 -22.63 -16.37 24.90
CA GLN A 137 -21.64 -15.83 23.96
C GLN A 137 -21.22 -16.95 23.03
N SER A 138 -20.60 -16.56 21.95
CA SER A 138 -20.10 -17.58 21.04
C SER A 138 -18.60 -17.35 20.87
N SER A 139 -18.03 -18.21 20.05
CA SER A 139 -16.62 -18.21 19.66
C SER A 139 -16.29 -17.06 18.70
N ASN A 140 -17.30 -16.42 18.08
CA ASN A 140 -17.21 -15.40 17.00
C ASN A 140 -17.70 -13.98 17.30
N ASP A 141 -18.51 -13.72 18.33
CA ASP A 141 -18.98 -12.34 18.58
C ASP A 141 -18.21 -11.67 19.72
N THR A 142 -17.35 -12.42 20.40
CA THR A 142 -16.64 -11.93 21.61
C THR A 142 -15.34 -11.20 21.27
N PHE A 143 -14.42 -11.86 20.55
CA PHE A 143 -13.10 -11.26 20.23
C PHE A 143 -13.28 -9.95 19.44
N PRO A 144 -14.16 -9.85 18.42
CA PRO A 144 -14.34 -8.58 17.72
C PRO A 144 -14.97 -7.48 18.60
N THR A 145 -15.88 -7.88 19.48
CA THR A 145 -16.46 -6.96 20.48
C THR A 145 -15.31 -6.40 21.33
N ALA A 146 -14.41 -7.23 21.81
CA ALA A 146 -13.27 -6.77 22.66
C ALA A 146 -12.34 -5.85 21.84
N THR A 147 -12.16 -6.14 20.55
CA THR A 147 -11.32 -5.33 19.63
C THR A 147 -11.92 -3.93 19.52
N HIS A 148 -13.24 -3.85 19.35
CA HIS A 148 -13.94 -2.56 19.13
C HIS A 148 -14.00 -1.78 20.45
N ILE A 149 -14.18 -2.46 21.59
CA ILE A 149 -14.05 -1.80 22.92
C ILE A 149 -12.64 -1.18 23.03
N ALA A 150 -11.60 -1.97 22.77
CA ALA A 150 -10.19 -1.52 22.92
C ALA A 150 -9.92 -0.34 22.00
N ALA A 151 -10.37 -0.42 20.74
CA ALA A 151 -10.11 0.63 19.74
C ALA A 151 -10.87 1.92 20.11
N THR A 152 -12.11 1.79 20.59
CA THR A 152 -12.96 2.95 20.94
C THR A 152 -12.30 3.67 22.13
N GLU A 153 -11.86 2.88 23.11
CA GLU A 153 -11.16 3.42 24.30
C GLU A 153 -9.87 4.11 23.87
N ALA A 154 -9.04 3.46 23.06
CA ALA A 154 -7.80 4.05 22.53
C ALA A 154 -8.09 5.40 21.85
N ALA A 155 -9.13 5.48 21.03
CA ALA A 155 -9.46 6.70 20.26
C ALA A 155 -9.90 7.80 21.22
N VAL A 156 -10.84 7.48 22.12
CA VAL A 156 -11.53 8.50 22.97
C VAL A 156 -10.65 8.90 24.17
N ALA A 157 -10.09 7.95 24.91
CA ALA A 157 -9.41 8.21 26.20
C ALA A 157 -7.93 8.58 26.01
N HIS A 158 -7.29 8.20 24.89
CA HIS A 158 -5.82 8.22 24.74
C HIS A 158 -5.41 9.01 23.50
N LEU A 159 -5.88 8.66 22.31
CA LEU A 159 -5.40 9.38 21.10
C LEU A 159 -5.93 10.82 21.04
N ILE A 160 -7.24 11.04 21.17
CA ILE A 160 -7.77 12.43 21.06
C ILE A 160 -7.08 13.37 22.06
N PRO A 161 -7.00 13.05 23.36
CA PRO A 161 -6.27 13.88 24.30
C PRO A 161 -4.83 14.15 23.87
N ALA A 162 -4.12 13.12 23.39
CA ALA A 162 -2.72 13.26 22.93
C ALA A 162 -2.67 14.24 21.75
N LEU A 163 -3.54 14.06 20.75
CA LEU A 163 -3.62 14.98 19.60
C LEU A 163 -3.96 16.38 20.11
N GLN A 164 -4.86 16.52 21.11
CA GLN A 164 -5.25 17.86 21.60
C GLN A 164 -4.02 18.50 22.20
N GLN A 165 -3.16 17.74 22.88
CA GLN A 165 -1.94 18.28 23.52
C GLN A 165 -1.03 18.83 22.42
N LEU A 166 -0.85 18.08 21.33
CA LEU A 166 0.00 18.50 20.17
C LEU A 166 -0.60 19.73 19.48
N HIS A 167 -1.89 19.71 19.18
CA HIS A 167 -2.63 20.90 18.66
C HIS A 167 -2.25 22.13 19.48
N ASP A 168 -2.45 22.05 20.80
CA ASP A 168 -2.30 23.22 21.69
C ASP A 168 -0.83 23.66 21.72
N ALA A 169 0.14 22.76 21.56
CA ALA A 169 1.57 23.15 21.50
C ALA A 169 1.87 23.87 20.17
N LEU A 170 1.33 23.37 19.06
CA LEU A 170 1.47 24.03 17.75
C LEU A 170 0.79 25.41 17.78
N ALA A 171 -0.41 25.50 18.37
CA ALA A 171 -1.21 26.75 18.46
C ALA A 171 -0.46 27.79 19.31
N ALA A 172 0.19 27.34 20.38
CA ALA A 172 0.97 28.17 21.30
C ALA A 172 2.15 28.77 20.53
N LYS A 173 2.86 27.95 19.74
CA LYS A 173 3.98 28.42 18.90
C LYS A 173 3.49 29.38 17.84
N ALA A 174 2.35 29.11 17.18
CA ALA A 174 1.71 30.00 16.17
C ALA A 174 1.44 31.38 16.78
N LEU A 175 1.01 31.42 18.04
CA LEU A 175 0.74 32.71 18.74
C LEU A 175 2.07 33.41 19.05
N ASP A 176 3.03 32.70 19.64
CA ASP A 176 4.34 33.28 20.04
C ASP A 176 5.07 33.82 18.79
N TRP A 177 4.84 33.24 17.61
CA TRP A 177 5.62 33.51 16.38
C TRP A 177 4.77 34.28 15.37
N HIS A 178 3.73 34.92 15.88
CA HIS A 178 2.75 35.70 15.08
C HIS A 178 3.46 36.70 14.15
N THR A 179 4.51 37.41 14.61
CA THR A 179 5.19 38.49 13.82
C THR A 179 6.57 38.03 13.31
N VAL A 180 6.86 36.72 13.40
CA VAL A 180 8.20 36.20 12.99
C VAL A 180 8.19 35.98 11.48
N VAL A 181 8.36 37.09 10.79
CA VAL A 181 8.28 37.12 9.31
C VAL A 181 9.47 36.36 8.74
N LYS A 182 9.22 35.62 7.67
CA LYS A 182 10.28 34.84 7.00
C LYS A 182 9.86 34.58 5.55
N SER A 183 10.79 34.00 4.79
CA SER A 183 10.60 33.76 3.34
C SER A 183 9.70 32.55 3.11
N GLY A 184 8.63 32.72 2.32
CA GLY A 184 7.74 31.59 2.04
C GLY A 184 8.50 30.63 1.10
N ARG A 185 8.10 29.38 1.02
CA ARG A 185 8.73 28.46 0.04
C ARG A 185 7.65 27.64 -0.66
N THR A 186 7.69 27.69 -1.98
CA THR A 186 6.83 26.88 -2.86
C THR A 186 7.78 26.19 -3.83
N HIS A 187 7.61 24.87 -4.00
CA HIS A 187 8.47 24.01 -4.86
C HIS A 187 9.90 24.01 -4.30
N LEU A 188 10.04 24.37 -3.02
CA LEU A 188 11.33 24.56 -2.29
C LEU A 188 12.03 25.86 -2.71
N MET A 189 11.42 26.67 -3.54
CA MET A 189 12.01 27.93 -4.06
C MET A 189 11.41 29.13 -3.27
N ASP A 190 12.22 30.17 -3.13
CA ASP A 190 11.89 31.41 -2.41
C ASP A 190 10.58 31.95 -2.99
N ALA A 191 9.70 32.41 -2.12
CA ALA A 191 8.38 32.97 -2.45
C ALA A 191 8.14 34.13 -1.51
N VAL A 192 7.02 34.81 -1.70
CA VAL A 192 6.63 36.00 -0.91
C VAL A 192 6.49 35.64 0.56
N PRO A 193 6.57 36.64 1.47
CA PRO A 193 6.70 36.35 2.90
C PRO A 193 5.49 35.67 3.54
N VAL A 194 5.78 34.91 4.58
CA VAL A 194 4.83 34.33 5.56
C VAL A 194 5.38 34.63 6.94
N THR A 195 4.68 34.22 7.97
CA THR A 195 5.29 34.18 9.32
C THR A 195 5.44 32.71 9.72
N LEU A 196 6.40 32.45 10.60
CA LEU A 196 6.51 31.14 11.28
C LEU A 196 5.19 30.82 11.92
N GLY A 197 4.56 31.82 12.53
CA GLY A 197 3.23 31.70 13.16
C GLY A 197 2.18 31.16 12.21
N GLN A 198 2.09 31.72 11.01
CA GLN A 198 1.11 31.23 9.99
C GLN A 198 1.40 29.77 9.62
N GLU A 199 2.66 29.42 9.44
CA GLU A 199 2.98 28.01 9.13
C GLU A 199 2.54 27.10 10.29
N PHE A 200 2.84 27.49 11.52
CA PHE A 200 2.44 26.70 12.69
C PHE A 200 0.91 26.62 12.82
N SER A 201 0.21 27.71 12.50
CA SER A 201 -1.29 27.67 12.49
C SER A 201 -1.76 26.60 11.48
N GLY A 202 -1.08 26.43 10.35
CA GLY A 202 -1.42 25.37 9.36
C GLY A 202 -1.19 23.98 9.97
N TYR A 203 -0.06 23.79 10.67
CA TYR A 203 0.22 22.50 11.37
C TYR A 203 -0.87 22.25 12.43
N ALA A 204 -1.26 23.28 13.19
CA ALA A 204 -2.29 23.16 14.24
C ALA A 204 -3.61 22.69 13.58
N ARG A 205 -4.00 23.31 12.48
CA ARG A 205 -5.24 22.91 11.78
C ARG A 205 -5.15 21.43 11.37
N GLN A 206 -3.98 20.99 10.88
CA GLN A 206 -3.82 19.60 10.41
C GLN A 206 -4.17 18.67 11.58
N ILE A 207 -3.76 19.05 12.78
CA ILE A 207 -3.91 18.13 13.95
C ILE A 207 -5.35 18.27 14.44
N GLU A 208 -5.91 19.48 14.42
CA GLU A 208 -7.33 19.70 14.78
C GLU A 208 -8.21 18.91 13.81
N ALA A 209 -7.90 18.94 12.51
CA ALA A 209 -8.69 18.19 11.50
C ALA A 209 -8.53 16.69 11.73
N GLY A 210 -7.38 16.29 12.26
CA GLY A 210 -7.11 14.89 12.63
C GLY A 210 -8.04 14.46 13.76
N ILE A 211 -8.21 15.31 14.76
CA ILE A 211 -9.18 15.02 15.86
C ILE A 211 -10.58 14.93 15.26
N GLU A 212 -10.94 15.81 14.32
CA GLU A 212 -12.27 15.74 13.67
C GLU A 212 -12.41 14.40 12.94
N ARG A 213 -11.35 13.97 12.26
CA ARG A 213 -11.38 12.69 11.51
C ARG A 213 -11.64 11.52 12.48
N VAL A 214 -10.96 11.50 13.61
CA VAL A 214 -11.16 10.40 14.60
C VAL A 214 -12.58 10.42 15.18
N ARG A 215 -13.08 11.62 15.50
N ARG A 215 -13.07 11.62 15.49
N ARG A 215 -13.07 11.63 15.49
CA ARG A 215 -14.44 11.78 16.09
CA ARG A 215 -14.42 11.81 16.08
CA ARG A 215 -14.43 11.82 16.07
C ARG A 215 -15.50 11.34 15.07
C ARG A 215 -15.50 11.35 15.08
C ARG A 215 -15.50 11.35 15.08
N ALA A 216 -15.25 11.60 13.79
CA ALA A 216 -16.19 11.22 12.72
C ALA A 216 -16.33 9.69 12.56
N CYS A 217 -15.29 8.93 12.88
CA CYS A 217 -15.41 7.46 12.71
C CYS A 217 -16.04 6.77 13.93
N LEU A 218 -16.15 7.47 15.06
CA LEU A 218 -16.63 6.86 16.33
C LEU A 218 -18.02 6.24 16.24
N PRO A 219 -19.01 6.78 15.51
CA PRO A 219 -20.31 6.13 15.36
C PRO A 219 -20.30 4.66 14.88
N ARG A 220 -19.31 4.28 14.07
CA ARG A 220 -19.14 2.91 13.51
C ARG A 220 -18.02 2.16 14.24
N LEU A 221 -17.00 2.85 14.73
CA LEU A 221 -15.94 2.13 15.45
C LEU A 221 -16.48 1.51 16.76
N GLY A 222 -17.34 2.23 17.47
CA GLY A 222 -17.90 1.78 18.76
C GLY A 222 -18.98 0.72 18.61
N GLU A 223 -19.40 0.34 17.41
CA GLU A 223 -20.39 -0.75 17.21
C GLU A 223 -19.80 -2.10 17.69
N LEU A 224 -20.53 -2.78 18.58
CA LEU A 224 -20.14 -4.08 19.20
C LEU A 224 -21.05 -5.15 18.63
N ALA A 225 -20.49 -6.31 18.32
CA ALA A 225 -21.21 -7.48 17.79
C ALA A 225 -21.85 -8.31 18.90
N ILE A 226 -21.46 -8.10 20.14
CA ILE A 226 -21.94 -8.94 21.28
C ILE A 226 -23.46 -9.18 21.23
N GLY A 227 -23.83 -10.44 21.35
CA GLY A 227 -25.23 -10.89 21.28
C GLY A 227 -25.59 -11.49 19.94
N GLY A 228 -24.73 -11.32 18.95
CA GLY A 228 -24.95 -11.89 17.61
C GLY A 228 -24.70 -13.39 17.58
N THR A 229 -23.92 -13.90 18.53
CA THR A 229 -23.57 -15.33 18.60
C THR A 229 -22.83 -15.83 17.35
N ALA A 230 -23.02 -17.09 17.01
CA ALA A 230 -22.15 -17.72 15.99
C ALA A 230 -22.22 -17.06 14.61
N VAL A 231 -23.41 -16.70 14.14
CA VAL A 231 -23.56 -16.17 12.75
C VAL A 231 -24.23 -14.79 12.66
N GLY A 232 -24.53 -14.17 13.78
CA GLY A 232 -25.21 -12.85 13.72
C GLY A 232 -26.69 -12.93 14.08
N THR A 233 -27.26 -14.12 14.22
CA THR A 233 -28.72 -14.27 14.47
C THR A 233 -29.11 -14.17 15.95
N GLY A 234 -28.14 -14.31 16.85
CA GLY A 234 -28.45 -14.27 18.29
C GLY A 234 -28.93 -15.62 18.82
N LEU A 235 -28.89 -16.68 18.00
CA LEU A 235 -29.27 -18.02 18.49
C LEU A 235 -28.37 -18.39 19.69
N ASN A 236 -28.99 -18.91 20.74
CA ASN A 236 -28.37 -19.34 22.02
C ASN A 236 -28.04 -18.15 22.92
N ALA A 237 -28.58 -16.97 22.61
CA ALA A 237 -28.37 -15.85 23.53
C ALA A 237 -29.71 -15.20 23.82
N PRO A 238 -29.89 -14.50 24.96
CA PRO A 238 -31.11 -13.70 25.17
C PRO A 238 -31.29 -12.66 24.06
N ASP A 239 -32.54 -12.39 23.68
CA ASP A 239 -32.86 -11.46 22.55
C ASP A 239 -32.30 -10.07 22.80
N ASP A 240 -32.20 -9.68 24.06
CA ASP A 240 -31.76 -8.33 24.48
C ASP A 240 -30.35 -8.39 25.08
N PHE A 241 -29.57 -9.46 24.83
CA PHE A 241 -28.22 -9.61 25.45
C PHE A 241 -27.34 -8.45 25.00
N GLY A 242 -27.30 -8.17 23.69
CA GLY A 242 -26.49 -7.08 23.14
C GLY A 242 -26.76 -5.78 23.88
N VAL A 243 -28.01 -5.32 23.84
CA VAL A 243 -28.34 -4.00 24.46
C VAL A 243 -27.99 -4.03 25.95
N ARG A 244 -28.19 -5.15 26.63
CA ARG A 244 -27.92 -5.22 28.08
C ARG A 244 -26.43 -5.12 28.37
N VAL A 245 -25.60 -5.91 27.69
CA VAL A 245 -24.13 -5.93 27.91
C VAL A 245 -23.56 -4.54 27.56
N VAL A 246 -24.01 -3.95 26.46
CA VAL A 246 -23.57 -2.56 26.08
C VAL A 246 -23.93 -1.56 27.18
N ALA A 247 -25.13 -1.64 27.76
CA ALA A 247 -25.59 -0.71 28.78
C ALA A 247 -24.67 -0.87 30.00
N VAL A 248 -24.24 -2.10 30.31
CA VAL A 248 -23.34 -2.33 31.48
C VAL A 248 -21.96 -1.73 31.15
N LEU A 249 -21.43 -1.99 29.95
CA LEU A 249 -20.07 -1.51 29.56
C LEU A 249 -20.10 0.02 29.58
N VAL A 250 -21.13 0.65 29.02
CA VAL A 250 -21.22 2.13 29.05
C VAL A 250 -21.23 2.61 30.51
N ALA A 251 -22.05 2.00 31.37
CA ALA A 251 -22.21 2.48 32.77
C ALA A 251 -20.89 2.29 33.52
N GLN A 252 -20.17 1.21 33.25
CA GLN A 252 -18.90 0.89 33.96
C GLN A 252 -17.74 1.77 33.45
N THR A 253 -17.57 1.96 32.14
CA THR A 253 -16.35 2.56 31.53
C THR A 253 -16.55 4.06 31.31
N GLY A 254 -17.80 4.50 31.17
CA GLY A 254 -18.14 5.88 30.77
C GLY A 254 -17.86 6.11 29.28
N LEU A 255 -17.59 5.06 28.49
CA LEU A 255 -17.40 5.19 27.02
C LEU A 255 -18.76 5.18 26.32
N SER A 256 -19.40 6.34 26.26
CA SER A 256 -20.75 6.45 25.64
C SER A 256 -20.72 6.07 24.16
N GLU A 257 -19.53 6.06 23.54
CA GLU A 257 -19.35 5.69 22.12
C GLU A 257 -19.69 4.20 21.86
N LEU A 258 -19.56 3.34 22.87
CA LEU A 258 -19.90 1.91 22.67
C LEU A 258 -21.38 1.80 22.33
N ARG A 259 -21.72 0.98 21.35
CA ARG A 259 -23.13 0.79 20.97
C ARG A 259 -23.31 -0.58 20.37
N THR A 260 -24.56 -1.06 20.36
N THR A 260 -24.56 -1.06 20.34
CA THR A 260 -24.91 -2.28 19.60
CA THR A 260 -24.91 -2.33 19.65
C THR A 260 -24.67 -2.00 18.12
C THR A 260 -24.90 -2.07 18.14
N ALA A 261 -24.43 -3.05 17.35
CA ALA A 261 -24.25 -2.93 15.88
C ALA A 261 -25.58 -2.52 15.24
N ALA A 262 -25.56 -1.66 14.23
CA ALA A 262 -26.73 -1.27 13.43
C ALA A 262 -27.29 -2.52 12.76
N ASN A 263 -26.42 -3.40 12.27
CA ASN A 263 -26.83 -4.67 11.61
C ASN A 263 -25.94 -5.78 12.15
N SER A 264 -26.54 -6.82 12.75
CA SER A 264 -25.81 -7.87 13.50
C SER A 264 -24.97 -8.74 12.53
N PHE A 265 -25.38 -8.89 11.27
CA PHE A 265 -24.62 -9.66 10.24
C PHE A 265 -23.42 -8.83 9.76
N GLU A 266 -23.58 -7.55 9.43
CA GLU A 266 -22.48 -6.64 9.02
C GLU A 266 -21.42 -6.62 10.12
N ALA A 267 -21.83 -6.67 11.38
CA ALA A 267 -20.87 -6.57 12.51
C ALA A 267 -20.00 -7.81 12.68
N GLN A 268 -20.37 -8.91 12.04
CA GLN A 268 -19.60 -10.18 12.17
C GLN A 268 -19.00 -10.58 10.82
N ALA A 269 -19.72 -10.32 9.74
CA ALA A 269 -19.24 -10.60 8.38
C ALA A 269 -18.06 -9.68 7.99
N ALA A 270 -17.98 -8.52 8.61
CA ALA A 270 -16.93 -7.55 8.24
C ALA A 270 -16.40 -6.82 9.48
N ARG A 271 -15.26 -6.19 9.31
CA ARG A 271 -14.59 -5.35 10.33
C ARG A 271 -14.39 -3.97 9.66
N ASP A 272 -15.38 -3.56 8.86
CA ASP A 272 -15.30 -2.29 8.10
C ASP A 272 -15.04 -1.10 9.03
N GLY A 273 -15.53 -1.12 10.28
CA GLY A 273 -15.28 0.00 11.23
C GLY A 273 -13.80 0.17 11.57
N LEU A 274 -13.03 -0.94 11.59
CA LEU A 274 -11.56 -0.93 11.83
C LEU A 274 -10.88 -0.33 10.61
N VAL A 275 -11.36 -0.68 9.42
CA VAL A 275 -10.72 -0.22 8.17
C VAL A 275 -10.97 1.30 8.12
N GLU A 276 -12.19 1.71 8.44
CA GLU A 276 -12.55 3.17 8.43
C GLU A 276 -11.66 3.94 9.41
N ALA A 277 -11.51 3.43 10.63
CA ALA A 277 -10.68 4.09 11.68
C ALA A 277 -9.21 4.13 11.26
N SER A 278 -8.67 3.05 10.69
CA SER A 278 -7.26 3.04 10.24
C SER A 278 -7.06 4.16 9.20
N GLY A 279 -8.03 4.37 8.31
CA GLY A 279 -7.94 5.50 7.34
C GLY A 279 -7.78 6.84 8.05
N ALA A 280 -8.52 7.10 9.15
CA ALA A 280 -8.34 8.33 9.97
C ALA A 280 -6.90 8.35 10.55
N LEU A 281 -6.40 7.21 11.04
CA LEU A 281 -5.04 7.19 11.65
C LEU A 281 -4.00 7.43 10.55
N ARG A 282 -4.19 6.82 9.38
CA ARG A 282 -3.33 6.99 8.18
C ARG A 282 -3.32 8.48 7.76
N THR A 283 -4.46 9.17 7.79
CA THR A 283 -4.49 10.62 7.44
C THR A 283 -3.64 11.39 8.46
N ILE A 284 -3.73 11.04 9.73
CA ILE A 284 -2.92 11.74 10.78
C ILE A 284 -1.43 11.48 10.52
N ALA A 285 -1.10 10.24 10.16
CA ALA A 285 0.29 9.86 9.85
C ALA A 285 0.80 10.72 8.69
N VAL A 286 -0.05 10.98 7.71
CA VAL A 286 0.25 11.86 6.56
C VAL A 286 0.48 13.30 7.06
N SER A 287 -0.39 13.83 7.93
CA SER A 287 -0.28 15.21 8.45
C SER A 287 1.02 15.31 9.27
N LEU A 288 1.29 14.31 10.11
CA LEU A 288 2.48 14.30 10.99
C LEU A 288 3.77 14.22 10.14
N THR A 289 3.71 13.53 9.02
CA THR A 289 4.90 13.46 8.16
C THR A 289 5.23 14.88 7.67
N LYS A 290 4.22 15.61 7.21
CA LYS A 290 4.43 16.98 6.68
C LYS A 290 4.97 17.91 7.77
N ILE A 291 4.39 17.80 8.95
CA ILE A 291 4.78 18.71 10.05
C ILE A 291 6.21 18.39 10.47
N ALA A 292 6.48 17.13 10.74
CA ALA A 292 7.82 16.70 11.22
C ALA A 292 8.90 17.00 10.15
N ASN A 293 8.60 16.80 8.86
N ASN A 293 8.60 16.79 8.87
CA ASN A 293 9.59 17.05 7.77
CA ASN A 293 9.58 17.05 7.78
C ASN A 293 9.92 18.55 7.68
C ASN A 293 9.91 18.54 7.68
N ASP A 294 8.90 19.40 7.78
CA ASP A 294 9.15 20.85 7.71
C ASP A 294 10.02 21.25 8.90
N ILE A 295 9.66 20.73 10.06
CA ILE A 295 10.37 21.11 11.32
C ILE A 295 11.84 20.69 11.28
N ARG A 296 12.11 19.47 10.86
CA ARG A 296 13.53 19.08 10.76
C ARG A 296 14.23 19.91 9.68
N TRP A 297 13.54 20.19 8.58
CA TRP A 297 14.16 21.05 7.54
C TRP A 297 14.43 22.47 8.07
N MET A 298 13.52 22.99 8.87
CA MET A 298 13.71 24.35 9.45
C MET A 298 14.95 24.34 10.37
N GLY A 299 15.17 23.26 11.10
CA GLY A 299 16.32 23.18 12.03
C GLY A 299 17.63 22.70 11.41
N SER A 300 17.67 22.48 10.11
CA SER A 300 18.86 21.97 9.38
C SER A 300 20.01 23.00 9.46
N GLY A 301 21.20 22.51 9.70
CA GLY A 301 22.37 23.38 9.83
C GLY A 301 23.42 22.75 10.71
N PRO A 302 24.17 23.55 11.47
CA PRO A 302 23.88 24.98 11.65
C PRO A 302 24.37 25.98 10.58
N LEU A 303 25.18 25.51 9.61
CA LEU A 303 25.78 26.40 8.59
C LEU A 303 25.17 26.17 7.22
N THR A 304 25.11 24.95 6.70
CA THR A 304 24.81 24.72 5.27
C THR A 304 23.31 24.50 5.03
N GLY A 305 22.50 24.41 6.09
CA GLY A 305 21.06 24.16 5.95
C GLY A 305 20.23 25.43 6.02
N LEU A 306 18.95 25.28 6.26
CA LEU A 306 18.01 26.43 6.33
C LEU A 306 18.27 27.29 7.55
N ALA A 307 18.55 26.63 8.68
CA ALA A 307 18.88 27.31 9.95
C ALA A 307 17.80 28.33 10.36
N GLU A 308 16.52 28.02 10.17
CA GLU A 308 15.41 28.89 10.60
C GLU A 308 15.15 28.82 12.10
N ILE A 309 15.23 27.62 12.66
CA ILE A 309 14.93 27.37 14.10
C ILE A 309 15.98 26.42 14.68
N GLN A 310 16.02 26.35 16.01
CA GLN A 310 16.82 25.34 16.72
C GLN A 310 15.88 24.42 17.47
N LEU A 311 16.06 23.13 17.31
CA LEU A 311 15.35 22.08 18.07
C LEU A 311 16.05 21.89 19.38
N PRO A 312 15.31 21.62 20.48
CA PRO A 312 15.93 21.30 21.77
C PRO A 312 16.61 19.91 21.74
N ASP A 313 17.72 19.80 22.46
CA ASP A 313 18.59 18.59 22.61
C ASP A 313 17.88 17.50 23.42
N LEU A 314 18.23 16.24 23.12
N LEU A 314 18.21 16.24 23.12
CA LEU A 314 17.74 15.01 23.80
CA LEU A 314 17.70 15.01 23.80
C LEU A 314 18.86 13.98 23.85
C LEU A 314 18.86 14.03 24.01
N LYS A 324 23.24 21.98 16.14
CA LYS A 324 23.97 20.69 15.91
C LYS A 324 23.16 19.51 16.52
N VAL A 325 22.03 19.80 17.16
CA VAL A 325 21.10 18.77 17.71
C VAL A 325 20.50 17.98 16.54
N ASN A 326 20.60 16.65 16.53
CA ASN A 326 19.88 15.86 15.50
C ASN A 326 18.36 15.97 15.76
N PRO A 327 17.53 16.01 14.69
CA PRO A 327 16.07 16.03 14.85
C PRO A 327 15.46 14.65 15.19
N VAL A 328 15.83 14.13 16.36
CA VAL A 328 15.49 12.73 16.74
C VAL A 328 13.96 12.55 16.84
N LEU A 329 13.22 13.54 17.35
N LEU A 329 13.23 13.54 17.38
CA LEU A 329 11.76 13.34 17.55
CA LEU A 329 11.75 13.41 17.57
C LEU A 329 11.02 13.46 16.22
C LEU A 329 11.06 13.44 16.21
N PRO A 330 11.35 14.40 15.30
CA PRO A 330 10.84 14.32 13.95
C PRO A 330 11.18 12.97 13.27
N GLU A 331 12.35 12.40 13.51
CA GLU A 331 12.67 11.04 13.01
C GLU A 331 11.78 9.98 13.67
N ALA A 332 11.54 10.05 14.96
CA ALA A 332 10.60 9.11 15.62
C ALA A 332 9.20 9.24 14.98
N VAL A 333 8.78 10.48 14.74
CA VAL A 333 7.40 10.78 14.24
C VAL A 333 7.27 10.19 12.84
N THR A 334 8.25 10.42 11.97
CA THR A 334 8.14 10.00 10.54
C THR A 334 8.26 8.47 10.45
N GLN A 335 9.07 7.84 11.30
CA GLN A 335 9.11 6.35 11.42
C GLN A 335 7.78 5.79 11.94
N VAL A 336 7.14 6.44 12.92
CA VAL A 336 5.82 5.99 13.42
C VAL A 336 4.83 6.13 12.25
N ALA A 337 4.87 7.25 11.52
CA ALA A 337 3.96 7.48 10.37
C ALA A 337 4.09 6.32 9.37
N ALA A 338 5.30 6.00 8.94
CA ALA A 338 5.56 4.83 8.07
C ALA A 338 4.88 3.57 8.65
N GLN A 339 5.05 3.31 9.94
CA GLN A 339 4.48 2.06 10.53
C GLN A 339 2.95 2.13 10.44
N VAL A 340 2.36 3.29 10.74
CA VAL A 340 0.89 3.42 10.68
C VAL A 340 0.41 3.15 9.25
N ILE A 341 1.14 3.67 8.25
N ILE A 341 1.16 3.60 8.26
CA ILE A 341 0.83 3.45 6.80
CA ILE A 341 0.82 3.42 6.81
C ILE A 341 0.88 1.94 6.51
C ILE A 341 0.92 1.95 6.44
N GLY A 342 1.94 1.25 6.93
CA GLY A 342 2.05 -0.23 6.72
C GLY A 342 0.93 -1.00 7.40
N ASN A 343 0.67 -0.66 8.65
CA ASN A 343 -0.41 -1.31 9.44
C ASN A 343 -1.76 -1.08 8.74
N ASP A 344 -1.98 0.12 8.18
CA ASP A 344 -3.22 0.52 7.49
C ASP A 344 -3.45 -0.41 6.30
N ALA A 345 -2.41 -0.68 5.54
CA ALA A 345 -2.48 -1.61 4.40
C ALA A 345 -2.86 -3.04 4.85
N ALA A 346 -2.25 -3.54 5.94
CA ALA A 346 -2.57 -4.87 6.51
C ALA A 346 -4.05 -4.93 6.94
N ILE A 347 -4.54 -3.88 7.64
CA ILE A 347 -5.95 -3.85 8.14
C ILE A 347 -6.90 -3.94 6.93
N ALA A 348 -6.68 -3.15 5.90
CA ALA A 348 -7.60 -3.13 4.75
C ALA A 348 -7.62 -4.51 4.08
N TRP A 349 -6.44 -5.13 3.90
CA TRP A 349 -6.26 -6.46 3.30
C TRP A 349 -7.12 -7.47 4.06
N GLY A 350 -6.99 -7.53 5.38
CA GLY A 350 -7.82 -8.41 6.21
C GLY A 350 -9.29 -8.08 6.08
N GLY A 351 -9.63 -6.77 6.18
CA GLY A 351 -10.99 -6.23 6.02
C GLY A 351 -11.70 -6.78 4.81
N ALA A 352 -11.01 -6.88 3.66
CA ALA A 352 -11.68 -7.16 2.36
C ALA A 352 -12.01 -8.65 2.27
N ASN A 353 -11.28 -9.44 3.04
CA ASN A 353 -11.22 -10.90 2.81
C ASN A 353 -12.14 -11.74 3.70
N GLY A 354 -13.20 -11.17 4.23
CA GLY A 354 -14.14 -12.02 4.97
C GLY A 354 -14.97 -12.90 4.05
N ALA A 355 -15.56 -13.93 4.61
CA ALA A 355 -16.43 -14.78 3.77
C ALA A 355 -17.74 -15.04 4.52
N PHE A 356 -18.87 -14.81 3.85
CA PHE A 356 -20.19 -15.17 4.43
C PHE A 356 -20.36 -14.56 5.82
N GLU A 357 -20.65 -15.41 6.81
CA GLU A 357 -21.02 -14.95 8.17
C GLU A 357 -19.84 -14.46 8.99
N LEU A 358 -18.61 -14.63 8.56
CA LEU A 358 -17.51 -14.22 9.47
C LEU A 358 -16.26 -13.73 8.76
N ASN A 359 -15.69 -12.66 9.26
CA ASN A 359 -14.38 -12.16 8.81
C ASN A 359 -13.34 -12.80 9.74
N VAL A 360 -12.45 -13.62 9.19
CA VAL A 360 -11.47 -14.41 9.97
C VAL A 360 -10.06 -13.78 9.86
N TYR A 361 -9.97 -12.46 9.90
CA TYR A 361 -8.69 -11.74 10.03
C TYR A 361 -8.66 -10.86 11.29
N ILE A 362 -9.46 -11.17 12.30
CA ILE A 362 -9.67 -10.22 13.42
C ILE A 362 -8.38 -10.05 14.22
N PRO A 363 -7.67 -11.11 14.62
CA PRO A 363 -6.52 -10.90 15.49
C PRO A 363 -5.41 -10.05 14.85
N MET A 364 -5.17 -10.28 13.56
CA MET A 364 -4.19 -9.48 12.77
C MET A 364 -4.72 -8.03 12.68
N MET A 365 -5.97 -7.85 12.30
CA MET A 365 -6.54 -6.47 12.20
C MET A 365 -6.45 -5.75 13.56
N ALA A 366 -6.76 -6.46 14.65
CA ALA A 366 -6.72 -5.93 16.02
C ALA A 366 -5.28 -5.52 16.36
N ARG A 367 -4.31 -6.38 16.16
CA ARG A 367 -2.89 -6.03 16.46
C ARG A 367 -2.57 -4.69 15.76
N ASN A 368 -2.88 -4.59 14.47
CA ASN A 368 -2.43 -3.45 13.61
C ASN A 368 -3.14 -2.17 14.03
N ILE A 369 -4.46 -2.19 14.27
N ILE A 369 -4.44 -2.19 14.28
CA ILE A 369 -5.24 -0.96 14.63
CA ILE A 369 -5.17 -0.93 14.62
C ILE A 369 -4.79 -0.50 16.02
C ILE A 369 -4.80 -0.48 16.04
N LEU A 370 -4.69 -1.40 17.00
CA LEU A 370 -4.37 -1.01 18.40
C LEU A 370 -2.93 -0.50 18.46
N GLU A 371 -2.02 -1.04 17.64
CA GLU A 371 -0.63 -0.54 17.59
C GLU A 371 -0.61 0.86 16.98
N SER A 372 -1.31 1.08 15.87
CA SER A 372 -1.37 2.44 15.26
C SER A 372 -1.85 3.47 16.30
N PHE A 373 -2.92 3.16 17.03
CA PHE A 373 -3.47 4.02 18.10
C PHE A 373 -2.39 4.33 19.15
N LYS A 374 -1.65 3.32 19.56
CA LYS A 374 -0.63 3.43 20.64
C LYS A 374 0.53 4.31 20.14
N LEU A 375 1.10 3.99 18.97
CA LEU A 375 2.28 4.71 18.42
C LEU A 375 1.92 6.18 18.24
N LEU A 376 0.76 6.48 17.65
CA LEU A 376 0.37 7.89 17.39
C LEU A 376 0.18 8.62 18.72
N THR A 377 -0.43 7.96 19.70
CA THR A 377 -0.72 8.54 21.04
C THR A 377 0.62 8.94 21.66
N ASN A 378 1.53 7.98 21.73
CA ASN A 378 2.79 8.16 22.49
C ASN A 378 3.67 9.16 21.74
N VAL A 379 3.77 9.07 20.40
CA VAL A 379 4.75 9.89 19.66
C VAL A 379 4.23 11.33 19.63
N SER A 380 2.91 11.52 19.57
CA SER A 380 2.28 12.87 19.56
C SER A 380 2.62 13.62 20.84
N ARG A 381 2.52 12.97 22.00
CA ARG A 381 2.80 13.59 23.32
C ARG A 381 4.29 13.95 23.39
N LEU A 382 5.18 13.03 23.02
CA LEU A 382 6.66 13.26 23.04
C LEU A 382 6.97 14.42 22.11
N PHE A 383 6.38 14.40 20.92
CA PHE A 383 6.61 15.46 19.89
C PHE A 383 6.19 16.82 20.48
N ALA A 384 5.00 16.92 21.07
CA ALA A 384 4.45 18.17 21.65
C ALA A 384 5.37 18.70 22.75
N GLN A 385 5.74 17.83 23.70
CA GLN A 385 6.42 18.21 24.96
C GLN A 385 7.92 18.43 24.73
N ARG A 386 8.59 17.52 24.00
CA ARG A 386 10.07 17.50 23.95
C ARG A 386 10.62 18.08 22.65
N CYS A 387 9.76 18.49 21.72
CA CYS A 387 10.25 19.12 20.48
C CYS A 387 9.57 20.48 20.31
N ILE A 388 8.27 20.48 20.07
CA ILE A 388 7.51 21.69 19.69
C ILE A 388 7.64 22.74 20.79
N ALA A 389 7.37 22.37 22.03
CA ALA A 389 7.31 23.36 23.13
C ALA A 389 8.66 24.10 23.21
N GLY A 390 9.77 23.45 22.89
CA GLY A 390 11.13 24.01 23.10
C GLY A 390 11.77 24.63 21.87
N LEU A 391 11.09 24.67 20.72
CA LEU A 391 11.68 25.23 19.48
C LEU A 391 12.02 26.71 19.72
N THR A 392 13.12 27.21 19.18
N THR A 392 13.16 27.17 19.20
CA THR A 392 13.46 28.66 19.25
CA THR A 392 13.62 28.59 19.21
C THR A 392 13.81 29.17 17.86
C THR A 392 13.72 29.08 17.76
N ALA A 393 13.17 30.26 17.46
CA ALA A 393 13.28 30.86 16.12
C ALA A 393 14.53 31.75 16.03
N ASN A 394 15.23 31.74 14.90
CA ASN A 394 16.31 32.71 14.58
C ASN A 394 15.66 33.99 14.02
N VAL A 395 14.98 34.79 14.86
CA VAL A 395 14.01 35.86 14.44
C VAL A 395 14.68 36.85 13.48
N GLU A 396 15.76 37.50 13.94
CA GLU A 396 16.41 38.61 13.19
C GLU A 396 16.90 38.04 11.87
N HIS A 397 17.51 36.85 11.89
CA HIS A 397 18.04 36.17 10.69
C HIS A 397 16.90 35.91 9.69
N LEU A 398 15.75 35.42 10.16
CA LEU A 398 14.61 35.14 9.22
C LEU A 398 14.15 36.43 8.53
N ARG A 399 14.05 37.51 9.31
CA ARG A 399 13.59 38.81 8.80
C ARG A 399 14.62 39.29 7.78
N ARG A 400 15.91 39.25 8.12
CA ARG A 400 16.95 39.71 7.18
C ARG A 400 16.83 38.95 5.84
N LEU A 401 16.62 37.63 5.83
CA LEU A 401 16.54 36.94 4.53
C LEU A 401 15.27 37.41 3.82
N ALA A 402 14.14 37.57 4.53
CA ALA A 402 12.85 37.97 3.93
C ALA A 402 13.04 39.32 3.24
N GLU A 403 13.78 40.22 3.89
CA GLU A 403 14.00 41.62 3.44
C GLU A 403 15.05 41.69 2.32
N SER A 404 15.71 40.56 2.04
CA SER A 404 16.82 40.46 1.08
C SER A 404 16.43 39.60 -0.13
N SER A 405 15.16 39.17 -0.18
CA SER A 405 14.70 38.20 -1.21
C SER A 405 14.29 38.90 -2.50
N PRO A 406 14.80 38.49 -3.67
CA PRO A 406 14.24 38.92 -4.95
C PRO A 406 12.72 38.82 -5.08
N SER A 407 12.08 37.92 -4.31
CA SER A 407 10.61 37.67 -4.37
C SER A 407 9.83 38.94 -3.97
N ILE A 408 10.44 39.88 -3.25
CA ILE A 408 9.70 41.03 -2.64
C ILE A 408 9.92 42.32 -3.45
N VAL A 409 10.56 42.27 -4.61
CA VAL A 409 10.80 43.51 -5.40
C VAL A 409 9.55 43.91 -6.18
N THR A 410 8.52 43.06 -6.29
CA THR A 410 7.33 43.32 -7.15
C THR A 410 6.64 44.63 -6.75
N PRO A 411 6.40 44.95 -5.47
CA PRO A 411 5.83 46.25 -5.12
C PRO A 411 6.70 47.48 -5.42
N LEU A 412 7.91 47.32 -5.98
CA LEU A 412 8.74 48.46 -6.49
C LEU A 412 8.32 48.85 -7.92
N ASN A 413 7.60 47.98 -8.64
CA ASN A 413 7.41 48.12 -10.11
C ASN A 413 6.75 49.45 -10.45
N SER A 414 5.70 49.78 -9.72
CA SER A 414 4.94 51.04 -9.97
C SER A 414 5.82 52.26 -9.70
N ALA A 415 6.94 52.09 -9.01
CA ALA A 415 7.81 53.24 -8.71
C ALA A 415 8.96 53.37 -9.70
N ILE A 416 9.69 52.27 -9.95
CA ILE A 416 10.92 52.33 -10.79
C ILE A 416 10.84 51.47 -12.06
N GLY A 417 9.76 50.75 -12.30
CA GLY A 417 9.71 49.89 -13.50
C GLY A 417 10.19 48.47 -13.22
N TYR A 418 9.69 47.49 -13.95
CA TYR A 418 10.05 46.05 -13.70
C TYR A 418 11.51 45.75 -14.15
N GLU A 419 12.06 46.51 -15.10
CA GLU A 419 13.47 46.40 -15.56
C GLU A 419 14.41 46.78 -14.40
N GLU A 420 14.24 47.96 -13.78
CA GLU A 420 15.12 48.41 -12.68
C GLU A 420 14.88 47.52 -11.44
N ALA A 421 13.67 47.03 -11.28
CA ALA A 421 13.31 46.20 -10.11
C ALA A 421 14.05 44.87 -10.22
N ALA A 422 14.16 44.29 -11.43
CA ALA A 422 14.96 43.07 -11.68
C ALA A 422 16.43 43.35 -11.37
N ALA A 423 16.96 44.53 -11.70
CA ALA A 423 18.39 44.87 -11.47
C ALA A 423 18.66 44.94 -9.98
N VAL A 424 17.76 45.59 -9.23
CA VAL A 424 17.84 45.67 -7.74
C VAL A 424 17.90 44.22 -7.17
N ALA A 425 17.02 43.33 -7.60
CA ALA A 425 16.93 41.92 -7.14
C ALA A 425 18.26 41.19 -7.37
N LYS A 426 18.79 41.27 -8.59
CA LYS A 426 20.06 40.61 -8.98
C LYS A 426 21.22 41.16 -8.14
N GLN A 427 21.28 42.47 -7.89
CA GLN A 427 22.41 43.06 -7.17
C GLN A 427 22.29 42.70 -5.69
N ALA A 428 21.08 42.77 -5.10
CA ALA A 428 20.86 42.44 -3.67
C ALA A 428 21.40 41.02 -3.41
N LEU A 429 21.08 40.10 -4.32
CA LEU A 429 21.47 38.67 -4.15
C LEU A 429 22.99 38.52 -4.28
N LYS A 430 23.60 39.09 -5.32
CA LYS A 430 25.05 39.02 -5.59
C LYS A 430 25.83 39.62 -4.41
N GLU A 431 25.35 40.73 -3.86
CA GLU A 431 26.09 41.53 -2.84
C GLU A 431 25.60 41.17 -1.45
N ARG A 432 24.62 40.26 -1.33
CA ARG A 432 24.09 39.77 -0.04
C ARG A 432 23.63 40.95 0.84
N LYS A 433 22.78 41.77 0.29
CA LYS A 433 22.25 43.02 0.88
C LYS A 433 20.72 42.96 0.90
N THR A 434 20.07 43.75 1.75
CA THR A 434 18.59 43.89 1.77
C THR A 434 18.15 44.58 0.47
N ILE A 435 16.93 44.32 0.00
CA ILE A 435 16.36 45.06 -1.15
C ILE A 435 16.40 46.57 -0.81
N ARG A 436 16.05 46.96 0.42
CA ARG A 436 16.04 48.37 0.88
C ARG A 436 17.42 49.02 0.62
N GLN A 437 18.49 48.38 1.10
CA GLN A 437 19.87 48.92 1.01
C GLN A 437 20.30 48.93 -0.46
N THR A 438 19.84 47.98 -1.27
CA THR A 438 20.22 47.96 -2.69
C THR A 438 19.53 49.11 -3.43
N VAL A 439 18.27 49.38 -3.11
CA VAL A 439 17.52 50.47 -3.79
C VAL A 439 18.24 51.80 -3.51
N ILE A 440 18.66 52.00 -2.27
CA ILE A 440 19.41 53.20 -1.80
C ILE A 440 20.79 53.23 -2.48
N ASP A 441 21.51 52.11 -2.43
CA ASP A 441 22.89 52.06 -3.00
C ASP A 441 22.84 52.47 -4.47
N ARG A 442 21.79 52.10 -5.21
CA ARG A 442 21.70 52.36 -6.68
C ARG A 442 21.21 53.79 -6.97
N GLY A 443 21.06 54.61 -5.93
CA GLY A 443 20.66 56.03 -6.04
C GLY A 443 19.22 56.22 -6.48
N LEU A 444 18.33 55.30 -6.10
CA LEU A 444 16.92 55.41 -6.56
C LEU A 444 16.06 56.27 -5.63
N ILE A 445 16.56 56.66 -4.47
CA ILE A 445 15.78 57.55 -3.57
C ILE A 445 15.70 58.93 -4.24
N GLY A 446 14.54 59.57 -4.17
CA GLY A 446 14.35 60.88 -4.80
C GLY A 446 12.90 61.13 -5.11
N ASP A 447 12.62 61.90 -6.16
CA ASP A 447 11.22 62.24 -6.49
C ASP A 447 10.41 60.99 -6.82
N ARG A 448 10.95 60.06 -7.59
CA ARG A 448 10.13 58.86 -7.95
C ARG A 448 9.92 57.92 -6.77
N LEU A 449 10.75 57.99 -5.72
CA LEU A 449 10.58 57.09 -4.55
C LEU A 449 11.18 57.69 -3.28
N SER A 450 10.37 57.98 -2.27
CA SER A 450 10.88 58.48 -0.97
C SER A 450 11.33 57.30 -0.09
N ILE A 451 12.14 57.56 0.93
CA ILE A 451 12.62 56.50 1.86
C ILE A 451 11.41 55.86 2.56
N GLU A 452 10.43 56.67 2.94
CA GLU A 452 9.18 56.23 3.62
C GLU A 452 8.35 55.38 2.67
N ASP A 453 8.25 55.80 1.41
CA ASP A 453 7.53 55.05 0.37
C ASP A 453 8.23 53.70 0.14
N LEU A 454 9.56 53.70 0.17
CA LEU A 454 10.32 52.44 -0.01
C LEU A 454 10.00 51.52 1.16
N ASP A 455 9.99 52.06 2.37
CA ASP A 455 9.75 51.27 3.60
C ASP A 455 8.34 50.67 3.57
N ARG A 456 7.36 51.44 3.11
CA ARG A 456 5.98 50.93 2.99
C ARG A 456 5.95 49.82 1.93
N ARG A 457 6.63 50.05 0.82
CA ARG A 457 6.62 49.07 -0.29
C ARG A 457 7.27 47.76 0.14
N LEU A 458 8.32 47.82 0.96
CA LEU A 458 9.10 46.61 1.32
C LEU A 458 8.80 46.13 2.74
N ASP A 459 7.64 46.49 3.27
CA ASP A 459 7.23 46.05 4.63
C ASP A 459 6.90 44.56 4.53
N VAL A 460 7.86 43.68 4.87
CA VAL A 460 7.72 42.21 4.65
C VAL A 460 6.60 41.65 5.56
N LEU A 461 6.45 42.14 6.79
CA LEU A 461 5.42 41.64 7.72
C LEU A 461 4.02 42.02 7.18
N ALA A 462 3.88 43.22 6.63
CA ALA A 462 2.62 43.62 5.98
C ALA A 462 2.34 42.68 4.80
N MET A 463 3.35 42.29 4.04
CA MET A 463 3.15 41.40 2.85
C MET A 463 2.62 40.03 3.28
N ALA A 464 2.97 39.56 4.48
CA ALA A 464 2.50 38.29 5.08
C ALA A 464 1.05 38.41 5.50
N LYS A 465 0.52 39.63 5.71
CA LYS A 465 -0.91 39.87 6.05
C LYS A 465 -1.32 39.00 7.24
N ALA A 466 -0.51 38.96 8.30
CA ALA A 466 -0.88 38.34 9.61
C ALA A 466 -2.04 39.14 10.25
N GLU A 467 -2.81 38.54 11.17
CA GLU A 467 -3.85 39.24 11.97
C GLU A 467 -3.17 40.16 13.00
N TYR B 10 -1.15 23.91 -38.72
CA TYR B 10 -0.15 24.52 -37.77
C TYR B 10 -0.33 26.04 -37.75
N ARG B 11 0.26 26.72 -36.75
CA ARG B 11 0.32 28.21 -36.65
C ARG B 11 1.34 28.63 -35.59
N ILE B 12 2.30 29.46 -35.99
CA ILE B 12 3.48 29.90 -35.21
C ILE B 12 3.03 30.83 -34.07
N GLU B 13 3.76 30.84 -32.95
CA GLU B 13 3.59 31.81 -31.82
C GLU B 13 4.95 32.19 -31.23
N HIS B 14 4.95 33.19 -30.35
CA HIS B 14 6.16 33.70 -29.65
C HIS B 14 5.93 33.58 -28.13
N ASP B 15 6.74 32.75 -27.47
CA ASP B 15 6.93 32.70 -25.99
C ASP B 15 8.10 33.65 -25.69
N THR B 16 8.49 33.79 -24.42
CA THR B 16 9.65 34.59 -23.97
C THR B 16 10.93 33.74 -24.05
N MET B 17 10.82 32.46 -24.45
CA MET B 17 11.98 31.57 -24.73
C MET B 17 12.05 31.26 -26.23
N GLY B 18 11.24 31.92 -27.06
CA GLY B 18 11.35 31.86 -28.53
C GLY B 18 10.03 31.54 -29.22
N GLU B 19 10.09 30.82 -30.34
CA GLU B 19 8.96 30.56 -31.28
C GLU B 19 8.40 29.15 -31.03
N VAL B 20 7.07 29.00 -31.00
CA VAL B 20 6.37 27.72 -30.64
C VAL B 20 5.30 27.42 -31.69
N ARG B 21 5.21 26.16 -32.14
CA ARG B 21 4.25 25.74 -33.19
C ARG B 21 3.10 24.98 -32.51
N VAL B 22 1.87 25.22 -32.97
CA VAL B 22 0.62 24.81 -32.28
C VAL B 22 -0.36 24.32 -33.34
N PRO B 23 -1.02 23.17 -33.15
CA PRO B 23 -2.12 22.76 -34.03
C PRO B 23 -3.04 23.94 -34.35
N ALA B 24 -3.47 24.10 -35.61
CA ALA B 24 -4.28 25.25 -36.10
C ALA B 24 -5.60 25.31 -35.34
N LYS B 25 -6.30 24.17 -35.26
CA LYS B 25 -7.62 24.07 -34.58
C LYS B 25 -7.40 23.75 -33.08
N ALA B 26 -6.47 24.46 -32.44
CA ALA B 26 -6.16 24.40 -30.99
C ALA B 26 -6.43 25.77 -30.38
N LEU B 27 -7.14 25.81 -29.24
CA LEU B 27 -7.46 27.05 -28.50
C LEU B 27 -6.41 27.35 -27.44
N TRP B 28 -5.49 26.42 -27.17
CA TRP B 28 -4.39 26.65 -26.19
C TRP B 28 -3.31 27.51 -26.88
N ARG B 29 -2.37 28.08 -26.14
CA ARG B 29 -1.31 28.95 -26.73
C ARG B 29 0.08 28.43 -26.32
N ALA B 30 1.06 29.32 -26.28
CA ALA B 30 2.50 29.01 -26.21
C ALA B 30 2.82 28.15 -24.98
N GLN B 31 2.46 28.61 -23.79
CA GLN B 31 2.84 27.94 -22.50
C GLN B 31 2.26 26.53 -22.45
N THR B 32 1.06 26.31 -22.96
CA THR B 32 0.47 24.96 -22.97
C THR B 32 1.31 24.13 -23.92
N GLN B 33 1.74 24.70 -25.06
CA GLN B 33 2.50 23.89 -26.05
C GLN B 33 3.88 23.52 -25.46
N ARG B 34 4.54 24.41 -24.71
CA ARG B 34 5.80 24.08 -23.97
C ARG B 34 5.56 22.91 -22.99
N ALA B 35 4.53 23.00 -22.15
CA ALA B 35 4.13 21.92 -21.24
C ALA B 35 3.90 20.62 -22.03
N VAL B 36 3.28 20.67 -23.20
CA VAL B 36 3.08 19.46 -24.04
C VAL B 36 4.45 18.88 -24.39
N GLU B 37 5.40 19.74 -24.72
CA GLU B 37 6.77 19.30 -25.04
C GLU B 37 7.51 18.92 -23.75
N ASN B 38 7.32 19.62 -22.65
CA ASN B 38 8.10 19.27 -21.44
C ASN B 38 7.74 17.92 -20.78
N PHE B 39 6.48 17.54 -20.85
CA PHE B 39 6.08 16.42 -19.98
C PHE B 39 5.44 15.30 -20.73
N PRO B 40 6.02 14.54 -21.88
CA PRO B 40 5.44 13.41 -22.61
C PRO B 40 5.70 12.18 -21.73
N ILE B 41 4.88 11.98 -20.70
CA ILE B 41 5.14 10.94 -19.67
C ILE B 41 4.08 9.85 -19.74
N SER B 42 2.79 10.19 -19.63
CA SER B 42 1.68 9.19 -19.54
C SER B 42 0.89 9.17 -20.83
N GLY B 43 0.89 10.25 -21.60
CA GLY B 43 -0.05 10.44 -22.73
C GLY B 43 -1.50 10.54 -22.27
N ARG B 44 -1.74 10.91 -21.02
CA ARG B 44 -3.10 11.08 -20.46
C ARG B 44 -3.16 12.46 -19.78
N GLY B 45 -4.17 13.25 -20.12
CA GLY B 45 -4.35 14.61 -19.58
C GLY B 45 -5.46 14.69 -18.56
N LEU B 46 -5.95 15.88 -18.29
CA LEU B 46 -7.03 16.09 -17.28
C LEU B 46 -8.31 15.40 -17.74
N GLU B 47 -9.08 14.92 -16.79
CA GLU B 47 -10.40 14.29 -17.03
C GLU B 47 -11.45 15.38 -17.21
N ARG B 48 -12.61 14.99 -17.74
CA ARG B 48 -13.75 15.92 -17.99
C ARG B 48 -14.15 16.65 -16.70
N THR B 49 -14.18 15.94 -15.56
CA THR B 49 -14.60 16.61 -14.31
C THR B 49 -13.60 17.69 -13.91
N GLN B 50 -12.30 17.45 -14.11
CA GLN B 50 -11.29 18.47 -13.74
C GLN B 50 -11.42 19.68 -14.68
N ILE B 51 -11.62 19.41 -15.96
CA ILE B 51 -11.74 20.51 -16.94
C ILE B 51 -12.97 21.36 -16.59
N ARG B 52 -14.06 20.70 -16.26
CA ARG B 52 -15.31 21.42 -15.90
C ARG B 52 -15.06 22.28 -14.67
N ALA B 53 -14.39 21.72 -13.68
CA ALA B 53 -14.10 22.43 -12.42
C ALA B 53 -13.27 23.68 -12.69
N LEU B 54 -12.28 23.58 -13.55
CA LEU B 54 -11.43 24.75 -13.91
C LEU B 54 -12.31 25.78 -14.61
N GLY B 55 -13.22 25.35 -15.49
CA GLY B 55 -14.21 26.26 -16.10
C GLY B 55 -15.08 26.98 -15.07
N LEU B 56 -15.72 26.24 -14.16
CA LEU B 56 -16.54 26.80 -13.06
C LEU B 56 -15.71 27.82 -12.30
N LEU B 57 -14.49 27.48 -11.93
CA LEU B 57 -13.70 28.37 -11.06
C LEU B 57 -13.38 29.66 -11.84
N LYS B 58 -12.98 29.57 -13.11
CA LYS B 58 -12.53 30.79 -13.82
C LYS B 58 -13.70 31.75 -13.99
N GLY B 59 -14.92 31.21 -14.12
CA GLY B 59 -16.13 32.02 -14.30
C GLY B 59 -16.51 32.72 -13.01
N ALA B 60 -16.40 32.01 -11.88
CA ALA B 60 -16.68 32.56 -10.55
C ALA B 60 -15.66 33.66 -10.26
N CYS B 61 -14.39 33.45 -10.58
CA CYS B 61 -13.32 34.47 -10.33
C CYS B 61 -13.61 35.76 -11.14
N ALA B 62 -13.99 35.63 -12.40
CA ALA B 62 -14.25 36.79 -13.27
C ALA B 62 -15.49 37.52 -12.77
N GLN B 63 -16.52 36.81 -12.33
CA GLN B 63 -17.74 37.40 -11.71
C GLN B 63 -17.32 38.29 -10.54
N VAL B 64 -16.54 37.74 -9.61
CA VAL B 64 -16.13 38.45 -8.37
C VAL B 64 -15.24 39.65 -8.74
N ASN B 65 -14.29 39.49 -9.65
CA ASN B 65 -13.38 40.61 -10.04
C ASN B 65 -14.21 41.76 -10.65
N SER B 66 -15.23 41.46 -11.47
CA SER B 66 -16.23 42.43 -11.99
C SER B 66 -16.99 43.09 -10.82
N ASP B 67 -17.58 42.28 -9.94
CA ASP B 67 -18.36 42.75 -8.78
C ASP B 67 -17.51 43.75 -7.98
N LEU B 68 -16.22 43.49 -7.81
CA LEU B 68 -15.31 44.35 -7.00
C LEU B 68 -14.72 45.48 -7.86
N GLY B 69 -15.11 45.61 -9.12
CA GLY B 69 -14.64 46.71 -10.00
C GLY B 69 -13.17 46.62 -10.36
N LEU B 70 -12.59 45.40 -10.41
CA LEU B 70 -11.16 45.19 -10.73
C LEU B 70 -10.97 44.77 -12.19
N LEU B 71 -12.05 44.37 -12.86
CA LEU B 71 -12.02 43.82 -14.22
C LEU B 71 -13.20 44.40 -15.01
N ALA B 72 -12.90 45.00 -16.15
CA ALA B 72 -13.88 45.68 -17.03
C ALA B 72 -15.01 44.71 -17.34
N PRO B 73 -16.27 45.12 -17.20
CA PRO B 73 -17.41 44.23 -17.44
C PRO B 73 -17.36 43.44 -18.76
N GLU B 74 -16.89 44.07 -19.85
N GLU B 74 -16.91 44.06 -19.86
CA GLU B 74 -16.85 43.43 -21.19
CA GLU B 74 -16.86 43.40 -21.20
C GLU B 74 -15.83 42.29 -21.22
C GLU B 74 -15.87 42.23 -21.14
N LYS B 75 -14.72 42.42 -20.47
CA LYS B 75 -13.70 41.34 -20.28
C LYS B 75 -14.28 40.23 -19.40
N ALA B 76 -14.96 40.58 -18.31
CA ALA B 76 -15.54 39.60 -17.36
C ALA B 76 -16.64 38.79 -18.04
N ASP B 77 -17.52 39.44 -18.82
CA ASP B 77 -18.62 38.73 -19.53
C ASP B 77 -18.03 37.72 -20.52
N ALA B 78 -16.96 38.08 -21.23
CA ALA B 78 -16.27 37.20 -22.23
C ALA B 78 -15.65 35.98 -21.53
N ILE B 79 -15.02 36.17 -20.36
CA ILE B 79 -14.46 35.04 -19.55
C ILE B 79 -15.60 34.15 -19.07
N ILE B 80 -16.65 34.76 -18.49
CA ILE B 80 -17.85 34.04 -17.97
C ILE B 80 -18.43 33.19 -19.10
N ALA B 81 -18.57 33.74 -20.32
CA ALA B 81 -19.18 33.01 -21.47
C ALA B 81 -18.27 31.85 -21.90
N ALA B 82 -16.96 32.07 -21.98
CA ALA B 82 -15.96 31.05 -22.36
C ALA B 82 -15.84 29.98 -21.26
N ALA B 83 -15.80 30.40 -20.01
CA ALA B 83 -15.67 29.50 -18.83
C ALA B 83 -16.90 28.60 -18.76
N ALA B 84 -18.08 29.13 -19.07
CA ALA B 84 -19.33 28.33 -19.10
C ALA B 84 -19.24 27.29 -20.23
N GLU B 85 -18.60 27.62 -21.37
CA GLU B 85 -18.42 26.65 -22.48
C GLU B 85 -17.55 25.48 -22.00
N ILE B 86 -16.51 25.76 -21.21
CA ILE B 86 -15.57 24.73 -20.71
C ILE B 86 -16.30 23.85 -19.69
N ALA B 87 -17.04 24.46 -18.76
CA ALA B 87 -17.79 23.77 -17.70
C ALA B 87 -18.89 22.88 -18.30
N ASP B 88 -19.41 23.26 -19.47
CA ASP B 88 -20.45 22.48 -20.19
C ASP B 88 -19.84 21.32 -20.99
N GLY B 89 -18.50 21.21 -21.06
CA GLY B 89 -17.82 20.08 -21.70
C GLY B 89 -17.58 20.29 -23.19
N GLN B 90 -17.58 21.53 -23.68
CA GLN B 90 -17.48 21.85 -25.14
C GLN B 90 -16.01 21.90 -25.59
N HIS B 91 -15.09 21.98 -24.64
CA HIS B 91 -13.66 22.14 -24.97
C HIS B 91 -12.83 21.11 -24.25
N ASP B 92 -13.35 19.89 -24.19
CA ASP B 92 -12.66 18.77 -23.52
C ASP B 92 -11.41 18.32 -24.30
N ASP B 93 -11.24 18.69 -25.57
CA ASP B 93 -10.10 18.32 -26.42
C ASP B 93 -9.04 19.43 -26.43
N GLN B 94 -9.21 20.49 -25.65
CA GLN B 94 -8.24 21.61 -25.64
C GLN B 94 -7.30 21.55 -24.42
N PHE B 95 -7.21 20.43 -23.72
CA PHE B 95 -6.39 20.29 -22.48
C PHE B 95 -5.42 19.13 -22.67
N PRO B 96 -4.32 19.36 -23.41
CA PRO B 96 -3.44 18.28 -23.82
C PRO B 96 -2.32 17.98 -22.82
N ILE B 97 -2.18 18.77 -21.77
CA ILE B 97 -1.02 18.62 -20.85
C ILE B 97 -1.17 17.31 -20.06
N ASP B 98 -0.03 16.63 -19.89
CA ASP B 98 0.08 15.39 -19.08
C ASP B 98 -0.40 15.68 -17.65
N VAL B 99 -1.05 14.69 -17.05
CA VAL B 99 -1.22 14.65 -15.57
C VAL B 99 0.13 14.89 -14.90
N PHE B 100 1.20 14.27 -15.40
CA PHE B 100 2.52 14.35 -14.74
C PHE B 100 3.26 15.63 -15.15
N GLN B 101 2.77 16.73 -14.62
CA GLN B 101 3.30 18.09 -14.88
C GLN B 101 3.82 18.68 -13.57
N THR B 102 4.05 19.99 -13.58
CA THR B 102 4.48 20.72 -12.36
C THR B 102 3.45 20.44 -11.26
N GLY B 103 3.93 20.15 -10.07
CA GLY B 103 3.15 19.67 -8.91
C GLY B 103 2.06 20.57 -8.40
N SER B 104 2.10 21.86 -8.72
CA SER B 104 1.09 22.86 -8.33
C SER B 104 -0.14 22.74 -9.25
N GLY B 105 0.03 22.20 -10.46
CA GLY B 105 -1.02 22.26 -11.50
C GLY B 105 -0.97 23.55 -12.32
N THR B 106 0.08 24.35 -12.16
N THR B 106 0.06 24.39 -12.12
CA THR B 106 0.23 25.67 -12.82
CA THR B 106 0.25 25.67 -12.87
C THR B 106 0.09 25.53 -14.34
C THR B 106 -0.02 25.47 -14.36
N SER B 107 0.62 24.46 -14.94
CA SER B 107 0.57 24.22 -16.41
C SER B 107 -0.89 24.11 -16.82
N SER B 108 -1.70 23.33 -16.08
CA SER B 108 -3.12 23.11 -16.43
C SER B 108 -3.91 24.40 -16.15
N ASN B 109 -3.51 25.17 -15.14
CA ASN B 109 -4.10 26.50 -14.82
C ASN B 109 -3.88 27.45 -16.01
N MET B 110 -2.64 27.51 -16.55
CA MET B 110 -2.31 28.38 -17.71
C MET B 110 -3.06 27.91 -18.95
N ASN B 111 -3.20 26.59 -19.14
CA ASN B 111 -3.99 25.95 -20.22
C ASN B 111 -5.39 26.57 -20.24
N THR B 112 -6.04 26.65 -19.08
CA THR B 112 -7.41 27.17 -18.90
C THR B 112 -7.45 28.65 -19.29
N ASN B 113 -6.51 29.45 -18.78
CA ASN B 113 -6.41 30.91 -19.03
C ASN B 113 -6.26 31.20 -20.54
N GLU B 114 -5.46 30.39 -21.20
CA GLU B 114 -5.12 30.50 -22.64
C GLU B 114 -6.31 30.08 -23.49
N VAL B 115 -6.95 28.94 -23.19
CA VAL B 115 -8.16 28.49 -23.94
C VAL B 115 -9.26 29.57 -23.75
N ILE B 116 -9.46 30.08 -22.53
CA ILE B 116 -10.46 31.16 -22.33
C ILE B 116 -10.08 32.38 -23.22
N ALA B 117 -8.86 32.89 -23.17
CA ALA B 117 -8.41 33.99 -24.05
C ALA B 117 -8.71 33.70 -25.54
N SER B 118 -8.47 32.49 -26.04
CA SER B 118 -8.63 32.14 -27.47
C SER B 118 -10.12 32.11 -27.84
N ILE B 119 -10.97 31.62 -26.93
CA ILE B 119 -12.44 31.59 -27.19
C ILE B 119 -12.96 33.02 -27.28
N ALA B 120 -12.52 33.90 -26.39
CA ALA B 120 -12.98 35.31 -26.36
C ALA B 120 -12.49 36.06 -27.62
N ALA B 121 -11.31 35.77 -28.14
CA ALA B 121 -10.76 36.45 -29.35
C ALA B 121 -11.66 36.18 -30.57
N LYS B 122 -12.27 35.00 -30.67
CA LYS B 122 -13.21 34.62 -31.77
C LYS B 122 -14.47 35.48 -31.74
N GLY B 123 -14.72 36.23 -30.65
CA GLY B 123 -15.88 37.13 -30.50
C GLY B 123 -15.45 38.57 -30.37
N GLY B 124 -14.16 38.84 -30.56
CA GLY B 124 -13.63 40.21 -30.77
C GLY B 124 -13.15 40.82 -29.49
N VAL B 125 -12.91 40.03 -28.43
CA VAL B 125 -12.46 40.58 -27.11
C VAL B 125 -11.07 40.04 -26.80
N THR B 126 -10.17 40.95 -26.43
CA THR B 126 -8.77 40.71 -26.03
C THR B 126 -8.72 40.51 -24.52
N LEU B 127 -8.32 39.30 -24.11
CA LEU B 127 -8.08 38.89 -22.71
C LEU B 127 -6.60 38.51 -22.59
N HIS B 128 -5.89 39.12 -21.65
CA HIS B 128 -4.54 38.67 -21.25
C HIS B 128 -4.69 37.44 -20.36
N PRO B 129 -4.25 36.23 -20.78
CA PRO B 129 -4.44 35.03 -19.95
C PRO B 129 -4.09 35.27 -18.47
N ASN B 130 -2.92 35.84 -18.21
CA ASN B 130 -2.46 36.10 -16.83
C ASN B 130 -3.23 37.28 -16.22
N ASP B 131 -3.19 38.45 -16.85
CA ASP B 131 -3.56 39.73 -16.18
C ASP B 131 -5.08 39.80 -15.97
N ASP B 132 -5.85 39.19 -16.87
CA ASP B 132 -7.34 39.21 -16.84
C ASP B 132 -7.88 37.84 -16.37
N VAL B 133 -7.52 36.74 -17.02
CA VAL B 133 -8.18 35.44 -16.74
C VAL B 133 -7.67 34.90 -15.38
N ASN B 134 -6.42 35.24 -14.99
CA ASN B 134 -5.80 34.84 -13.71
C ASN B 134 -5.80 35.97 -12.68
N MET B 135 -6.61 37.01 -12.90
CA MET B 135 -6.69 38.17 -11.97
C MET B 135 -7.13 37.72 -10.59
N SER B 136 -6.38 38.12 -9.56
CA SER B 136 -6.61 37.88 -8.11
C SER B 136 -6.28 36.44 -7.69
N GLN B 137 -5.76 35.66 -8.59
CA GLN B 137 -5.46 34.24 -8.39
C GLN B 137 -3.97 34.03 -8.57
N SER B 138 -3.54 32.84 -8.23
CA SER B 138 -2.12 32.53 -8.41
C SER B 138 -2.01 31.16 -9.08
N SER B 139 -0.77 30.78 -9.31
CA SER B 139 -0.41 29.48 -9.91
C SER B 139 -0.63 28.31 -8.95
N ASN B 140 -0.86 28.55 -7.64
CA ASN B 140 -0.97 27.56 -6.52
C ASN B 140 -2.32 27.44 -5.82
N ASP B 141 -3.22 28.43 -5.81
CA ASP B 141 -4.51 28.23 -5.10
C ASP B 141 -5.63 27.81 -6.06
N THR B 142 -5.34 27.82 -7.36
CA THR B 142 -6.36 27.53 -8.39
C THR B 142 -6.56 26.03 -8.64
N PHE B 143 -5.51 25.34 -9.02
CA PHE B 143 -5.63 23.91 -9.37
C PHE B 143 -6.18 23.10 -8.19
N PRO B 144 -5.70 23.27 -6.93
CA PRO B 144 -6.25 22.51 -5.82
C PRO B 144 -7.72 22.87 -5.58
N THR B 145 -8.09 24.14 -5.77
CA THR B 145 -9.50 24.57 -5.70
C THR B 145 -10.30 23.75 -6.71
N ALA B 146 -9.86 23.66 -7.97
CA ALA B 146 -10.61 22.98 -9.05
C ALA B 146 -10.70 21.48 -8.74
N THR B 147 -9.66 20.92 -8.13
CA THR B 147 -9.61 19.49 -7.69
C THR B 147 -10.67 19.25 -6.60
N HIS B 148 -10.74 20.12 -5.61
CA HIS B 148 -11.70 19.94 -4.51
C HIS B 148 -13.14 20.16 -5.00
N ILE B 149 -13.33 21.07 -5.93
CA ILE B 149 -14.68 21.25 -6.56
C ILE B 149 -15.06 19.95 -7.24
N ALA B 150 -14.19 19.48 -8.12
CA ALA B 150 -14.42 18.25 -8.90
C ALA B 150 -14.71 17.08 -7.95
N ALA B 151 -13.94 16.91 -6.88
CA ALA B 151 -14.02 15.75 -5.97
C ALA B 151 -15.33 15.86 -5.17
N THR B 152 -15.68 17.07 -4.71
CA THR B 152 -16.94 17.32 -3.96
C THR B 152 -18.12 16.98 -4.86
N GLU B 153 -18.12 17.49 -6.09
CA GLU B 153 -19.18 17.23 -7.09
C GLU B 153 -19.27 15.72 -7.36
N ALA B 154 -18.16 15.03 -7.56
CA ALA B 154 -18.17 13.57 -7.81
C ALA B 154 -18.80 12.82 -6.61
N ALA B 155 -18.48 13.24 -5.39
CA ALA B 155 -18.99 12.62 -4.14
C ALA B 155 -20.51 12.81 -4.05
N VAL B 156 -21.00 14.05 -4.19
CA VAL B 156 -22.39 14.42 -3.82
C VAL B 156 -23.32 14.14 -5.00
N ALA B 157 -22.95 14.53 -6.20
CA ALA B 157 -23.80 14.43 -7.41
C ALA B 157 -23.82 13.01 -7.98
N HIS B 158 -22.75 12.22 -7.81
CA HIS B 158 -22.59 10.98 -8.60
C HIS B 158 -22.41 9.76 -7.69
N LEU B 159 -21.44 9.77 -6.79
CA LEU B 159 -21.09 8.54 -6.06
C LEU B 159 -22.21 8.21 -5.08
N ILE B 160 -22.65 9.18 -4.27
CA ILE B 160 -23.65 8.91 -3.21
C ILE B 160 -24.93 8.40 -3.86
N PRO B 161 -25.50 9.02 -4.92
CA PRO B 161 -26.68 8.44 -5.58
C PRO B 161 -26.45 7.02 -6.17
N ALA B 162 -25.27 6.75 -6.72
CA ALA B 162 -24.94 5.40 -7.23
C ALA B 162 -24.92 4.39 -6.07
N LEU B 163 -24.29 4.74 -4.96
CA LEU B 163 -24.29 3.88 -3.75
C LEU B 163 -25.70 3.66 -3.27
N GLN B 164 -26.56 4.70 -3.25
CA GLN B 164 -27.96 4.60 -2.77
C GLN B 164 -28.70 3.61 -3.68
N GLN B 165 -28.40 3.63 -4.98
CA GLN B 165 -29.05 2.71 -5.93
C GLN B 165 -28.63 1.27 -5.59
N LEU B 166 -27.36 1.04 -5.28
CA LEU B 166 -26.90 -0.33 -4.91
C LEU B 166 -27.50 -0.72 -3.55
N HIS B 167 -27.43 0.18 -2.59
CA HIS B 167 -28.06 -0.03 -1.26
C HIS B 167 -29.49 -0.52 -1.48
N ASP B 168 -30.25 0.20 -2.29
CA ASP B 168 -31.69 -0.05 -2.48
C ASP B 168 -31.89 -1.41 -3.16
N ALA B 169 -31.01 -1.79 -4.10
CA ALA B 169 -31.10 -3.10 -4.81
C ALA B 169 -30.78 -4.23 -3.81
N LEU B 170 -29.78 -4.06 -2.96
CA LEU B 170 -29.43 -5.08 -1.94
C LEU B 170 -30.57 -5.21 -0.93
N ALA B 171 -31.14 -4.08 -0.48
CA ALA B 171 -32.20 -4.06 0.53
C ALA B 171 -33.44 -4.73 -0.04
N ALA B 172 -33.73 -4.55 -1.34
CA ALA B 172 -34.94 -5.15 -1.95
C ALA B 172 -34.77 -6.68 -1.98
N LYS B 173 -33.56 -7.17 -2.24
CA LYS B 173 -33.29 -8.62 -2.15
C LYS B 173 -33.42 -9.06 -0.69
N ALA B 174 -32.90 -8.31 0.25
CA ALA B 174 -33.03 -8.66 1.68
C ALA B 174 -34.51 -8.94 1.99
N LEU B 175 -35.40 -8.10 1.49
CA LEU B 175 -36.85 -8.21 1.78
C LEU B 175 -37.43 -9.41 1.02
N ASP B 176 -37.16 -9.55 -0.29
CA ASP B 176 -37.67 -10.69 -1.11
C ASP B 176 -37.19 -12.02 -0.53
N TRP B 177 -36.03 -12.05 0.14
CA TRP B 177 -35.48 -13.34 0.61
C TRP B 177 -35.58 -13.49 2.12
N HIS B 178 -36.44 -12.69 2.73
CA HIS B 178 -36.65 -12.67 4.20
C HIS B 178 -36.77 -14.08 4.78
N THR B 179 -37.43 -15.01 4.08
CA THR B 179 -37.75 -16.38 4.59
C THR B 179 -36.90 -17.47 3.89
N VAL B 180 -35.90 -17.10 3.10
CA VAL B 180 -35.07 -18.09 2.33
C VAL B 180 -33.99 -18.63 3.26
N VAL B 181 -34.35 -19.67 4.01
CA VAL B 181 -33.45 -20.31 5.02
C VAL B 181 -32.34 -21.10 4.33
N LYS B 182 -31.12 -20.98 4.86
CA LYS B 182 -29.92 -21.68 4.39
C LYS B 182 -28.98 -21.88 5.59
N SER B 183 -27.98 -22.71 5.42
CA SER B 183 -27.00 -22.89 6.48
C SER B 183 -26.06 -21.69 6.48
N GLY B 184 -25.66 -21.25 7.66
CA GLY B 184 -24.62 -20.22 7.74
C GLY B 184 -23.25 -20.82 7.47
N ARG B 185 -22.27 -19.96 7.22
CA ARG B 185 -20.91 -20.47 7.01
C ARG B 185 -19.95 -19.58 7.80
N THR B 186 -19.16 -20.20 8.65
CA THR B 186 -18.11 -19.49 9.42
C THR B 186 -16.84 -20.30 9.17
N HIS B 187 -15.73 -19.62 8.86
CA HIS B 187 -14.44 -20.26 8.45
C HIS B 187 -14.61 -21.14 7.20
N LEU B 188 -15.67 -20.90 6.42
CA LEU B 188 -16.16 -21.68 5.25
C LEU B 188 -16.80 -23.00 5.69
N MET B 189 -17.02 -23.22 6.98
CA MET B 189 -17.56 -24.51 7.46
C MET B 189 -19.04 -24.34 7.83
N ASP B 190 -19.78 -25.45 7.79
CA ASP B 190 -21.23 -25.45 8.08
C ASP B 190 -21.47 -24.83 9.47
N ALA B 191 -22.48 -23.98 9.55
CA ALA B 191 -22.89 -23.27 10.78
C ALA B 191 -24.43 -23.29 10.88
N VAL B 192 -24.95 -22.75 11.97
CA VAL B 192 -26.41 -22.70 12.27
C VAL B 192 -27.10 -21.80 11.25
N PRO B 193 -28.42 -21.96 11.08
CA PRO B 193 -29.14 -21.32 9.98
C PRO B 193 -29.16 -19.79 10.01
N VAL B 194 -29.21 -19.23 8.82
CA VAL B 194 -29.47 -17.79 8.55
C VAL B 194 -30.46 -17.76 7.40
N THR B 195 -30.89 -16.58 6.98
CA THR B 195 -31.61 -16.42 5.70
C THR B 195 -30.70 -15.67 4.73
N LEU B 196 -30.90 -15.94 3.47
CA LEU B 196 -30.28 -15.14 2.39
C LEU B 196 -30.67 -13.69 2.59
N GLY B 197 -31.88 -13.41 3.06
CA GLY B 197 -32.33 -12.02 3.34
C GLY B 197 -31.44 -11.36 4.38
N GLN B 198 -31.10 -12.09 5.44
CA GLN B 198 -30.22 -11.56 6.52
C GLN B 198 -28.84 -11.19 5.94
N GLU B 199 -28.28 -12.08 5.13
CA GLU B 199 -26.95 -11.82 4.52
C GLU B 199 -27.00 -10.55 3.68
N PHE B 200 -28.02 -10.44 2.84
CA PHE B 200 -28.23 -9.24 1.97
C PHE B 200 -28.46 -7.98 2.81
N SER B 201 -29.14 -8.10 3.93
CA SER B 201 -29.32 -6.93 4.84
C SER B 201 -27.94 -6.48 5.36
N GLY B 202 -27.01 -7.41 5.57
CA GLY B 202 -25.63 -7.07 5.97
C GLY B 202 -24.94 -6.34 4.84
N TYR B 203 -25.04 -6.86 3.61
CA TYR B 203 -24.44 -6.18 2.43
C TYR B 203 -25.03 -4.76 2.32
N ALA B 204 -26.35 -4.62 2.39
CA ALA B 204 -27.03 -3.30 2.36
C ALA B 204 -26.39 -2.39 3.41
N ARG B 205 -26.23 -2.89 4.65
CA ARG B 205 -25.73 -2.04 5.75
C ARG B 205 -24.31 -1.60 5.41
N GLN B 206 -23.48 -2.48 4.81
CA GLN B 206 -22.12 -2.09 4.37
C GLN B 206 -22.19 -0.91 3.40
N ILE B 207 -23.10 -0.89 2.45
CA ILE B 207 -23.13 0.21 1.44
C ILE B 207 -23.67 1.48 2.10
N GLU B 208 -24.68 1.35 2.95
CA GLU B 208 -25.27 2.46 3.75
C GLU B 208 -24.16 3.12 4.59
N ALA B 209 -23.38 2.33 5.31
CA ALA B 209 -22.22 2.81 6.10
C ALA B 209 -21.23 3.50 5.15
N GLY B 210 -21.06 2.99 3.94
CA GLY B 210 -20.16 3.58 2.92
C GLY B 210 -20.64 4.97 2.56
N ILE B 211 -21.93 5.14 2.43
CA ILE B 211 -22.52 6.50 2.20
C ILE B 211 -22.26 7.39 3.42
N GLU B 212 -22.45 6.90 4.64
CA GLU B 212 -22.16 7.65 5.91
C GLU B 212 -20.69 8.10 5.91
N ARG B 213 -19.78 7.24 5.41
CA ARG B 213 -18.31 7.49 5.38
C ARG B 213 -18.01 8.62 4.39
N VAL B 214 -18.63 8.61 3.22
CA VAL B 214 -18.49 9.72 2.23
C VAL B 214 -19.02 11.03 2.86
N ARG B 215 -20.23 11.00 3.44
N ARG B 215 -20.23 11.00 3.44
N ARG B 215 -20.25 11.01 3.39
CA ARG B 215 -20.90 12.18 4.04
CA ARG B 215 -20.89 12.19 4.02
CA ARG B 215 -20.89 12.18 4.06
C ARG B 215 -20.03 12.77 5.16
C ARG B 215 -20.00 12.77 5.14
C ARG B 215 -19.87 12.77 5.04
N ALA B 216 -19.31 11.93 5.91
CA ALA B 216 -18.47 12.38 7.03
C ALA B 216 -17.20 13.07 6.53
N CYS B 217 -16.72 12.81 5.30
CA CYS B 217 -15.50 13.51 4.81
C CYS B 217 -15.85 14.88 4.17
N LEU B 218 -17.09 15.15 3.80
CA LEU B 218 -17.46 16.34 2.96
C LEU B 218 -17.07 17.66 3.63
N PRO B 219 -17.25 17.85 4.96
CA PRO B 219 -16.88 19.10 5.61
C PRO B 219 -15.44 19.53 5.34
N ARG B 220 -14.53 18.58 5.03
CA ARG B 220 -13.10 18.86 4.74
C ARG B 220 -12.81 18.66 3.25
N LEU B 221 -13.49 17.72 2.58
CA LEU B 221 -13.29 17.58 1.11
C LEU B 221 -13.71 18.87 0.38
N GLY B 222 -14.77 19.54 0.87
CA GLY B 222 -15.34 20.72 0.18
C GLY B 222 -14.55 22.00 0.40
N GLU B 223 -13.56 22.00 1.29
CA GLU B 223 -12.73 23.19 1.58
C GLU B 223 -11.91 23.59 0.35
N LEU B 224 -12.02 24.86 -0.05
CA LEU B 224 -11.33 25.45 -1.21
C LEU B 224 -10.24 26.42 -0.76
N ALA B 225 -9.11 26.40 -1.46
CA ALA B 225 -7.92 27.24 -1.19
C ALA B 225 -8.09 28.63 -1.79
N ILE B 226 -9.03 28.79 -2.71
CA ILE B 226 -9.18 30.04 -3.49
C ILE B 226 -9.10 31.32 -2.62
N GLY B 227 -8.31 32.28 -3.05
CA GLY B 227 -8.08 33.52 -2.32
C GLY B 227 -6.79 33.50 -1.51
N GLY B 228 -6.19 32.33 -1.30
CA GLY B 228 -4.93 32.23 -0.55
C GLY B 228 -3.72 32.68 -1.36
N THR B 229 -3.84 32.71 -2.68
CA THR B 229 -2.78 33.14 -3.61
C THR B 229 -1.51 32.26 -3.52
N ALA B 230 -0.33 32.86 -3.73
CA ALA B 230 0.91 32.08 -3.87
C ALA B 230 1.26 31.25 -2.65
N VAL B 231 1.12 31.79 -1.44
CA VAL B 231 1.60 31.07 -0.23
C VAL B 231 0.55 30.85 0.86
N GLY B 232 -0.70 31.28 0.69
CA GLY B 232 -1.77 31.15 1.69
C GLY B 232 -2.13 32.44 2.41
N THR B 233 -1.37 33.51 2.18
CA THR B 233 -1.57 34.82 2.86
C THR B 233 -2.64 35.70 2.20
N GLY B 234 -3.01 35.39 0.96
CA GLY B 234 -3.98 36.23 0.24
C GLY B 234 -3.33 37.46 -0.42
N LEU B 235 -2.02 37.59 -0.35
CA LEU B 235 -1.32 38.72 -1.01
C LEU B 235 -1.69 38.76 -2.51
N ASN B 236 -2.02 39.96 -2.98
CA ASN B 236 -2.39 40.26 -4.40
C ASN B 236 -3.82 39.83 -4.69
N ALA B 237 -4.60 39.54 -3.67
CA ALA B 237 -6.01 39.24 -3.91
C ALA B 237 -6.84 40.04 -2.91
N PRO B 238 -8.12 40.35 -3.21
CA PRO B 238 -8.99 40.96 -2.23
C PRO B 238 -9.14 40.07 -0.99
N ASP B 239 -9.24 40.71 0.18
CA ASP B 239 -9.33 40.02 1.50
C ASP B 239 -10.50 39.03 1.54
N ASP B 240 -11.53 39.24 0.74
CA ASP B 240 -12.78 38.43 0.84
C ASP B 240 -12.97 37.73 -0.52
N PHE B 241 -11.88 37.54 -1.28
CA PHE B 241 -11.97 36.91 -2.62
C PHE B 241 -12.54 35.49 -2.46
N GLY B 242 -12.00 34.74 -1.50
CA GLY B 242 -12.40 33.36 -1.19
C GLY B 242 -13.89 33.24 -0.91
N VAL B 243 -14.40 33.99 0.09
CA VAL B 243 -15.84 33.91 0.46
C VAL B 243 -16.70 34.33 -0.73
N ARG B 244 -16.25 35.25 -1.58
CA ARG B 244 -17.04 35.74 -2.72
C ARG B 244 -17.09 34.70 -3.84
N VAL B 245 -15.95 34.07 -4.13
CA VAL B 245 -15.92 33.03 -5.20
C VAL B 245 -16.80 31.85 -4.75
N VAL B 246 -16.61 31.40 -3.52
CA VAL B 246 -17.40 30.30 -2.90
C VAL B 246 -18.91 30.63 -3.02
N ALA B 247 -19.33 31.84 -2.61
CA ALA B 247 -20.74 32.28 -2.64
C ALA B 247 -21.29 32.10 -4.05
N VAL B 248 -20.53 32.49 -5.09
CA VAL B 248 -20.95 32.33 -6.52
C VAL B 248 -21.01 30.85 -6.91
N LEU B 249 -20.01 30.06 -6.56
CA LEU B 249 -19.97 28.61 -6.90
C LEU B 249 -21.12 27.86 -6.25
N VAL B 250 -21.41 28.17 -5.00
CA VAL B 250 -22.55 27.51 -4.30
C VAL B 250 -23.87 27.93 -4.95
N ALA B 251 -24.07 29.22 -5.26
CA ALA B 251 -25.32 29.73 -5.88
C ALA B 251 -25.50 29.05 -7.22
N GLN B 252 -24.43 28.92 -8.00
CA GLN B 252 -24.52 28.42 -9.40
C GLN B 252 -24.63 26.89 -9.46
N THR B 253 -23.86 26.16 -8.64
CA THR B 253 -23.79 24.68 -8.69
C THR B 253 -24.81 24.03 -7.76
N GLY B 254 -25.27 24.70 -6.72
CA GLY B 254 -26.08 24.08 -5.66
C GLY B 254 -25.27 23.15 -4.75
N LEU B 255 -23.94 23.11 -4.90
CA LEU B 255 -23.06 22.27 -4.05
C LEU B 255 -22.77 22.98 -2.74
N SER B 256 -23.64 22.78 -1.75
N SER B 256 -23.65 22.80 -1.74
CA SER B 256 -23.61 23.43 -0.41
CA SER B 256 -23.57 23.48 -0.43
C SER B 256 -22.34 23.03 0.35
C SER B 256 -22.32 23.04 0.36
N GLU B 257 -21.69 21.92 -0.02
CA GLU B 257 -20.51 21.38 0.71
C GLU B 257 -19.26 22.25 0.44
N LEU B 258 -19.25 23.04 -0.64
CA LEU B 258 -18.10 23.93 -0.94
C LEU B 258 -18.06 25.01 0.14
N ARG B 259 -16.88 25.29 0.67
CA ARG B 259 -16.70 26.33 1.71
C ARG B 259 -15.26 26.85 1.58
N THR B 260 -15.00 28.04 2.10
N THR B 260 -15.01 28.03 2.11
CA THR B 260 -13.60 28.56 2.19
CA THR B 260 -13.63 28.53 2.23
C THR B 260 -12.86 27.76 3.26
C THR B 260 -12.89 27.60 3.18
N ALA B 261 -11.57 27.51 3.08
CA ALA B 261 -10.76 26.68 3.99
C ALA B 261 -10.83 27.25 5.40
N ALA B 262 -10.82 26.39 6.41
CA ALA B 262 -10.74 26.80 7.83
C ALA B 262 -9.40 27.51 8.06
N ASN B 263 -8.32 27.01 7.45
CA ASN B 263 -6.98 27.60 7.59
C ASN B 263 -6.35 27.62 6.19
N SER B 264 -5.95 28.81 5.73
N SER B 264 -5.96 28.82 5.74
CA SER B 264 -5.52 29.10 4.33
CA SER B 264 -5.50 29.10 4.34
C SER B 264 -4.17 28.44 4.04
C SER B 264 -4.18 28.40 4.04
N PHE B 265 -3.32 28.26 5.05
CA PHE B 265 -1.98 27.61 4.95
C PHE B 265 -2.17 26.09 4.85
N GLU B 266 -2.96 25.51 5.74
CA GLU B 266 -3.27 24.06 5.70
C GLU B 266 -3.83 23.69 4.32
N ALA B 267 -4.64 24.57 3.76
CA ALA B 267 -5.34 24.30 2.47
C ALA B 267 -4.40 24.32 1.27
N GLN B 268 -3.20 24.87 1.41
CA GLN B 268 -2.25 24.87 0.26
C GLN B 268 -1.02 24.02 0.54
N ALA B 269 -0.61 23.99 1.80
CA ALA B 269 0.54 23.19 2.24
C ALA B 269 0.20 21.70 2.25
N ALA B 270 -1.09 21.37 2.34
CA ALA B 270 -1.51 19.97 2.39
C ALA B 270 -2.77 19.74 1.54
N ARG B 271 -2.98 18.49 1.18
CA ARG B 271 -4.18 17.98 0.49
C ARG B 271 -4.81 16.91 1.36
N ASP B 272 -4.82 17.10 2.68
CA ASP B 272 -5.23 16.03 3.65
C ASP B 272 -6.69 15.64 3.40
N GLY B 273 -7.50 16.56 2.88
CA GLY B 273 -8.90 16.32 2.54
C GLY B 273 -9.08 15.26 1.45
N LEU B 274 -8.15 15.20 0.51
CA LEU B 274 -8.08 14.18 -0.57
C LEU B 274 -7.64 12.85 0.03
N VAL B 275 -6.69 12.86 0.95
CA VAL B 275 -6.27 11.61 1.67
C VAL B 275 -7.45 11.06 2.47
N GLU B 276 -8.15 11.95 3.19
CA GLU B 276 -9.29 11.57 4.03
C GLU B 276 -10.38 10.91 3.17
N ALA B 277 -10.76 11.55 2.08
CA ALA B 277 -11.79 11.07 1.13
C ALA B 277 -11.36 9.74 0.50
N SER B 278 -10.11 9.59 0.10
CA SER B 278 -9.61 8.29 -0.46
C SER B 278 -9.79 7.18 0.57
N GLY B 279 -9.59 7.45 1.87
CA GLY B 279 -9.88 6.45 2.94
C GLY B 279 -11.33 5.97 2.92
N ALA B 280 -12.27 6.87 2.66
CA ALA B 280 -13.71 6.51 2.59
C ALA B 280 -13.89 5.61 1.37
N LEU B 281 -13.26 5.97 0.25
CA LEU B 281 -13.46 5.21 -1.00
C LEU B 281 -12.79 3.84 -0.86
N ARG B 282 -11.65 3.80 -0.18
CA ARG B 282 -10.93 2.52 0.06
C ARG B 282 -11.82 1.62 0.93
N THR B 283 -12.50 2.16 1.93
CA THR B 283 -13.38 1.36 2.82
C THR B 283 -14.54 0.79 1.99
N ILE B 284 -15.13 1.59 1.12
CA ILE B 284 -16.18 1.12 0.17
C ILE B 284 -15.61 0.01 -0.70
N ALA B 285 -14.38 0.15 -1.19
CA ALA B 285 -13.75 -0.90 -2.03
C ALA B 285 -13.63 -2.19 -1.22
N VAL B 286 -13.26 -2.09 0.06
CA VAL B 286 -13.18 -3.28 0.94
C VAL B 286 -14.56 -3.93 1.07
N SER B 287 -15.63 -3.16 1.36
CA SER B 287 -17.02 -3.66 1.48
C SER B 287 -17.42 -4.35 0.15
N LEU B 288 -17.18 -3.70 -0.99
CA LEU B 288 -17.64 -4.19 -2.30
C LEU B 288 -16.90 -5.50 -2.56
N THR B 289 -15.68 -5.61 -2.10
CA THR B 289 -14.91 -6.86 -2.32
C THR B 289 -15.62 -8.02 -1.61
N LYS B 290 -15.99 -7.81 -0.36
CA LYS B 290 -16.70 -8.85 0.43
C LYS B 290 -18.04 -9.18 -0.22
N ILE B 291 -18.77 -8.18 -0.65
CA ILE B 291 -20.11 -8.44 -1.25
C ILE B 291 -19.97 -9.20 -2.56
N ALA B 292 -19.10 -8.71 -3.43
CA ALA B 292 -18.93 -9.33 -4.76
C ALA B 292 -18.35 -10.75 -4.61
N ASN B 293 -17.43 -10.94 -3.66
N ASN B 293 -17.43 -10.93 -3.65
CA ASN B 293 -16.82 -12.28 -3.46
CA ASN B 293 -16.82 -12.28 -3.47
C ASN B 293 -17.88 -13.29 -2.96
C ASN B 293 -17.89 -13.28 -2.97
N ASP B 294 -18.72 -12.86 -2.03
CA ASP B 294 -19.78 -13.74 -1.50
C ASP B 294 -20.74 -14.08 -2.64
N ILE B 295 -21.11 -13.08 -3.44
CA ILE B 295 -22.07 -13.26 -4.56
C ILE B 295 -21.55 -14.23 -5.63
N ARG B 296 -20.30 -14.10 -6.03
CA ARG B 296 -19.80 -15.05 -7.05
C ARG B 296 -19.67 -16.45 -6.45
N TRP B 297 -19.28 -16.55 -5.20
CA TRP B 297 -19.26 -17.86 -4.53
C TRP B 297 -20.68 -18.44 -4.45
N MET B 298 -21.65 -17.61 -4.09
CA MET B 298 -23.05 -18.08 -3.99
C MET B 298 -23.53 -18.61 -5.35
N GLY B 299 -23.13 -17.95 -6.44
CA GLY B 299 -23.53 -18.35 -7.79
C GLY B 299 -22.62 -19.39 -8.42
N SER B 300 -21.63 -19.89 -7.69
CA SER B 300 -20.60 -20.80 -8.23
C SER B 300 -21.25 -22.14 -8.67
N GLY B 301 -20.70 -22.74 -9.73
CA GLY B 301 -21.06 -24.08 -10.21
C GLY B 301 -21.38 -24.05 -11.70
N PRO B 302 -22.59 -24.48 -12.15
CA PRO B 302 -23.71 -24.79 -11.26
C PRO B 302 -23.72 -26.21 -10.66
N LEU B 303 -22.75 -27.08 -10.99
CA LEU B 303 -22.75 -28.50 -10.50
C LEU B 303 -21.64 -28.75 -9.48
N THR B 304 -20.50 -28.07 -9.58
CA THR B 304 -19.34 -28.33 -8.69
C THR B 304 -19.15 -27.21 -7.65
N GLY B 305 -20.03 -26.22 -7.66
CA GLY B 305 -19.94 -25.09 -6.73
C GLY B 305 -21.01 -25.13 -5.65
N LEU B 306 -21.26 -23.99 -5.01
CA LEU B 306 -22.30 -23.80 -3.98
C LEU B 306 -23.72 -23.78 -4.55
N ALA B 307 -23.90 -23.16 -5.71
CA ALA B 307 -25.20 -23.10 -6.42
C ALA B 307 -26.34 -22.60 -5.50
N GLU B 308 -26.08 -21.57 -4.71
CA GLU B 308 -27.10 -20.93 -3.85
C GLU B 308 -28.04 -20.02 -4.64
N ILE B 309 -27.47 -19.29 -5.58
CA ILE B 309 -28.22 -18.31 -6.41
C ILE B 309 -27.73 -18.42 -7.86
N GLN B 310 -28.48 -17.82 -8.76
CA GLN B 310 -28.10 -17.70 -10.19
C GLN B 310 -28.00 -16.22 -10.52
N LEU B 311 -26.86 -15.83 -11.07
CA LEU B 311 -26.60 -14.46 -11.58
C LEU B 311 -27.22 -14.33 -12.96
N PRO B 312 -27.84 -13.18 -13.32
CA PRO B 312 -28.27 -12.96 -14.69
C PRO B 312 -27.07 -13.03 -15.64
N ASP B 313 -27.26 -13.69 -16.79
CA ASP B 313 -26.27 -13.89 -17.87
C ASP B 313 -26.06 -12.56 -18.57
N LEU B 314 -24.82 -12.22 -18.92
CA LEU B 314 -24.47 -10.91 -19.56
C LEU B 314 -23.64 -11.10 -20.84
N GLN B 315 -22.94 -12.22 -21.01
CA GLN B 315 -22.24 -12.57 -22.28
C GLN B 315 -21.78 -14.02 -22.19
N PRO B 316 -21.47 -14.71 -23.32
CA PRO B 316 -20.84 -16.03 -23.28
C PRO B 316 -19.49 -16.00 -22.54
N GLY B 317 -19.14 -17.10 -21.86
CA GLY B 317 -17.95 -17.21 -20.99
C GLY B 317 -16.77 -17.88 -21.67
N SER B 318 -17.04 -18.79 -22.61
CA SER B 318 -16.05 -19.74 -23.20
C SER B 318 -16.55 -20.26 -24.56
N SER B 319 -15.59 -20.74 -25.35
CA SER B 319 -15.78 -21.37 -26.69
C SER B 319 -15.54 -22.88 -26.53
N ILE B 320 -14.53 -23.24 -25.74
CA ILE B 320 -14.16 -24.65 -25.43
C ILE B 320 -15.31 -25.31 -24.66
N MET B 321 -15.88 -24.62 -23.66
CA MET B 321 -17.00 -25.13 -22.82
C MET B 321 -18.13 -24.17 -23.14
N PRO B 322 -19.03 -24.29 -24.34
CA PRO B 322 -19.95 -23.34 -24.97
C PRO B 322 -21.03 -22.70 -24.07
N GLY B 323 -21.55 -23.44 -23.08
CA GLY B 323 -22.71 -23.03 -22.25
C GLY B 323 -22.30 -22.39 -20.92
N LYS B 324 -21.00 -22.28 -20.65
CA LYS B 324 -20.45 -21.79 -19.35
C LYS B 324 -20.67 -20.26 -19.22
N VAL B 325 -21.37 -19.81 -18.17
CA VAL B 325 -21.60 -18.35 -17.89
C VAL B 325 -20.89 -17.91 -16.60
N ASN B 326 -20.23 -16.74 -16.63
CA ASN B 326 -19.21 -16.31 -15.63
C ASN B 326 -19.74 -15.12 -14.85
N PRO B 327 -19.38 -14.99 -13.55
CA PRO B 327 -19.77 -13.82 -12.74
C PRO B 327 -18.96 -12.56 -13.12
N VAL B 328 -19.22 -12.06 -14.32
CA VAL B 328 -18.41 -10.96 -14.92
C VAL B 328 -18.60 -9.67 -14.13
N LEU B 329 -19.79 -9.38 -13.60
CA LEU B 329 -19.95 -8.13 -12.80
C LEU B 329 -19.22 -8.18 -11.44
N PRO B 330 -19.34 -9.24 -10.61
CA PRO B 330 -18.45 -9.37 -9.46
C PRO B 330 -16.95 -9.27 -9.81
N GLU B 331 -16.53 -9.79 -10.98
CA GLU B 331 -15.12 -9.65 -11.45
C GLU B 331 -14.77 -8.18 -11.73
N ALA B 332 -15.64 -7.42 -12.39
CA ALA B 332 -15.40 -5.99 -12.65
C ALA B 332 -15.36 -5.30 -11.27
N VAL B 333 -16.29 -5.63 -10.38
CA VAL B 333 -16.33 -4.95 -9.06
C VAL B 333 -15.02 -5.21 -8.28
N THR B 334 -14.55 -6.46 -8.19
CA THR B 334 -13.32 -6.78 -7.40
C THR B 334 -12.08 -6.09 -8.02
N GLN B 335 -12.00 -6.04 -9.35
CA GLN B 335 -10.92 -5.33 -10.10
C GLN B 335 -10.95 -3.81 -9.81
N VAL B 336 -12.13 -3.21 -9.84
CA VAL B 336 -12.30 -1.77 -9.48
C VAL B 336 -11.83 -1.58 -8.04
N ALA B 337 -12.25 -2.43 -7.13
CA ALA B 337 -11.79 -2.38 -5.72
C ALA B 337 -10.26 -2.37 -5.67
N ALA B 338 -9.59 -3.29 -6.36
CA ALA B 338 -8.13 -3.37 -6.39
C ALA B 338 -7.58 -2.02 -6.84
N GLN B 339 -8.18 -1.44 -7.88
CA GLN B 339 -7.65 -0.18 -8.46
C GLN B 339 -7.82 0.95 -7.43
N VAL B 340 -8.94 0.96 -6.71
CA VAL B 340 -9.21 2.01 -5.67
C VAL B 340 -8.19 1.90 -4.54
N ILE B 341 -7.79 0.68 -4.19
N ILE B 341 -7.82 0.67 -4.15
CA ILE B 341 -6.79 0.47 -3.10
CA ILE B 341 -6.79 0.43 -3.10
C ILE B 341 -5.41 0.95 -3.55
C ILE B 341 -5.44 1.01 -3.57
N GLY B 342 -5.05 0.70 -4.81
CA GLY B 342 -3.78 1.20 -5.39
C GLY B 342 -3.77 2.70 -5.46
N ASN B 343 -4.84 3.25 -6.01
CA ASN B 343 -5.00 4.72 -6.16
C ASN B 343 -4.86 5.35 -4.76
N ASP B 344 -5.44 4.72 -3.73
CA ASP B 344 -5.47 5.20 -2.33
C ASP B 344 -4.03 5.28 -1.82
N ALA B 345 -3.18 4.30 -2.16
CA ALA B 345 -1.78 4.34 -1.71
C ALA B 345 -1.03 5.49 -2.40
N ALA B 346 -1.28 5.72 -3.69
CA ALA B 346 -0.64 6.84 -4.44
C ALA B 346 -1.04 8.19 -3.82
N ILE B 347 -2.32 8.35 -3.48
CA ILE B 347 -2.86 9.63 -2.91
C ILE B 347 -2.15 9.91 -1.58
N ALA B 348 -2.06 8.92 -0.72
CA ALA B 348 -1.48 9.10 0.63
C ALA B 348 -0.01 9.48 0.47
N TRP B 349 0.71 8.83 -0.44
CA TRP B 349 2.13 9.09 -0.72
C TRP B 349 2.35 10.55 -1.16
N GLY B 350 1.59 11.01 -2.16
CA GLY B 350 1.60 12.43 -2.54
C GLY B 350 1.20 13.33 -1.36
N GLY B 351 0.20 12.92 -0.58
CA GLY B 351 -0.31 13.72 0.53
C GLY B 351 0.78 14.02 1.56
N ALA B 352 1.62 13.04 1.89
CA ALA B 352 2.57 13.15 3.00
C ALA B 352 3.76 14.03 2.64
N ASN B 353 3.98 14.19 1.34
CA ASN B 353 5.26 14.74 0.82
C ASN B 353 5.22 16.21 0.39
N GLY B 354 4.35 16.99 1.00
CA GLY B 354 4.36 18.44 0.75
C GLY B 354 5.54 19.11 1.47
N ALA B 355 5.89 20.31 1.05
CA ALA B 355 7.01 20.99 1.73
C ALA B 355 6.61 22.45 1.98
N PHE B 356 6.70 22.90 3.22
CA PHE B 356 6.44 24.33 3.51
C PHE B 356 5.07 24.79 3.01
N GLU B 357 5.07 25.83 2.19
CA GLU B 357 3.81 26.46 1.76
C GLU B 357 3.06 25.68 0.68
N LEU B 358 3.64 24.64 0.09
CA LEU B 358 2.86 24.01 -1.00
C LEU B 358 3.07 22.49 -1.12
N ASN B 359 1.98 21.77 -1.30
CA ASN B 359 2.05 20.33 -1.62
C ASN B 359 2.08 20.25 -3.15
N VAL B 360 3.14 19.71 -3.72
CA VAL B 360 3.36 19.70 -5.18
C VAL B 360 3.14 18.28 -5.71
N TYR B 361 2.06 17.61 -5.28
CA TYR B 361 1.66 16.29 -5.83
C TYR B 361 0.23 16.38 -6.35
N ILE B 362 -0.27 17.60 -6.61
CA ILE B 362 -1.74 17.82 -6.77
C ILE B 362 -2.21 17.08 -8.01
N PRO B 363 -1.56 17.23 -9.18
CA PRO B 363 -2.11 16.61 -10.39
C PRO B 363 -2.20 15.08 -10.27
N MET B 364 -1.23 14.46 -9.61
CA MET B 364 -1.23 13.00 -9.42
C MET B 364 -2.33 12.61 -8.41
N MET B 365 -2.43 13.29 -7.26
CA MET B 365 -3.51 13.06 -6.25
C MET B 365 -4.89 13.27 -6.89
N ALA B 366 -5.07 14.33 -7.68
CA ALA B 366 -6.34 14.60 -8.39
C ALA B 366 -6.66 13.46 -9.35
N ARG B 367 -5.72 13.00 -10.18
CA ARG B 367 -6.02 11.92 -11.15
C ARG B 367 -6.57 10.73 -10.37
N ASN B 368 -5.93 10.38 -9.25
CA ASN B 368 -6.19 9.10 -8.54
C ASN B 368 -7.51 9.18 -7.79
N ILE B 369 -7.78 10.29 -7.08
N ILE B 369 -7.79 10.30 -7.10
CA ILE B 369 -9.05 10.39 -6.32
CA ILE B 369 -9.04 10.38 -6.31
C ILE B 369 -10.21 10.47 -7.32
C ILE B 369 -10.23 10.53 -7.27
N LEU B 370 -10.10 11.28 -8.36
CA LEU B 370 -11.24 11.42 -9.30
C LEU B 370 -11.52 10.09 -10.02
N GLU B 371 -10.50 9.36 -10.41
CA GLU B 371 -10.69 8.03 -11.02
C GLU B 371 -11.39 7.07 -10.02
N SER B 372 -10.93 6.98 -8.77
CA SER B 372 -11.59 6.15 -7.73
C SER B 372 -13.07 6.54 -7.68
N PHE B 373 -13.39 7.83 -7.62
CA PHE B 373 -14.82 8.26 -7.58
C PHE B 373 -15.57 7.72 -8.80
N LYS B 374 -15.03 7.91 -9.98
CA LYS B 374 -15.68 7.50 -11.25
C LYS B 374 -15.87 5.97 -11.30
N LEU B 375 -14.80 5.19 -11.04
CA LEU B 375 -14.88 3.71 -11.11
C LEU B 375 -15.96 3.20 -10.13
N LEU B 376 -15.93 3.66 -8.88
CA LEU B 376 -16.92 3.26 -7.83
C LEU B 376 -18.33 3.63 -8.24
N THR B 377 -18.56 4.81 -8.81
CA THR B 377 -19.90 5.26 -9.27
C THR B 377 -20.39 4.32 -10.35
N ASN B 378 -19.59 4.17 -11.40
CA ASN B 378 -19.98 3.43 -12.64
C ASN B 378 -20.22 1.97 -12.29
N VAL B 379 -19.33 1.37 -11.50
CA VAL B 379 -19.41 -0.10 -11.27
C VAL B 379 -20.52 -0.38 -10.26
N SER B 380 -20.78 0.54 -9.34
CA SER B 380 -21.87 0.41 -8.34
C SER B 380 -23.23 0.37 -9.05
N ARG B 381 -23.45 1.26 -10.02
CA ARG B 381 -24.70 1.28 -10.80
C ARG B 381 -24.83 0.00 -11.61
N LEU B 382 -23.77 -0.42 -12.32
CA LEU B 382 -23.81 -1.62 -13.18
C LEU B 382 -24.11 -2.83 -12.29
N PHE B 383 -23.51 -2.88 -11.10
CA PHE B 383 -23.62 -4.03 -10.17
C PHE B 383 -25.06 -4.12 -9.69
N ALA B 384 -25.67 -2.99 -9.36
CA ALA B 384 -27.05 -2.91 -8.84
C ALA B 384 -28.03 -3.35 -9.94
N GLN B 385 -27.85 -2.83 -11.16
CA GLN B 385 -28.82 -3.00 -12.27
C GLN B 385 -28.62 -4.33 -13.00
N ARG B 386 -27.39 -4.74 -13.27
CA ARG B 386 -27.12 -5.85 -14.21
C ARG B 386 -26.76 -7.12 -13.44
N CYS B 387 -26.70 -7.08 -12.10
CA CYS B 387 -26.39 -8.29 -11.29
C CYS B 387 -27.40 -8.43 -10.15
N ILE B 388 -27.40 -7.51 -9.18
CA ILE B 388 -28.17 -7.68 -7.93
C ILE B 388 -29.66 -7.79 -8.32
N ALA B 389 -30.19 -6.86 -9.09
CA ALA B 389 -31.64 -6.79 -9.40
C ALA B 389 -32.16 -8.14 -9.89
N GLY B 390 -31.41 -8.83 -10.75
CA GLY B 390 -31.87 -10.03 -11.45
C GLY B 390 -31.47 -11.34 -10.78
N LEU B 391 -30.87 -11.31 -9.57
CA LEU B 391 -30.46 -12.54 -8.86
C LEU B 391 -31.70 -13.41 -8.59
N THR B 392 -31.57 -14.71 -8.72
CA THR B 392 -32.64 -15.65 -8.25
C THR B 392 -32.02 -16.62 -7.25
N ALA B 393 -32.76 -16.95 -6.19
CA ALA B 393 -32.33 -17.91 -5.14
C ALA B 393 -32.76 -19.35 -5.49
N ASN B 394 -31.94 -20.32 -5.13
CA ASN B 394 -32.26 -21.77 -5.29
C ASN B 394 -32.88 -22.20 -3.96
N VAL B 395 -34.11 -21.77 -3.73
CA VAL B 395 -34.77 -21.82 -2.39
C VAL B 395 -34.77 -23.27 -1.88
N GLU B 396 -35.27 -24.22 -2.67
CA GLU B 396 -35.40 -25.64 -2.25
C GLU B 396 -34.03 -26.24 -1.92
N HIS B 397 -33.03 -25.90 -2.72
CA HIS B 397 -31.68 -26.41 -2.44
C HIS B 397 -31.21 -25.93 -1.07
N LEU B 398 -31.39 -24.64 -0.79
CA LEU B 398 -30.89 -24.03 0.48
C LEU B 398 -31.62 -24.62 1.70
N ARG B 399 -32.92 -24.81 1.57
CA ARG B 399 -33.72 -25.35 2.69
C ARG B 399 -33.30 -26.80 2.94
N ARG B 400 -33.14 -27.59 1.88
CA ARG B 400 -32.75 -29.01 2.05
C ARG B 400 -31.47 -29.09 2.88
N LEU B 401 -30.47 -28.30 2.53
CA LEU B 401 -29.18 -28.38 3.25
C LEU B 401 -29.38 -28.00 4.72
N ALA B 402 -30.16 -26.96 4.98
CA ALA B 402 -30.43 -26.48 6.35
C ALA B 402 -31.16 -27.55 7.17
N GLU B 403 -32.11 -28.24 6.55
CA GLU B 403 -32.92 -29.26 7.26
C GLU B 403 -32.08 -30.53 7.52
N SER B 404 -30.92 -30.69 6.86
CA SER B 404 -30.01 -31.88 6.99
C SER B 404 -28.77 -31.53 7.82
N SER B 405 -28.72 -30.36 8.42
CA SER B 405 -27.46 -29.87 9.05
C SER B 405 -27.37 -30.39 10.48
N PRO B 406 -26.27 -31.07 10.85
CA PRO B 406 -25.98 -31.41 12.25
C PRO B 406 -26.08 -30.21 13.21
N SER B 407 -25.84 -28.99 12.73
CA SER B 407 -25.94 -27.72 13.51
C SER B 407 -27.32 -27.55 14.17
N ILE B 408 -28.39 -28.19 13.67
CA ILE B 408 -29.76 -27.85 14.16
C ILE B 408 -30.25 -28.85 15.19
N VAL B 409 -29.39 -29.78 15.65
CA VAL B 409 -29.81 -30.85 16.63
C VAL B 409 -29.92 -30.23 18.04
N THR B 410 -29.24 -29.11 18.29
CA THR B 410 -29.09 -28.46 19.62
C THR B 410 -30.45 -28.37 20.33
N PRO B 411 -31.53 -27.85 19.69
CA PRO B 411 -32.82 -27.73 20.36
C PRO B 411 -33.56 -29.04 20.68
N LEU B 412 -33.02 -30.19 20.29
CA LEU B 412 -33.49 -31.53 20.74
C LEU B 412 -32.90 -31.85 22.13
N ASN B 413 -31.86 -31.14 22.56
CA ASN B 413 -31.17 -31.42 23.85
C ASN B 413 -32.17 -31.72 24.98
N SER B 414 -32.98 -30.73 25.33
CA SER B 414 -33.92 -30.84 26.48
C SER B 414 -34.95 -31.95 26.31
N ALA B 415 -35.13 -32.45 25.09
CA ALA B 415 -36.10 -33.55 24.88
C ALA B 415 -35.42 -34.92 24.97
N ILE B 416 -34.25 -35.09 24.37
CA ILE B 416 -33.63 -36.45 24.32
C ILE B 416 -32.21 -36.48 24.89
N GLY B 417 -31.65 -35.37 25.35
CA GLY B 417 -30.25 -35.43 25.84
C GLY B 417 -29.25 -35.12 24.74
N TYR B 418 -28.17 -34.44 25.12
CA TYR B 418 -27.10 -33.97 24.19
C TYR B 418 -26.45 -35.19 23.52
N GLU B 419 -26.33 -36.32 24.22
CA GLU B 419 -25.71 -37.57 23.68
C GLU B 419 -26.54 -38.12 22.52
N GLU B 420 -27.85 -38.30 22.71
CA GLU B 420 -28.77 -38.83 21.66
C GLU B 420 -28.86 -37.85 20.48
N ALA B 421 -28.96 -36.55 20.75
CA ALA B 421 -28.87 -35.45 19.76
C ALA B 421 -27.61 -35.65 18.88
N ALA B 422 -26.44 -35.89 19.49
CA ALA B 422 -25.13 -36.08 18.81
C ALA B 422 -25.17 -37.30 17.87
N ALA B 423 -25.88 -38.36 18.27
CA ALA B 423 -26.07 -39.61 17.49
C ALA B 423 -26.94 -39.36 16.26
N VAL B 424 -28.00 -38.57 16.41
CA VAL B 424 -28.92 -38.09 15.34
C VAL B 424 -28.07 -37.36 14.29
N ALA B 425 -27.24 -36.39 14.70
CA ALA B 425 -26.31 -35.65 13.80
C ALA B 425 -25.41 -36.65 13.05
N LYS B 426 -24.65 -37.46 13.80
CA LYS B 426 -23.77 -38.53 13.27
C LYS B 426 -24.53 -39.29 12.20
N GLN B 427 -25.67 -39.86 12.57
CA GLN B 427 -26.44 -40.73 11.66
C GLN B 427 -26.91 -39.94 10.42
N ALA B 428 -27.55 -38.77 10.60
CA ALA B 428 -28.06 -37.93 9.48
C ALA B 428 -26.92 -37.61 8.51
N LEU B 429 -25.77 -37.22 9.03
CA LEU B 429 -24.58 -36.84 8.22
C LEU B 429 -24.11 -38.08 7.43
N LYS B 430 -23.93 -39.23 8.09
CA LYS B 430 -23.50 -40.52 7.46
C LYS B 430 -24.51 -40.95 6.40
N GLU B 431 -25.82 -40.88 6.67
CA GLU B 431 -26.89 -41.51 5.83
C GLU B 431 -27.64 -40.48 4.98
N ARG B 432 -27.12 -39.25 4.85
CA ARG B 432 -27.61 -38.24 3.87
C ARG B 432 -29.12 -37.97 4.06
N LYS B 433 -29.59 -38.02 5.31
CA LYS B 433 -31.02 -37.79 5.58
C LYS B 433 -31.20 -36.47 6.34
N THR B 434 -32.44 -36.02 6.45
CA THR B 434 -32.74 -34.79 7.22
C THR B 434 -32.67 -35.12 8.71
N ILE B 435 -32.47 -34.13 9.56
CA ILE B 435 -32.45 -34.38 11.03
C ILE B 435 -33.83 -34.89 11.46
N ARG B 436 -34.89 -34.32 10.91
CA ARG B 436 -36.26 -34.73 11.30
C ARG B 436 -36.45 -36.22 11.00
N GLN B 437 -36.03 -36.68 9.81
CA GLN B 437 -36.19 -38.11 9.42
C GLN B 437 -35.27 -39.01 10.25
N THR B 438 -34.05 -38.56 10.52
CA THR B 438 -33.14 -39.38 11.34
C THR B 438 -33.73 -39.60 12.73
N VAL B 439 -34.32 -38.55 13.33
CA VAL B 439 -34.92 -38.64 14.68
C VAL B 439 -36.07 -39.65 14.67
N ILE B 440 -36.87 -39.62 13.62
CA ILE B 440 -37.98 -40.61 13.48
C ILE B 440 -37.37 -42.00 13.30
N ASP B 441 -36.31 -42.13 12.50
CA ASP B 441 -35.70 -43.45 12.18
C ASP B 441 -35.02 -44.11 13.37
N ARG B 442 -34.99 -43.47 14.54
CA ARG B 442 -34.37 -44.00 15.77
C ARG B 442 -35.44 -44.17 16.85
N GLY B 443 -36.71 -44.24 16.45
CA GLY B 443 -37.87 -44.45 17.34
C GLY B 443 -37.96 -43.43 18.46
N LEU B 444 -37.35 -42.26 18.28
CA LEU B 444 -37.40 -41.22 19.34
C LEU B 444 -38.80 -40.64 19.53
N ILE B 445 -39.63 -40.59 18.49
CA ILE B 445 -40.99 -40.00 18.73
C ILE B 445 -41.68 -40.87 19.78
N GLY B 446 -42.26 -40.22 20.76
CA GLY B 446 -42.88 -40.93 21.89
C GLY B 446 -43.41 -39.93 22.88
N ASP B 447 -43.40 -40.32 24.15
CA ASP B 447 -44.04 -39.52 25.22
C ASP B 447 -43.43 -38.11 25.38
N ARG B 448 -42.11 -37.99 25.47
CA ARG B 448 -41.47 -36.69 25.75
C ARG B 448 -41.17 -35.93 24.46
N LEU B 449 -41.38 -36.56 23.32
CA LEU B 449 -41.19 -35.85 22.03
C LEU B 449 -42.30 -36.23 21.06
N SER B 450 -43.28 -35.35 20.89
CA SER B 450 -44.32 -35.62 19.86
C SER B 450 -43.80 -35.24 18.47
N ILE B 451 -44.52 -35.63 17.43
CA ILE B 451 -44.09 -35.28 16.04
C ILE B 451 -44.21 -33.78 15.80
N GLU B 452 -45.12 -33.08 16.48
CA GLU B 452 -45.22 -31.63 16.25
C GLU B 452 -44.22 -30.87 17.12
N ASP B 453 -43.83 -31.47 18.25
CA ASP B 453 -42.80 -30.88 19.14
C ASP B 453 -41.48 -30.88 18.37
N LEU B 454 -41.21 -31.96 17.64
CA LEU B 454 -40.00 -32.13 16.81
C LEU B 454 -40.00 -31.10 15.69
N ASP B 455 -41.14 -30.91 15.03
CA ASP B 455 -41.25 -29.93 13.91
C ASP B 455 -41.01 -28.52 14.48
N ARG B 456 -41.54 -28.25 15.67
CA ARG B 456 -41.32 -26.93 16.32
C ARG B 456 -39.83 -26.77 16.69
N ARG B 457 -39.22 -27.80 17.25
CA ARG B 457 -37.78 -27.75 17.62
C ARG B 457 -36.86 -27.63 16.40
N LEU B 458 -37.20 -28.30 15.31
CA LEU B 458 -36.34 -28.31 14.09
C LEU B 458 -36.80 -27.27 13.07
N ASP B 459 -37.62 -26.31 13.48
CA ASP B 459 -38.06 -25.22 12.56
C ASP B 459 -36.80 -24.38 12.24
N VAL B 460 -36.26 -24.53 11.04
CA VAL B 460 -34.95 -23.90 10.70
C VAL B 460 -35.17 -22.41 10.51
N LEU B 461 -36.32 -21.96 9.99
CA LEU B 461 -36.59 -20.50 9.82
C LEU B 461 -36.63 -19.83 11.19
N ALA B 462 -37.32 -20.40 12.17
CA ALA B 462 -37.35 -19.91 13.57
C ALA B 462 -35.93 -19.83 14.13
N MET B 463 -35.06 -20.78 13.80
N MET B 463 -35.08 -20.78 13.78
CA MET B 463 -33.66 -20.80 14.32
CA MET B 463 -33.67 -20.85 14.27
C MET B 463 -32.88 -19.62 13.75
C MET B 463 -32.86 -19.67 13.72
N ALA B 464 -33.17 -19.20 12.51
CA ALA B 464 -32.56 -18.01 11.88
C ALA B 464 -32.99 -16.74 12.63
N LYS B 465 -34.13 -16.78 13.35
CA LYS B 465 -34.60 -15.67 14.22
C LYS B 465 -34.79 -14.43 13.36
N ALA B 466 -35.50 -14.56 12.24
CA ALA B 466 -35.88 -13.42 11.36
C ALA B 466 -36.89 -12.51 12.09
N GLU B 467 -36.63 -11.19 12.11
CA GLU B 467 -37.39 -10.16 12.91
C GLU B 467 -38.91 -10.38 12.82
N TYR C 10 -25.86 0.85 -38.20
CA TYR C 10 -26.07 -0.34 -37.34
C TYR C 10 -26.28 -1.61 -38.20
N ARG C 11 -25.74 -2.74 -37.75
CA ARG C 11 -25.90 -4.05 -38.44
C ARG C 11 -26.15 -5.12 -37.40
N ILE C 12 -26.90 -6.17 -37.75
CA ILE C 12 -27.23 -7.22 -36.74
C ILE C 12 -26.23 -8.37 -36.76
N GLU C 13 -25.82 -8.78 -35.56
CA GLU C 13 -24.83 -9.86 -35.35
C GLU C 13 -25.38 -10.83 -34.30
N HIS C 14 -24.68 -11.93 -34.05
CA HIS C 14 -25.16 -12.91 -33.06
C HIS C 14 -24.00 -13.74 -32.51
N ASP C 15 -24.23 -14.30 -31.32
CA ASP C 15 -23.30 -15.22 -30.60
C ASP C 15 -24.17 -16.31 -29.94
N THR C 16 -23.59 -17.20 -29.12
CA THR C 16 -24.30 -18.34 -28.45
C THR C 16 -25.57 -17.81 -27.74
N MET C 17 -25.54 -16.59 -27.20
CA MET C 17 -26.65 -16.03 -26.36
C MET C 17 -27.73 -15.37 -27.22
N GLY C 18 -27.48 -15.07 -28.50
CA GLY C 18 -28.52 -14.50 -29.38
C GLY C 18 -27.98 -13.39 -30.27
N GLU C 19 -28.80 -12.36 -30.52
CA GLU C 19 -28.55 -11.31 -31.55
C GLU C 19 -28.24 -9.97 -30.89
N VAL C 20 -27.44 -9.13 -31.56
CA VAL C 20 -26.80 -7.90 -31.00
C VAL C 20 -26.64 -6.87 -32.12
N ARG C 21 -27.01 -5.62 -31.83
CA ARG C 21 -26.90 -4.50 -32.77
C ARG C 21 -25.46 -4.01 -32.66
N VAL C 22 -24.83 -3.70 -33.78
CA VAL C 22 -23.41 -3.26 -33.77
C VAL C 22 -23.25 -2.07 -34.69
N PRO C 23 -22.43 -1.04 -34.38
CA PRO C 23 -22.05 0.02 -35.31
C PRO C 23 -21.71 -0.60 -36.66
N ALA C 24 -22.28 -0.03 -37.71
CA ALA C 24 -22.29 -0.61 -39.08
C ALA C 24 -20.88 -0.72 -39.67
N LYS C 25 -20.00 0.27 -39.41
CA LYS C 25 -18.65 0.40 -40.05
C LYS C 25 -17.51 0.05 -39.08
N ALA C 26 -17.82 -0.70 -38.03
CA ALA C 26 -16.86 -1.14 -36.98
C ALA C 26 -16.29 -2.52 -37.33
N LEU C 27 -14.99 -2.71 -37.10
CA LEU C 27 -14.28 -3.97 -37.43
C LEU C 27 -14.51 -5.05 -36.37
N TRP C 28 -15.07 -4.67 -35.22
CA TRP C 28 -15.41 -5.65 -34.14
C TRP C 28 -16.79 -6.23 -34.41
N ARG C 29 -17.18 -7.26 -33.66
CA ARG C 29 -18.48 -7.92 -33.88
C ARG C 29 -19.32 -7.95 -32.60
N ALA C 30 -20.21 -8.94 -32.50
CA ALA C 30 -21.18 -9.08 -31.40
C ALA C 30 -20.58 -9.31 -30.00
N GLN C 31 -19.59 -10.18 -29.82
CA GLN C 31 -19.08 -10.37 -28.45
C GLN C 31 -18.44 -9.08 -27.95
N THR C 32 -17.71 -8.37 -28.82
CA THR C 32 -17.06 -7.09 -28.46
C THR C 32 -18.14 -6.07 -28.13
N GLN C 33 -19.21 -6.04 -28.91
CA GLN C 33 -20.32 -5.08 -28.66
C GLN C 33 -20.99 -5.39 -27.32
N ARG C 34 -21.18 -6.65 -26.98
CA ARG C 34 -21.77 -7.00 -25.67
C ARG C 34 -20.89 -6.40 -24.57
N ALA C 35 -19.58 -6.59 -24.70
CA ALA C 35 -18.57 -6.14 -23.71
C ALA C 35 -18.60 -4.62 -23.63
N VAL C 36 -18.85 -3.92 -24.74
CA VAL C 36 -18.91 -2.42 -24.73
C VAL C 36 -20.08 -1.98 -23.82
N GLU C 37 -21.23 -2.63 -23.96
CA GLU C 37 -22.46 -2.35 -23.20
C GLU C 37 -22.32 -2.84 -21.75
N ASN C 38 -21.61 -3.94 -21.50
CA ASN C 38 -21.53 -4.55 -20.15
C ASN C 38 -20.59 -3.77 -19.23
N PHE C 39 -19.54 -3.10 -19.76
CA PHE C 39 -18.45 -2.57 -18.88
C PHE C 39 -18.13 -1.09 -19.14
N PRO C 40 -19.12 -0.17 -19.18
CA PRO C 40 -18.80 1.27 -19.22
C PRO C 40 -18.42 1.76 -17.82
N ILE C 41 -17.16 1.53 -17.47
CA ILE C 41 -16.63 1.70 -16.09
C ILE C 41 -15.58 2.82 -16.07
N SER C 42 -14.47 2.70 -16.83
CA SER C 42 -13.33 3.64 -16.79
C SER C 42 -13.31 4.57 -18.02
N GLY C 43 -13.96 4.16 -19.11
CA GLY C 43 -13.88 4.81 -20.44
C GLY C 43 -12.50 4.63 -21.07
N ARG C 44 -11.63 3.80 -20.50
CA ARG C 44 -10.27 3.58 -21.04
C ARG C 44 -10.16 2.11 -21.41
N GLY C 45 -9.56 1.83 -22.57
CA GLY C 45 -9.40 0.46 -23.07
C GLY C 45 -7.95 0.02 -23.07
N LEU C 46 -7.64 -1.00 -23.86
CA LEU C 46 -6.25 -1.53 -23.93
C LEU C 46 -5.32 -0.47 -24.52
N GLU C 47 -4.09 -0.47 -24.03
CA GLU C 47 -3.01 0.43 -24.52
C GLU C 47 -2.45 -0.12 -25.83
N ARG C 48 -1.70 0.71 -26.54
CA ARG C 48 -1.11 0.30 -27.84
C ARG C 48 -0.23 -0.94 -27.63
N THR C 49 0.58 -0.99 -26.58
CA THR C 49 1.47 -2.15 -26.33
C THR C 49 0.65 -3.43 -26.16
N GLN C 50 -0.49 -3.36 -25.47
CA GLN C 50 -1.35 -4.55 -25.28
C GLN C 50 -1.93 -5.03 -26.61
N ILE C 51 -2.38 -4.10 -27.44
CA ILE C 51 -2.98 -4.43 -28.76
C ILE C 51 -1.90 -5.08 -29.64
N ARG C 52 -0.71 -4.51 -29.61
CA ARG C 52 0.44 -5.04 -30.38
C ARG C 52 0.71 -6.47 -29.92
N ALA C 53 0.74 -6.70 -28.61
CA ALA C 53 1.01 -8.05 -28.05
C ALA C 53 -0.05 -9.03 -28.58
N LEU C 54 -1.32 -8.66 -28.48
CA LEU C 54 -2.42 -9.55 -28.96
C LEU C 54 -2.22 -9.85 -30.45
N GLY C 55 -1.84 -8.87 -31.26
CA GLY C 55 -1.59 -9.07 -32.70
C GLY C 55 -0.48 -10.08 -32.93
N LEU C 56 0.68 -9.89 -32.27
CA LEU C 56 1.83 -10.81 -32.41
C LEU C 56 1.36 -12.22 -32.06
N LEU C 57 0.62 -12.34 -30.96
CA LEU C 57 0.27 -13.69 -30.45
C LEU C 57 -0.64 -14.38 -31.47
N LYS C 58 -1.65 -13.70 -31.99
CA LYS C 58 -2.62 -14.30 -32.97
C LYS C 58 -1.88 -14.74 -34.25
N GLY C 59 -0.88 -13.96 -34.68
CA GLY C 59 0.03 -14.28 -35.82
C GLY C 59 0.84 -15.54 -35.59
N ALA C 60 1.52 -15.62 -34.45
CA ALA C 60 2.32 -16.78 -34.02
C ALA C 60 1.43 -18.05 -33.92
N CYS C 61 0.21 -17.93 -33.38
CA CYS C 61 -0.74 -19.05 -33.25
C CYS C 61 -1.17 -19.57 -34.63
N ALA C 62 -1.50 -18.67 -35.55
CA ALA C 62 -1.92 -19.06 -36.92
C ALA C 62 -0.74 -19.71 -37.65
N GLN C 63 0.48 -19.23 -37.39
CA GLN C 63 1.72 -19.78 -38.00
C GLN C 63 1.85 -21.22 -37.57
N VAL C 64 1.85 -21.48 -36.25
CA VAL C 64 2.07 -22.86 -35.72
C VAL C 64 0.88 -23.75 -36.14
N ASN C 65 -0.33 -23.23 -36.17
CA ASN C 65 -1.51 -24.04 -36.54
C ASN C 65 -1.36 -24.45 -38.03
N SER C 66 -0.88 -23.55 -38.88
CA SER C 66 -0.48 -23.81 -40.29
C SER C 66 0.61 -24.89 -40.32
N ASP C 67 1.71 -24.66 -39.60
CA ASP C 67 2.88 -25.56 -39.51
C ASP C 67 2.48 -26.98 -39.09
N LEU C 68 1.43 -27.17 -38.27
CA LEU C 68 1.04 -28.54 -37.83
C LEU C 68 -0.07 -29.07 -38.75
N GLY C 69 -0.35 -28.32 -39.82
CA GLY C 69 -1.34 -28.68 -40.84
C GLY C 69 -2.72 -28.80 -40.24
N LEU C 70 -3.00 -27.99 -39.20
CA LEU C 70 -4.31 -27.96 -38.52
C LEU C 70 -5.17 -26.86 -39.12
N LEU C 71 -4.54 -25.89 -39.76
CA LEU C 71 -5.26 -24.73 -40.32
C LEU C 71 -4.84 -24.61 -41.77
N ALA C 72 -5.82 -24.53 -42.67
CA ALA C 72 -5.65 -24.33 -44.12
C ALA C 72 -4.69 -23.15 -44.35
N PRO C 73 -3.73 -23.28 -45.26
CA PRO C 73 -2.77 -22.19 -45.53
C PRO C 73 -3.37 -20.82 -45.89
N GLU C 74 -4.48 -20.80 -46.63
N GLU C 74 -4.46 -20.77 -46.67
CA GLU C 74 -5.14 -19.56 -47.11
CA GLU C 74 -5.07 -19.47 -47.08
C GLU C 74 -5.71 -18.78 -45.89
C GLU C 74 -5.62 -18.76 -45.83
N LYS C 75 -6.17 -19.50 -44.86
CA LYS C 75 -6.75 -18.91 -43.62
C LYS C 75 -5.61 -18.39 -42.74
N ALA C 76 -4.58 -19.22 -42.52
CA ALA C 76 -3.37 -18.87 -41.75
C ALA C 76 -2.73 -17.58 -42.30
N ASP C 77 -2.71 -17.42 -43.63
CA ASP C 77 -2.07 -16.26 -44.31
C ASP C 77 -2.88 -14.99 -44.04
N ALA C 78 -4.21 -15.08 -44.17
CA ALA C 78 -5.11 -13.93 -43.91
C ALA C 78 -4.99 -13.53 -42.43
N ILE C 79 -5.03 -14.49 -41.50
CA ILE C 79 -4.85 -14.22 -40.03
C ILE C 79 -3.51 -13.50 -39.80
N ILE C 80 -2.43 -14.04 -40.36
CA ILE C 80 -1.05 -13.52 -40.17
C ILE C 80 -0.99 -12.09 -40.70
N ALA C 81 -1.66 -11.79 -41.82
CA ALA C 81 -1.61 -10.44 -42.45
C ALA C 81 -2.41 -9.46 -41.60
N ALA C 82 -3.62 -9.81 -41.17
CA ALA C 82 -4.47 -8.96 -40.31
C ALA C 82 -3.76 -8.74 -38.96
N ALA C 83 -3.09 -9.77 -38.44
CA ALA C 83 -2.37 -9.77 -37.15
C ALA C 83 -1.17 -8.81 -37.25
N ALA C 84 -0.41 -8.87 -38.36
CA ALA C 84 0.63 -7.87 -38.71
C ALA C 84 0.05 -6.45 -38.65
N GLU C 85 -1.11 -6.24 -39.27
CA GLU C 85 -1.80 -4.92 -39.31
C GLU C 85 -2.07 -4.45 -37.88
N ILE C 86 -2.61 -5.33 -37.04
CA ILE C 86 -2.91 -5.01 -35.61
C ILE C 86 -1.64 -4.73 -34.81
N ALA C 87 -0.58 -5.53 -35.00
CA ALA C 87 0.69 -5.33 -34.28
C ALA C 87 1.33 -3.99 -34.66
N ASP C 88 1.17 -3.60 -35.92
CA ASP C 88 1.67 -2.34 -36.52
C ASP C 88 0.92 -1.12 -35.95
N GLY C 89 -0.31 -1.28 -35.47
CA GLY C 89 -1.02 -0.12 -34.89
C GLY C 89 -2.07 0.50 -35.80
N GLN C 90 -2.44 -0.18 -36.87
CA GLN C 90 -3.45 0.34 -37.82
C GLN C 90 -4.88 0.21 -37.27
N HIS C 91 -5.09 -0.62 -36.24
CA HIS C 91 -6.48 -0.90 -35.83
C HIS C 91 -6.81 -0.60 -34.36
N ASP C 92 -6.11 0.33 -33.72
CA ASP C 92 -6.37 0.59 -32.28
C ASP C 92 -7.81 1.03 -32.05
N ASP C 93 -8.41 1.78 -32.98
CA ASP C 93 -9.80 2.30 -32.88
C ASP C 93 -10.78 1.13 -32.81
N GLN C 94 -10.33 -0.08 -33.09
CA GLN C 94 -11.27 -1.23 -33.12
C GLN C 94 -11.18 -2.04 -31.82
N PHE C 95 -10.51 -1.52 -30.78
CA PHE C 95 -10.42 -2.16 -29.44
C PHE C 95 -11.08 -1.25 -28.39
N PRO C 96 -12.43 -1.16 -28.36
CA PRO C 96 -13.14 -0.21 -27.49
C PRO C 96 -13.49 -0.75 -26.10
N ILE C 97 -13.15 -1.99 -25.78
CA ILE C 97 -13.57 -2.63 -24.50
C ILE C 97 -12.80 -2.01 -23.33
N ASP C 98 -13.51 -1.75 -22.24
CA ASP C 98 -12.90 -1.26 -20.98
C ASP C 98 -11.84 -2.24 -20.46
N VAL C 99 -10.81 -1.69 -19.80
CA VAL C 99 -9.88 -2.43 -18.91
C VAL C 99 -10.68 -3.24 -17.89
N PHE C 100 -11.73 -2.66 -17.31
CA PHE C 100 -12.56 -3.31 -16.26
C PHE C 100 -13.61 -4.22 -16.92
N GLN C 101 -13.14 -5.38 -17.37
CA GLN C 101 -13.92 -6.41 -18.11
C GLN C 101 -13.79 -7.74 -17.35
N THR C 102 -14.35 -8.80 -17.92
CA THR C 102 -14.21 -10.15 -17.38
C THR C 102 -12.73 -10.35 -17.05
N GLY C 103 -12.44 -10.89 -15.87
CA GLY C 103 -11.09 -10.89 -15.27
C GLY C 103 -10.12 -11.82 -15.98
N SER C 104 -10.57 -12.62 -16.95
CA SER C 104 -9.69 -13.49 -17.79
C SER C 104 -9.14 -12.72 -19.01
N GLY C 105 -9.73 -11.59 -19.34
CA GLY C 105 -9.43 -10.92 -20.62
C GLY C 105 -10.10 -11.56 -21.84
N THR C 106 -11.05 -12.48 -21.62
N THR C 106 -11.08 -12.45 -21.66
CA THR C 106 -11.90 -13.12 -22.67
CA THR C 106 -11.74 -13.13 -22.79
C THR C 106 -12.32 -12.07 -23.69
C THR C 106 -12.42 -12.11 -23.73
N SER C 107 -12.92 -10.99 -23.19
CA SER C 107 -13.58 -9.95 -24.01
C SER C 107 -12.57 -9.35 -25.00
N SER C 108 -11.40 -8.94 -24.51
CA SER C 108 -10.37 -8.42 -25.43
C SER C 108 -9.85 -9.53 -26.35
N ASN C 109 -9.81 -10.78 -25.88
CA ASN C 109 -9.33 -11.87 -26.78
C ASN C 109 -10.30 -11.97 -27.95
N MET C 110 -11.59 -11.99 -27.63
CA MET C 110 -12.64 -12.08 -28.67
C MET C 110 -12.51 -10.86 -29.57
N ASN C 111 -12.28 -9.68 -28.98
CA ASN C 111 -12.12 -8.42 -29.75
C ASN C 111 -11.06 -8.66 -30.85
N THR C 112 -9.92 -9.28 -30.51
CA THR C 112 -8.80 -9.52 -31.46
C THR C 112 -9.23 -10.51 -32.56
N ASN C 113 -9.95 -11.55 -32.18
CA ASN C 113 -10.45 -12.60 -33.09
C ASN C 113 -11.47 -11.99 -34.06
N GLU C 114 -12.43 -11.23 -33.54
CA GLU C 114 -13.48 -10.61 -34.39
C GLU C 114 -12.89 -9.57 -35.34
N VAL C 115 -11.99 -8.73 -34.85
CA VAL C 115 -11.33 -7.70 -35.70
C VAL C 115 -10.50 -8.39 -36.80
N ILE C 116 -9.76 -9.45 -36.47
CA ILE C 116 -8.94 -10.19 -37.47
C ILE C 116 -9.89 -10.82 -38.50
N ALA C 117 -11.01 -11.37 -38.08
CA ALA C 117 -11.96 -11.97 -39.04
C ALA C 117 -12.49 -10.90 -40.00
N SER C 118 -12.81 -9.72 -39.48
CA SER C 118 -13.32 -8.61 -40.32
C SER C 118 -12.28 -8.11 -41.31
N ILE C 119 -11.01 -8.02 -40.90
CA ILE C 119 -9.95 -7.56 -41.84
C ILE C 119 -9.82 -8.58 -42.98
N ALA C 120 -9.80 -9.85 -42.65
CA ALA C 120 -9.66 -10.93 -43.66
C ALA C 120 -10.84 -10.94 -44.63
N ALA C 121 -12.04 -10.62 -44.13
CA ALA C 121 -13.27 -10.55 -44.92
C ALA C 121 -13.18 -9.49 -46.01
N LYS C 122 -12.44 -8.40 -45.77
CA LYS C 122 -12.20 -7.34 -46.76
C LYS C 122 -11.38 -7.91 -47.92
N GLY C 123 -10.31 -8.66 -47.61
CA GLY C 123 -9.46 -9.37 -48.58
C GLY C 123 -10.15 -10.62 -49.13
N GLY C 124 -11.43 -10.84 -48.78
CA GLY C 124 -12.30 -11.87 -49.36
C GLY C 124 -12.03 -13.27 -48.83
N VAL C 125 -11.50 -13.40 -47.62
CA VAL C 125 -11.23 -14.72 -46.97
C VAL C 125 -12.14 -14.85 -45.75
N THR C 126 -12.94 -15.92 -45.67
CA THR C 126 -13.86 -16.22 -44.54
C THR C 126 -13.13 -16.96 -43.42
N LEU C 127 -12.88 -16.28 -42.30
CA LEU C 127 -12.34 -16.85 -41.03
C LEU C 127 -13.45 -16.84 -39.99
N HIS C 128 -13.54 -17.89 -39.18
CA HIS C 128 -14.47 -17.92 -38.04
C HIS C 128 -13.65 -17.44 -36.84
N PRO C 129 -14.03 -16.38 -36.12
CA PRO C 129 -13.22 -15.84 -35.02
C PRO C 129 -12.77 -16.86 -33.95
N ASN C 130 -13.67 -17.78 -33.58
CA ASN C 130 -13.36 -18.83 -32.57
C ASN C 130 -12.91 -20.18 -33.16
N ASP C 131 -13.21 -20.53 -34.43
CA ASP C 131 -12.78 -21.87 -34.93
C ASP C 131 -11.43 -21.77 -35.66
N ASP C 132 -11.14 -20.62 -36.25
CA ASP C 132 -9.88 -20.37 -37.01
C ASP C 132 -8.94 -19.47 -36.20
N VAL C 133 -9.40 -18.27 -35.85
CA VAL C 133 -8.53 -17.26 -35.20
C VAL C 133 -8.23 -17.66 -33.76
N ASN C 134 -9.09 -18.45 -33.13
CA ASN C 134 -8.88 -18.88 -31.73
C ASN C 134 -8.48 -20.36 -31.69
N MET C 135 -8.17 -20.96 -32.84
CA MET C 135 -7.85 -22.40 -32.91
C MET C 135 -6.64 -22.72 -32.04
N SER C 136 -6.78 -23.78 -31.22
CA SER C 136 -5.76 -24.35 -30.29
C SER C 136 -5.55 -23.45 -29.06
N GLN C 137 -6.44 -22.47 -28.86
CA GLN C 137 -6.33 -21.47 -27.79
C GLN C 137 -7.62 -21.43 -26.98
N SER C 138 -7.53 -20.73 -25.87
CA SER C 138 -8.68 -20.41 -25.01
C SER C 138 -8.53 -18.96 -24.54
N SER C 139 -9.54 -18.34 -23.95
CA SER C 139 -9.26 -16.97 -23.45
C SER C 139 -8.25 -17.02 -22.30
N ASN C 140 -8.40 -18.06 -21.48
CA ASN C 140 -7.64 -18.20 -20.23
C ASN C 140 -6.14 -18.17 -20.48
N ASP C 141 -5.60 -18.70 -21.58
CA ASP C 141 -4.13 -18.71 -21.79
C ASP C 141 -3.66 -17.60 -22.73
N THR C 142 -4.54 -17.07 -23.58
CA THR C 142 -4.16 -15.99 -24.53
C THR C 142 -4.01 -14.61 -23.89
N PHE C 143 -5.00 -14.18 -23.09
CA PHE C 143 -4.92 -12.79 -22.59
C PHE C 143 -3.70 -12.67 -21.72
N PRO C 144 -3.27 -13.63 -20.68
CA PRO C 144 -2.06 -13.56 -19.84
C PRO C 144 -0.78 -13.61 -20.70
N THR C 145 -0.79 -14.39 -21.79
CA THR C 145 0.37 -14.53 -22.72
C THR C 145 0.68 -13.16 -23.32
N ALA C 146 -0.30 -12.46 -23.88
CA ALA C 146 -0.16 -11.10 -24.44
C ALA C 146 0.36 -10.13 -23.38
N THR C 147 -0.19 -10.21 -22.16
CA THR C 147 0.22 -9.36 -21.02
C THR C 147 1.70 -9.61 -20.75
N HIS C 148 2.14 -10.85 -20.63
CA HIS C 148 3.58 -11.14 -20.34
C HIS C 148 4.48 -10.75 -21.52
N ILE C 149 4.01 -10.86 -22.74
CA ILE C 149 4.81 -10.40 -23.92
C ILE C 149 4.99 -8.90 -23.80
N ALA C 150 3.90 -8.14 -23.60
CA ALA C 150 3.96 -6.68 -23.48
C ALA C 150 4.91 -6.30 -22.34
N ALA C 151 4.84 -6.96 -21.19
CA ALA C 151 5.66 -6.61 -19.99
C ALA C 151 7.12 -6.90 -20.26
N THR C 152 7.41 -8.08 -20.84
CA THR C 152 8.78 -8.49 -21.18
C THR C 152 9.35 -7.47 -22.14
N GLU C 153 8.62 -7.18 -23.19
CA GLU C 153 9.06 -6.19 -24.19
C GLU C 153 9.24 -4.82 -23.51
N ALA C 154 8.32 -4.35 -22.66
CA ALA C 154 8.50 -3.05 -21.97
C ALA C 154 9.75 -3.05 -21.06
N ALA C 155 10.04 -4.14 -20.37
CA ALA C 155 11.25 -4.24 -19.50
C ALA C 155 12.54 -4.21 -20.35
N VAL C 156 12.64 -5.02 -21.40
CA VAL C 156 13.90 -5.27 -22.16
C VAL C 156 14.13 -4.13 -23.18
N ALA C 157 13.16 -3.77 -23.99
CA ALA C 157 13.38 -2.86 -25.13
C ALA C 157 13.18 -1.41 -24.71
N HIS C 158 12.52 -1.12 -23.58
CA HIS C 158 12.17 0.29 -23.24
C HIS C 158 12.75 0.69 -21.88
N LEU C 159 12.41 -0.04 -20.83
CA LEU C 159 12.79 0.43 -19.47
C LEU C 159 14.30 0.31 -19.28
N ILE C 160 14.92 -0.83 -19.59
CA ILE C 160 16.37 -1.00 -19.27
C ILE C 160 17.20 0.06 -20.02
N PRO C 161 17.07 0.22 -21.35
CA PRO C 161 17.74 1.31 -22.04
C PRO C 161 17.48 2.72 -21.46
N ALA C 162 16.24 3.01 -21.01
CA ALA C 162 15.93 4.32 -20.40
C ALA C 162 16.70 4.48 -19.09
N LEU C 163 16.69 3.45 -18.24
CA LEU C 163 17.49 3.51 -17.00
C LEU C 163 18.98 3.55 -17.35
N GLN C 164 19.45 2.86 -18.40
CA GLN C 164 20.89 2.95 -18.74
C GLN C 164 21.23 4.40 -19.15
N GLN C 165 20.38 5.08 -19.89
CA GLN C 165 20.66 6.50 -20.19
C GLN C 165 20.70 7.32 -18.87
N LEU C 166 19.78 7.12 -17.93
CA LEU C 166 19.77 7.90 -16.67
C LEU C 166 21.02 7.56 -15.86
N HIS C 167 21.38 6.28 -15.78
CA HIS C 167 22.63 5.86 -15.11
C HIS C 167 23.82 6.64 -15.69
N ASP C 168 23.93 6.62 -17.01
CA ASP C 168 25.09 7.22 -17.71
C ASP C 168 25.14 8.74 -17.42
N ALA C 169 24.02 9.45 -17.46
CA ALA C 169 23.95 10.91 -17.14
C ALA C 169 24.41 11.13 -15.68
N LEU C 170 23.98 10.27 -14.77
CA LEU C 170 24.36 10.36 -13.32
C LEU C 170 25.85 10.06 -13.13
N ALA C 171 26.37 9.03 -13.81
CA ALA C 171 27.80 8.65 -13.72
C ALA C 171 28.66 9.76 -14.36
N ALA C 172 28.18 10.43 -15.41
CA ALA C 172 28.94 11.53 -16.10
C ALA C 172 29.12 12.68 -15.12
N LYS C 173 28.07 12.99 -14.34
N LYS C 173 28.08 13.01 -14.33
CA LYS C 173 28.12 14.04 -13.29
CA LYS C 173 28.14 14.08 -13.30
C LYS C 173 29.07 13.61 -12.16
C LYS C 173 29.04 13.63 -12.14
N ALA C 174 28.99 12.36 -11.74
CA ALA C 174 29.92 11.82 -10.71
C ALA C 174 31.37 12.10 -11.09
N LEU C 175 31.72 11.92 -12.37
N LEU C 175 31.72 11.92 -12.37
CA LEU C 175 33.08 12.15 -12.93
CA LEU C 175 33.12 12.16 -12.87
C LEU C 175 33.36 13.66 -12.98
C LEU C 175 33.37 13.67 -12.98
N ASP C 176 32.48 14.45 -13.60
CA ASP C 176 32.64 15.93 -13.75
C ASP C 176 32.84 16.56 -12.38
N TRP C 177 32.18 16.05 -11.35
CA TRP C 177 32.11 16.69 -10.02
C TRP C 177 32.98 15.94 -9.01
N HIS C 178 33.92 15.15 -9.51
CA HIS C 178 34.77 14.29 -8.64
C HIS C 178 35.51 15.12 -7.57
N THR C 179 35.81 16.41 -7.76
CA THR C 179 36.59 17.18 -6.73
C THR C 179 35.74 18.31 -6.15
N VAL C 180 34.45 18.33 -6.40
CA VAL C 180 33.54 19.42 -5.95
C VAL C 180 33.18 19.10 -4.50
N VAL C 181 34.02 19.53 -3.59
CA VAL C 181 33.87 19.19 -2.16
C VAL C 181 32.76 20.08 -1.59
N LYS C 182 32.05 19.56 -0.60
CA LYS C 182 30.88 20.16 0.03
C LYS C 182 30.66 19.51 1.37
N SER C 183 29.86 20.16 2.20
CA SER C 183 29.39 19.64 3.50
C SER C 183 28.61 18.35 3.28
N GLY C 184 28.94 17.29 3.98
CA GLY C 184 28.04 16.13 4.11
C GLY C 184 26.83 16.54 4.93
N ARG C 185 25.74 15.82 4.81
CA ARG C 185 24.54 16.01 5.66
C ARG C 185 24.03 14.64 6.06
N THR C 186 23.94 14.43 7.36
CA THR C 186 23.27 13.27 7.97
C THR C 186 22.19 13.84 8.90
N HIS C 187 20.98 13.28 8.84
CA HIS C 187 19.81 13.73 9.66
C HIS C 187 19.46 15.18 9.28
N LEU C 188 19.87 15.62 8.07
CA LEU C 188 19.74 17.01 7.55
C LEU C 188 20.76 17.96 8.23
N MET C 189 21.61 17.45 9.12
CA MET C 189 22.60 18.30 9.84
C MET C 189 23.98 18.20 9.19
N ASP C 190 24.75 19.27 9.35
CA ASP C 190 26.08 19.39 8.71
C ASP C 190 26.96 18.22 9.17
N ALA C 191 27.67 17.57 8.25
CA ALA C 191 28.59 16.48 8.64
C ALA C 191 29.94 16.68 7.94
N VAL C 192 30.82 15.71 8.12
CA VAL C 192 32.15 15.73 7.47
C VAL C 192 32.01 15.77 5.95
N PRO C 193 33.05 16.25 5.26
CA PRO C 193 32.95 16.50 3.84
C PRO C 193 32.71 15.29 2.95
N VAL C 194 32.03 15.54 1.82
N VAL C 194 32.05 15.54 1.81
CA VAL C 194 31.86 14.64 0.64
CA VAL C 194 31.88 14.63 0.65
C VAL C 194 32.17 15.47 -0.61
C VAL C 194 32.11 15.47 -0.61
N THR C 195 32.00 14.89 -1.80
CA THR C 195 32.00 15.61 -3.09
C THR C 195 30.63 15.40 -3.71
N LEU C 196 30.16 16.35 -4.53
CA LEU C 196 28.94 16.14 -5.32
C LEU C 196 29.13 14.87 -6.13
N GLY C 197 30.34 14.65 -6.62
CA GLY C 197 30.68 13.46 -7.42
C GLY C 197 30.31 12.19 -6.69
N GLN C 198 30.74 12.07 -5.43
CA GLN C 198 30.46 10.88 -4.61
C GLN C 198 28.95 10.68 -4.49
N GLU C 199 28.22 11.77 -4.20
CA GLU C 199 26.75 11.68 -4.04
C GLU C 199 26.14 11.16 -5.35
N PHE C 200 26.52 11.74 -6.48
CA PHE C 200 26.04 11.29 -7.83
C PHE C 200 26.50 9.86 -8.15
N SER C 201 27.63 9.38 -7.62
CA SER C 201 28.05 7.96 -7.78
C SER C 201 27.07 7.05 -7.02
N GLY C 202 26.57 7.51 -5.88
CA GLY C 202 25.49 6.84 -5.12
C GLY C 202 24.22 6.73 -5.94
N TYR C 203 23.78 7.85 -6.52
CA TYR C 203 22.55 7.89 -7.36
C TYR C 203 22.74 6.95 -8.55
N ALA C 204 23.89 7.04 -9.21
CA ALA C 204 24.23 6.14 -10.33
C ALA C 204 24.13 4.68 -9.87
N ARG C 205 24.67 4.32 -8.71
CA ARG C 205 24.58 2.92 -8.23
C ARG C 205 23.12 2.50 -8.04
N GLN C 206 22.28 3.41 -7.52
CA GLN C 206 20.85 3.11 -7.28
C GLN C 206 20.22 2.70 -8.62
N ILE C 207 20.53 3.40 -9.73
CA ILE C 207 19.87 3.10 -11.03
C ILE C 207 20.46 1.83 -11.63
N GLU C 208 21.77 1.63 -11.50
CA GLU C 208 22.47 0.38 -11.96
C GLU C 208 21.89 -0.84 -11.23
N ALA C 209 21.61 -0.67 -9.95
CA ALA C 209 21.00 -1.72 -9.11
C ALA C 209 19.55 -1.98 -9.60
N GLY C 210 18.84 -0.92 -10.00
CA GLY C 210 17.49 -0.97 -10.58
C GLY C 210 17.46 -1.83 -11.84
N ILE C 211 18.44 -1.62 -12.72
CA ILE C 211 18.60 -2.46 -13.93
C ILE C 211 18.84 -3.91 -13.49
N GLU C 212 19.71 -4.16 -12.50
CA GLU C 212 19.96 -5.55 -11.98
C GLU C 212 18.64 -6.18 -11.48
N ARG C 213 17.78 -5.39 -10.82
CA ARG C 213 16.51 -5.85 -10.25
C ARG C 213 15.53 -6.22 -11.40
N VAL C 214 15.47 -5.43 -12.45
CA VAL C 214 14.60 -5.73 -13.62
C VAL C 214 15.10 -7.01 -14.31
N ARG C 215 16.41 -7.09 -14.58
N ARG C 215 16.42 -7.10 -14.52
N ARG C 215 16.41 -7.10 -14.56
CA ARG C 215 17.09 -8.27 -15.18
CA ARG C 215 17.04 -8.28 -15.18
CA ARG C 215 17.06 -8.27 -15.21
C ARG C 215 16.78 -9.53 -14.36
C ARG C 215 16.79 -9.54 -14.35
C ARG C 215 16.83 -9.53 -14.36
N ALA C 216 16.90 -9.45 -13.03
CA ALA C 216 16.68 -10.61 -12.11
C ALA C 216 15.23 -11.15 -12.20
N CYS C 217 14.24 -10.33 -12.59
CA CYS C 217 12.81 -10.76 -12.63
C CYS C 217 12.48 -11.38 -13.99
N LEU C 218 13.36 -11.24 -14.99
CA LEU C 218 12.99 -11.63 -16.38
C LEU C 218 12.79 -13.12 -16.57
N PRO C 219 13.49 -14.02 -15.84
CA PRO C 219 13.26 -15.45 -16.00
C PRO C 219 11.82 -15.88 -15.66
N ARG C 220 11.09 -15.10 -14.86
CA ARG C 220 9.69 -15.40 -14.51
C ARG C 220 8.74 -14.42 -15.20
N LEU C 221 9.15 -13.16 -15.44
CA LEU C 221 8.26 -12.26 -16.22
C LEU C 221 8.05 -12.83 -17.64
N GLY C 222 9.07 -13.45 -18.25
CA GLY C 222 9.01 -13.89 -19.65
C GLY C 222 8.20 -15.17 -19.86
N GLU C 223 7.72 -15.80 -18.78
CA GLU C 223 6.97 -17.07 -18.84
C GLU C 223 5.62 -16.81 -19.48
N LEU C 224 5.31 -17.59 -20.51
CA LEU C 224 4.05 -17.45 -21.27
C LEU C 224 3.17 -18.67 -21.01
N ALA C 225 1.87 -18.43 -20.86
CA ALA C 225 0.88 -19.48 -20.53
C ALA C 225 0.47 -20.24 -21.80
N ILE C 226 0.75 -19.68 -22.97
CA ILE C 226 0.23 -20.25 -24.27
C ILE C 226 0.44 -21.78 -24.36
N GLY C 227 -0.62 -22.48 -24.76
CA GLY C 227 -0.64 -23.94 -24.86
C GLY C 227 -1.35 -24.60 -23.69
N GLY C 228 -1.60 -23.85 -22.62
CA GLY C 228 -2.28 -24.38 -21.42
C GLY C 228 -3.77 -24.50 -21.59
N THR C 229 -4.35 -23.78 -22.55
CA THR C 229 -5.81 -23.82 -22.82
C THR C 229 -6.67 -23.41 -21.61
N ALA C 230 -7.83 -24.03 -21.47
CA ALA C 230 -8.84 -23.57 -20.48
C ALA C 230 -8.38 -23.61 -19.02
N VAL C 231 -7.73 -24.69 -18.58
CA VAL C 231 -7.42 -24.85 -17.14
C VAL C 231 -5.94 -25.17 -16.88
N GLY C 232 -5.09 -25.16 -17.91
CA GLY C 232 -3.65 -25.46 -17.76
C GLY C 232 -3.26 -26.83 -18.31
N THR C 233 -4.24 -27.64 -18.66
CA THR C 233 -3.97 -29.03 -19.10
C THR C 233 -3.55 -29.14 -20.56
N GLY C 234 -3.82 -28.14 -21.38
CA GLY C 234 -3.49 -28.25 -22.81
C GLY C 234 -4.58 -28.96 -23.59
N LEU C 235 -5.73 -29.25 -22.97
CA LEU C 235 -6.86 -29.90 -23.69
C LEU C 235 -7.25 -29.00 -24.86
N ASN C 236 -7.51 -29.59 -26.02
CA ASN C 236 -7.89 -28.90 -27.28
C ASN C 236 -6.71 -28.15 -27.91
N ALA C 237 -5.49 -28.47 -27.51
CA ALA C 237 -4.33 -27.89 -28.21
C ALA C 237 -3.30 -28.99 -28.46
N PRO C 238 -2.44 -28.83 -29.47
CA PRO C 238 -1.31 -29.73 -29.65
C PRO C 238 -0.40 -29.65 -28.41
N ASP C 239 0.19 -30.78 -28.06
CA ASP C 239 1.05 -30.99 -26.87
C ASP C 239 2.24 -30.04 -26.91
N ASP C 240 2.70 -29.65 -28.09
CA ASP C 240 3.90 -28.78 -28.22
C ASP C 240 3.46 -27.38 -28.72
N PHE C 241 2.18 -27.03 -28.57
CA PHE C 241 1.68 -25.73 -29.10
C PHE C 241 2.49 -24.60 -28.46
N GLY C 242 2.69 -24.71 -27.15
CA GLY C 242 3.42 -23.73 -26.34
C GLY C 242 4.82 -23.47 -26.88
N VAL C 243 5.67 -24.51 -26.98
N VAL C 243 5.64 -24.52 -26.95
CA VAL C 243 7.10 -24.36 -27.38
CA VAL C 243 7.06 -24.52 -27.41
C VAL C 243 7.14 -23.83 -28.83
C VAL C 243 7.12 -23.85 -28.79
N ARG C 244 6.28 -24.30 -29.72
CA ARG C 244 6.24 -23.78 -31.11
C ARG C 244 5.84 -22.31 -31.15
N VAL C 245 4.81 -21.89 -30.41
CA VAL C 245 4.35 -20.47 -30.47
C VAL C 245 5.45 -19.57 -29.86
N VAL C 246 6.06 -19.98 -28.77
CA VAL C 246 7.15 -19.18 -28.15
C VAL C 246 8.30 -19.05 -29.15
N ALA C 247 8.70 -20.15 -29.81
CA ALA C 247 9.81 -20.11 -30.78
C ALA C 247 9.48 -19.10 -31.88
N VAL C 248 8.22 -19.01 -32.32
CA VAL C 248 7.85 -18.02 -33.37
C VAL C 248 7.94 -16.61 -32.78
N LEU C 249 7.48 -16.42 -31.53
CA LEU C 249 7.51 -15.05 -30.94
C LEU C 249 8.96 -14.62 -30.75
N VAL C 250 9.85 -15.54 -30.36
CA VAL C 250 11.26 -15.17 -30.02
C VAL C 250 11.96 -14.78 -31.34
N ALA C 251 11.72 -15.54 -32.40
CA ALA C 251 12.31 -15.28 -33.74
C ALA C 251 11.76 -13.95 -34.26
N GLN C 252 10.49 -13.63 -34.02
CA GLN C 252 9.85 -12.42 -34.60
C GLN C 252 10.17 -11.18 -33.79
N THR C 253 10.34 -11.27 -32.48
CA THR C 253 10.54 -10.07 -31.63
C THR C 253 12.02 -9.86 -31.31
N GLY C 254 12.82 -10.92 -31.32
CA GLY C 254 14.21 -10.87 -30.82
C GLY C 254 14.26 -10.96 -29.30
N LEU C 255 13.11 -11.08 -28.61
CA LEU C 255 13.02 -11.20 -27.12
C LEU C 255 13.30 -12.65 -26.74
N SER C 256 14.58 -12.98 -26.55
CA SER C 256 15.06 -14.30 -26.07
C SER C 256 14.52 -14.58 -24.67
N GLU C 257 14.05 -13.55 -23.95
CA GLU C 257 13.52 -13.70 -22.57
C GLU C 257 12.15 -14.40 -22.58
N LEU C 258 11.40 -14.39 -23.69
CA LEU C 258 10.11 -15.12 -23.75
C LEU C 258 10.40 -16.62 -23.66
N ARG C 259 9.60 -17.33 -22.88
CA ARG C 259 9.81 -18.77 -22.69
C ARG C 259 8.50 -19.42 -22.27
N THR C 260 8.38 -20.72 -22.49
N THR C 260 8.38 -20.73 -22.48
CA THR C 260 7.24 -21.54 -22.01
CA THR C 260 7.24 -21.54 -22.01
C THR C 260 7.24 -21.50 -20.48
C THR C 260 7.24 -21.53 -20.48
N ALA C 261 6.06 -21.59 -19.86
CA ALA C 261 5.90 -21.62 -18.40
C ALA C 261 6.61 -22.85 -17.86
N ALA C 262 7.28 -22.74 -16.72
CA ALA C 262 7.84 -23.91 -16.02
C ALA C 262 6.71 -24.85 -15.59
N ASN C 263 5.56 -24.32 -15.13
CA ASN C 263 4.38 -25.11 -14.72
C ASN C 263 3.13 -24.45 -15.31
N SER C 264 2.38 -25.19 -16.12
CA SER C 264 1.25 -24.66 -16.92
C SER C 264 0.10 -24.24 -16.00
N PHE C 265 -0.06 -24.85 -14.82
CA PHE C 265 -1.11 -24.50 -13.82
C PHE C 265 -0.72 -23.21 -13.09
N GLU C 266 0.49 -23.12 -12.57
CA GLU C 266 0.96 -21.85 -11.94
C GLU C 266 0.78 -20.66 -12.91
N ALA C 267 1.05 -20.89 -14.18
CA ALA C 267 1.03 -19.82 -15.18
C ALA C 267 -0.39 -19.30 -15.47
N GLN C 268 -1.41 -20.04 -15.07
CA GLN C 268 -2.81 -19.58 -15.31
C GLN C 268 -3.52 -19.30 -13.99
N ALA C 269 -3.22 -20.06 -12.96
CA ALA C 269 -3.83 -19.89 -11.62
C ALA C 269 -3.28 -18.64 -10.92
N ALA C 270 -2.14 -18.15 -11.36
CA ALA C 270 -1.53 -16.98 -10.74
C ALA C 270 -0.83 -16.10 -11.77
N ARG C 271 -0.59 -14.86 -11.41
CA ARG C 271 0.16 -13.88 -12.21
C ARG C 271 1.34 -13.42 -11.33
N ASP C 272 1.97 -14.33 -10.59
CA ASP C 272 3.00 -13.97 -9.56
C ASP C 272 4.21 -13.25 -10.22
N GLY C 273 4.50 -13.54 -11.49
CA GLY C 273 5.57 -12.87 -12.28
C GLY C 273 5.30 -11.36 -12.47
N LEU C 274 4.04 -10.95 -12.59
CA LEU C 274 3.69 -9.50 -12.66
C LEU C 274 3.89 -8.86 -11.28
N VAL C 275 3.50 -9.54 -10.21
CA VAL C 275 3.68 -9.03 -8.82
C VAL C 275 5.20 -8.86 -8.56
N GLU C 276 5.96 -9.90 -8.92
CA GLU C 276 7.45 -9.90 -8.79
C GLU C 276 7.99 -8.68 -9.55
N ALA C 277 7.57 -8.50 -10.80
CA ALA C 277 8.10 -7.39 -11.65
C ALA C 277 7.73 -6.04 -11.05
N SER C 278 6.51 -5.89 -10.55
CA SER C 278 6.04 -4.61 -9.99
C SER C 278 6.95 -4.27 -8.80
N GLY C 279 7.38 -5.26 -8.02
CA GLY C 279 8.36 -5.08 -6.91
C GLY C 279 9.64 -4.35 -7.34
N ALA C 280 10.23 -4.81 -8.45
CA ALA C 280 11.41 -4.16 -9.08
C ALA C 280 11.07 -2.70 -9.44
N LEU C 281 9.96 -2.45 -10.14
CA LEU C 281 9.54 -1.08 -10.53
C LEU C 281 9.29 -0.21 -9.27
N ARG C 282 8.67 -0.77 -8.23
CA ARG C 282 8.42 -0.09 -6.95
C ARG C 282 9.78 0.29 -6.32
N THR C 283 10.76 -0.61 -6.38
CA THR C 283 12.11 -0.34 -5.81
C THR C 283 12.79 0.78 -6.60
N ILE C 284 12.64 0.77 -7.92
CA ILE C 284 13.15 1.87 -8.79
C ILE C 284 12.45 3.17 -8.40
N ALA C 285 11.15 3.14 -8.15
CA ALA C 285 10.36 4.34 -7.77
C ALA C 285 10.94 4.90 -6.45
N VAL C 286 11.32 3.99 -5.55
CA VAL C 286 11.88 4.34 -4.23
C VAL C 286 13.24 5.01 -4.45
N SER C 287 14.11 4.45 -5.30
CA SER C 287 15.43 5.04 -5.65
C SER C 287 15.21 6.41 -6.26
N LEU C 288 14.27 6.54 -7.23
CA LEU C 288 14.11 7.81 -7.99
C LEU C 288 13.59 8.88 -7.05
N THR C 289 12.82 8.50 -6.03
CA THR C 289 12.28 9.48 -5.05
C THR C 289 13.47 10.11 -4.31
N LYS C 290 14.43 9.30 -3.87
CA LYS C 290 15.62 9.78 -3.10
C LYS C 290 16.43 10.71 -4.01
N ILE C 291 16.70 10.28 -5.24
CA ILE C 291 17.56 11.02 -6.20
C ILE C 291 16.91 12.38 -6.50
N ALA C 292 15.63 12.38 -6.93
CA ALA C 292 14.88 13.60 -7.25
C ALA C 292 14.72 14.56 -6.06
N ASN C 293 14.43 14.04 -4.87
N ASN C 293 14.45 14.06 -4.86
CA ASN C 293 14.32 14.85 -3.64
CA ASN C 293 14.28 14.93 -3.68
C ASN C 293 15.65 15.56 -3.36
C ASN C 293 15.64 15.55 -3.30
N ASP C 294 16.76 14.82 -3.41
CA ASP C 294 18.09 15.40 -3.11
C ASP C 294 18.33 16.53 -4.13
N ILE C 295 18.02 16.27 -5.40
CA ILE C 295 18.39 17.20 -6.49
C ILE C 295 17.55 18.47 -6.33
N ARG C 296 16.28 18.34 -6.02
CA ARG C 296 15.45 19.56 -5.82
C ARG C 296 15.92 20.31 -4.57
N TRP C 297 16.29 19.60 -3.52
CA TRP C 297 16.82 20.29 -2.32
C TRP C 297 18.14 21.01 -2.62
N MET C 298 19.03 20.36 -3.37
N MET C 298 19.02 20.35 -3.38
CA MET C 298 20.33 20.94 -3.77
CA MET C 298 20.33 20.94 -3.77
C MET C 298 20.10 22.22 -4.62
C MET C 298 20.11 22.21 -4.62
N GLY C 299 19.05 22.24 -5.44
CA GLY C 299 18.73 23.39 -6.28
C GLY C 299 17.92 24.46 -5.56
N SER C 300 17.56 24.26 -4.29
CA SER C 300 16.64 25.16 -3.55
C SER C 300 17.24 26.57 -3.35
N GLY C 301 16.43 27.61 -3.48
CA GLY C 301 16.86 29.01 -3.22
C GLY C 301 16.11 29.98 -4.11
N PRO C 302 16.76 31.02 -4.68
CA PRO C 302 18.21 31.16 -4.67
C PRO C 302 18.85 31.75 -3.41
N LEU C 303 18.07 32.30 -2.47
CA LEU C 303 18.60 32.99 -1.27
C LEU C 303 18.42 32.14 -0.01
N THR C 304 17.25 31.53 0.22
CA THR C 304 16.94 30.96 1.56
C THR C 304 17.14 29.45 1.64
N GLY C 305 17.38 28.78 0.52
CA GLY C 305 17.60 27.32 0.44
C GLY C 305 19.06 26.92 0.46
N LEU C 306 19.35 25.70 0.00
CA LEU C 306 20.70 25.12 0.12
C LEU C 306 21.60 25.76 -0.96
N ALA C 307 21.04 26.06 -2.13
CA ALA C 307 21.68 26.75 -3.29
C ALA C 307 23.02 26.06 -3.61
N GLU C 308 23.02 24.74 -3.68
CA GLU C 308 24.23 23.97 -4.01
C GLU C 308 24.42 23.89 -5.52
N ILE C 309 23.32 23.70 -6.25
CA ILE C 309 23.34 23.56 -7.73
C ILE C 309 22.26 24.43 -8.33
N GLN C 310 22.29 24.60 -9.65
CA GLN C 310 21.19 25.26 -10.39
C GLN C 310 20.60 24.24 -11.38
N LEU C 311 19.28 24.07 -11.36
CA LEU C 311 18.59 23.20 -12.36
C LEU C 311 18.38 23.98 -13.64
N PRO C 312 18.49 23.30 -14.81
CA PRO C 312 18.16 23.95 -16.08
C PRO C 312 16.67 24.33 -16.12
N ASP C 313 16.37 25.46 -16.75
CA ASP C 313 14.99 26.01 -16.88
C ASP C 313 14.22 25.20 -17.90
N LEU C 314 12.89 25.12 -17.74
CA LEU C 314 11.99 24.37 -18.67
C LEU C 314 10.70 25.16 -18.86
N LYS C 324 16.04 30.17 -9.42
CA LYS C 324 14.62 30.62 -9.52
C LYS C 324 13.79 29.67 -10.41
N VAL C 325 14.46 28.71 -11.03
CA VAL C 325 13.79 27.68 -11.84
C VAL C 325 13.07 26.72 -10.87
N ASN C 326 11.79 26.46 -11.09
CA ASN C 326 11.11 25.45 -10.23
C ASN C 326 11.67 24.08 -10.60
N PRO C 327 11.82 23.13 -9.66
CA PRO C 327 12.31 21.76 -9.96
C PRO C 327 11.17 20.87 -10.50
N VAL C 328 10.71 21.23 -11.68
CA VAL C 328 9.56 20.63 -12.40
C VAL C 328 9.84 19.16 -12.77
N LEU C 329 11.05 18.83 -13.20
CA LEU C 329 11.31 17.40 -13.54
C LEU C 329 11.38 16.56 -12.25
N PRO C 330 12.03 17.00 -11.17
CA PRO C 330 11.96 16.28 -9.89
C PRO C 330 10.52 16.03 -9.44
N GLU C 331 9.65 17.03 -9.59
CA GLU C 331 8.21 16.91 -9.25
C GLU C 331 7.55 15.85 -10.14
N ALA C 332 7.88 15.83 -11.43
CA ALA C 332 7.29 14.80 -12.31
C ALA C 332 7.78 13.43 -11.85
N VAL C 333 9.06 13.34 -11.54
CA VAL C 333 9.65 12.03 -11.14
C VAL C 333 9.01 11.56 -9.82
N THR C 334 8.87 12.45 -8.85
CA THR C 334 8.32 12.01 -7.53
C THR C 334 6.85 11.66 -7.66
N GLN C 335 6.13 12.36 -8.52
CA GLN C 335 4.70 12.04 -8.79
C GLN C 335 4.58 10.69 -9.53
N VAL C 336 5.42 10.45 -10.50
CA VAL C 336 5.49 9.13 -11.19
C VAL C 336 5.81 8.05 -10.15
N ALA C 337 6.77 8.27 -9.25
CA ALA C 337 7.11 7.27 -8.22
C ALA C 337 5.86 6.96 -7.39
N ALA C 338 5.09 7.98 -7.01
CA ALA C 338 3.87 7.82 -6.18
C ALA C 338 2.89 6.94 -6.94
N GLN C 339 2.73 7.18 -8.24
CA GLN C 339 1.80 6.37 -9.08
C GLN C 339 2.26 4.91 -9.17
N VAL C 340 3.57 4.66 -9.29
CA VAL C 340 4.13 3.28 -9.42
C VAL C 340 3.83 2.52 -8.12
N ILE C 341 4.00 3.20 -6.98
CA ILE C 341 3.71 2.60 -5.65
C ILE C 341 2.22 2.24 -5.57
N GLY C 342 1.30 3.16 -5.89
CA GLY C 342 -0.14 2.90 -5.99
C GLY C 342 -0.46 1.74 -6.92
N ASN C 343 0.09 1.74 -8.13
CA ASN C 343 -0.08 0.65 -9.13
C ASN C 343 0.43 -0.67 -8.56
N ASP C 344 1.54 -0.62 -7.84
CA ASP C 344 2.13 -1.82 -7.20
C ASP C 344 1.13 -2.45 -6.23
N ALA C 345 0.46 -1.65 -5.39
CA ALA C 345 -0.50 -2.19 -4.40
C ALA C 345 -1.67 -2.85 -5.14
N ALA C 346 -2.16 -2.23 -6.20
CA ALA C 346 -3.28 -2.81 -6.98
C ALA C 346 -2.84 -4.16 -7.58
N ILE C 347 -1.65 -4.24 -8.16
CA ILE C 347 -1.11 -5.48 -8.78
C ILE C 347 -1.02 -6.62 -7.75
N ALA C 348 -0.44 -6.36 -6.60
CA ALA C 348 -0.32 -7.37 -5.51
C ALA C 348 -1.73 -7.82 -5.05
N TRP C 349 -2.69 -6.90 -4.98
CA TRP C 349 -4.09 -7.19 -4.54
C TRP C 349 -4.73 -8.18 -5.53
N GLY C 350 -4.71 -7.86 -6.82
CA GLY C 350 -5.19 -8.79 -7.87
C GLY C 350 -4.44 -10.11 -7.84
N GLY C 351 -3.13 -10.07 -7.59
CA GLY C 351 -2.28 -11.26 -7.65
C GLY C 351 -2.69 -12.30 -6.66
N ALA C 352 -3.05 -11.87 -5.45
CA ALA C 352 -3.35 -12.73 -4.29
C ALA C 352 -4.67 -13.47 -4.46
N ASN C 353 -5.54 -12.91 -5.29
CA ASN C 353 -6.98 -13.27 -5.29
C ASN C 353 -7.42 -14.22 -6.39
N GLY C 354 -6.49 -15.03 -6.88
CA GLY C 354 -6.85 -16.08 -7.85
C GLY C 354 -7.63 -17.21 -7.18
N ALA C 355 -8.41 -17.93 -7.96
CA ALA C 355 -9.10 -19.06 -7.32
C ALA C 355 -8.94 -20.28 -8.22
N PHE C 356 -8.48 -21.38 -7.65
CA PHE C 356 -8.37 -22.64 -8.40
C PHE C 356 -7.55 -22.48 -9.70
N GLU C 357 -8.16 -22.81 -10.83
CA GLU C 357 -7.41 -22.88 -12.12
C GLU C 357 -7.18 -21.49 -12.76
N LEU C 358 -7.73 -20.42 -12.20
CA LEU C 358 -7.53 -19.14 -12.93
C LEU C 358 -7.51 -17.90 -12.03
N ASN C 359 -6.59 -16.98 -12.31
CA ASN C 359 -6.57 -15.66 -11.63
C ASN C 359 -7.34 -14.70 -12.54
N VAL C 360 -8.45 -14.14 -12.06
CA VAL C 360 -9.36 -13.30 -12.88
C VAL C 360 -9.22 -11.82 -12.46
N TYR C 361 -7.97 -11.36 -12.34
CA TYR C 361 -7.62 -9.92 -12.17
C TYR C 361 -6.67 -9.46 -13.26
N ILE C 362 -6.54 -10.21 -14.36
CA ILE C 362 -5.51 -9.97 -15.40
C ILE C 362 -5.64 -8.58 -16.03
N PRO C 363 -6.82 -8.14 -16.53
CA PRO C 363 -6.87 -6.83 -17.19
C PRO C 363 -6.41 -5.69 -16.29
N MET C 364 -6.87 -5.68 -15.03
CA MET C 364 -6.49 -4.65 -14.05
C MET C 364 -4.98 -4.75 -13.78
N MET C 365 -4.44 -5.93 -13.51
CA MET C 365 -2.99 -6.10 -13.20
C MET C 365 -2.19 -5.64 -14.44
N ALA C 366 -2.67 -5.98 -15.65
CA ALA C 366 -2.01 -5.63 -16.94
C ALA C 366 -1.95 -4.11 -17.06
N ARG C 367 -3.08 -3.43 -16.81
CA ARG C 367 -3.15 -1.95 -16.94
C ARG C 367 -2.04 -1.35 -16.05
N ASN C 368 -1.97 -1.82 -14.82
CA ASN C 368 -1.11 -1.20 -13.77
C ASN C 368 0.37 -1.45 -14.06
N ILE C 369 0.75 -2.69 -14.38
N ILE C 369 0.74 -2.69 -14.38
CA ILE C 369 2.19 -3.00 -14.58
CA ILE C 369 2.17 -3.06 -14.60
C ILE C 369 2.68 -2.33 -15.87
C ILE C 369 2.67 -2.35 -15.86
N LEU C 370 1.86 -2.30 -16.92
CA LEU C 370 2.29 -1.67 -18.18
C LEU C 370 2.37 -0.16 -18.02
N GLU C 371 1.49 0.44 -17.24
CA GLU C 371 1.57 1.87 -16.99
C GLU C 371 2.84 2.17 -16.17
N SER C 372 3.13 1.38 -15.15
CA SER C 372 4.34 1.62 -14.32
C SER C 372 5.60 1.56 -15.23
N PHE C 373 5.71 0.54 -16.10
CA PHE C 373 6.80 0.45 -17.10
C PHE C 373 6.89 1.74 -17.92
N LYS C 374 5.78 2.15 -18.51
CA LYS C 374 5.75 3.33 -19.40
C LYS C 374 6.18 4.60 -18.63
N LEU C 375 5.60 4.85 -17.43
CA LEU C 375 5.91 6.10 -16.68
C LEU C 375 7.40 6.12 -16.33
N LEU C 376 7.93 5.04 -15.79
CA LEU C 376 9.35 5.00 -15.40
C LEU C 376 10.25 5.19 -16.64
N THR C 377 9.87 4.58 -17.77
CA THR C 377 10.62 4.71 -19.03
C THR C 377 10.68 6.18 -19.44
N ASN C 378 9.53 6.82 -19.59
CA ASN C 378 9.45 8.17 -20.18
C ASN C 378 10.10 9.15 -19.21
N VAL C 379 9.83 9.01 -17.93
CA VAL C 379 10.28 10.06 -16.98
C VAL C 379 11.77 9.91 -16.78
N SER C 380 12.31 8.71 -16.89
CA SER C 380 13.76 8.47 -16.67
C SER C 380 14.55 9.14 -17.80
N ARG C 381 14.04 9.07 -19.03
CA ARG C 381 14.72 9.73 -20.17
C ARG C 381 14.65 11.25 -20.03
N LEU C 382 13.47 11.81 -19.68
CA LEU C 382 13.32 13.28 -19.50
C LEU C 382 14.21 13.78 -18.37
N PHE C 383 14.27 13.03 -17.28
CA PHE C 383 15.11 13.42 -16.12
C PHE C 383 16.58 13.43 -16.53
N ALA C 384 17.01 12.40 -17.25
CA ALA C 384 18.42 12.30 -17.65
C ALA C 384 18.79 13.46 -18.58
N GLN C 385 18.00 13.66 -19.63
CA GLN C 385 18.27 14.64 -20.71
C GLN C 385 18.04 16.10 -20.32
N ARG C 386 16.91 16.37 -19.66
CA ARG C 386 16.48 17.78 -19.42
C ARG C 386 16.72 18.22 -17.98
N CYS C 387 17.34 17.39 -17.16
CA CYS C 387 17.61 17.84 -15.77
C CYS C 387 19.05 17.50 -15.40
N ILE C 388 19.35 16.22 -15.34
CA ILE C 388 20.71 15.76 -14.91
C ILE C 388 21.80 16.37 -15.81
N ALA C 389 21.67 16.22 -17.12
CA ALA C 389 22.69 16.67 -18.10
C ALA C 389 23.05 18.15 -17.89
N GLY C 390 22.10 19.03 -17.57
CA GLY C 390 22.31 20.48 -17.52
C GLY C 390 22.51 21.05 -16.12
N LEU C 391 22.60 20.21 -15.07
CA LEU C 391 22.88 20.73 -13.71
C LEU C 391 24.24 21.43 -13.72
N THR C 392 24.34 22.56 -13.06
CA THR C 392 25.60 23.28 -12.83
C THR C 392 25.78 23.45 -11.33
N ALA C 393 26.99 23.21 -10.82
CA ALA C 393 27.34 23.28 -9.38
C ALA C 393 27.95 24.64 -9.03
N ASN C 394 27.58 25.15 -7.86
CA ASN C 394 28.15 26.39 -7.27
C ASN C 394 29.46 26.01 -6.59
N VAL C 395 30.48 25.72 -7.40
CA VAL C 395 31.71 25.03 -6.92
C VAL C 395 32.37 25.82 -5.77
N GLU C 396 32.64 27.11 -5.94
CA GLU C 396 33.49 27.84 -4.96
C GLU C 396 32.69 28.02 -3.65
N HIS C 397 31.41 28.31 -3.79
CA HIS C 397 30.45 28.47 -2.68
C HIS C 397 30.38 27.18 -1.86
N LEU C 398 30.18 26.02 -2.51
CA LEU C 398 30.20 24.69 -1.82
C LEU C 398 31.51 24.51 -1.04
N ARG C 399 32.66 24.79 -1.66
CA ARG C 399 33.96 24.59 -0.98
C ARG C 399 34.04 25.55 0.22
N ARG C 400 33.67 26.82 0.06
CA ARG C 400 33.74 27.80 1.19
C ARG C 400 32.91 27.28 2.39
N LEU C 401 31.71 26.78 2.15
CA LEU C 401 30.88 26.25 3.28
C LEU C 401 31.58 25.06 3.90
N ALA C 402 32.10 24.13 3.10
CA ALA C 402 32.79 22.92 3.62
C ALA C 402 33.96 23.34 4.51
N GLU C 403 34.67 24.39 4.10
CA GLU C 403 35.85 24.93 4.84
C GLU C 403 35.44 25.75 6.07
N SER C 404 34.16 26.10 6.21
CA SER C 404 33.71 26.98 7.31
C SER C 404 32.83 26.21 8.29
N SER C 405 32.72 24.88 8.13
CA SER C 405 31.81 24.03 8.93
C SER C 405 32.48 23.62 10.24
N PRO C 406 31.83 23.82 11.40
CA PRO C 406 32.28 23.22 12.66
C PRO C 406 32.61 21.73 12.53
N SER C 407 32.00 20.99 11.58
CA SER C 407 32.27 19.53 11.37
C SER C 407 33.75 19.24 11.10
N ILE C 408 34.57 20.16 10.56
CA ILE C 408 35.95 19.78 10.18
C ILE C 408 36.95 20.15 11.29
N VAL C 409 36.51 20.57 12.46
CA VAL C 409 37.46 20.99 13.55
C VAL C 409 38.04 19.77 14.24
N THR C 410 37.40 18.62 14.18
CA THR C 410 37.80 17.41 14.95
C THR C 410 39.28 17.11 14.73
N PRO C 411 39.83 17.20 13.49
CA PRO C 411 41.24 16.86 13.23
C PRO C 411 42.26 17.74 13.98
N LEU C 412 41.78 18.89 14.45
CA LEU C 412 42.50 19.88 15.31
C LEU C 412 42.53 19.56 16.80
N ASN C 413 41.69 18.66 17.30
CA ASN C 413 41.61 18.44 18.76
C ASN C 413 42.96 18.01 19.35
N SER C 414 43.71 17.17 18.65
CA SER C 414 45.01 16.70 19.18
C SER C 414 45.99 17.87 19.32
N ALA C 415 45.96 18.83 18.39
CA ALA C 415 46.86 20.00 18.47
C ALA C 415 46.38 21.07 19.46
N ILE C 416 45.11 21.46 19.39
CA ILE C 416 44.67 22.62 20.22
C ILE C 416 43.77 22.26 21.40
N GLY C 417 43.34 21.00 21.56
CA GLY C 417 42.44 20.63 22.67
C GLY C 417 40.97 20.76 22.31
N TYR C 418 40.11 20.01 23.00
CA TYR C 418 38.63 20.00 22.76
C TYR C 418 38.03 21.39 22.93
N GLU C 419 38.34 22.05 24.05
CA GLU C 419 37.76 23.36 24.45
C GLU C 419 38.04 24.40 23.34
N GLU C 420 39.28 24.44 22.84
CA GLU C 420 39.69 25.48 21.86
C GLU C 420 39.07 25.12 20.51
N ALA C 421 39.10 23.85 20.12
CA ALA C 421 38.38 23.35 18.92
C ALA C 421 36.94 23.90 18.93
N ALA C 422 36.24 23.80 20.07
CA ALA C 422 34.83 24.23 20.21
C ALA C 422 34.74 25.76 20.05
N ALA C 423 35.68 26.49 20.63
CA ALA C 423 35.69 27.96 20.54
C ALA C 423 35.93 28.35 19.09
N VAL C 424 36.80 27.62 18.38
CA VAL C 424 37.10 27.93 16.96
C VAL C 424 35.81 27.71 16.18
N ALA C 425 35.13 26.58 16.38
CA ALA C 425 33.89 26.29 15.62
C ALA C 425 32.85 27.39 15.91
N LYS C 426 32.64 27.74 17.17
CA LYS C 426 31.63 28.76 17.54
C LYS C 426 31.96 30.09 16.85
N GLN C 427 33.22 30.54 16.95
CA GLN C 427 33.65 31.81 16.33
C GLN C 427 33.54 31.73 14.81
N ALA C 428 33.96 30.63 14.16
CA ALA C 428 33.89 30.52 12.69
C ALA C 428 32.43 30.71 12.23
N LEU C 429 31.50 30.09 12.95
CA LEU C 429 30.08 30.21 12.60
C LEU C 429 29.57 31.64 12.82
N LYS C 430 29.91 32.23 13.96
CA LYS C 430 29.41 33.58 14.28
C LYS C 430 29.98 34.68 13.38
N GLU C 431 31.21 34.51 12.90
N GLU C 431 31.20 34.49 12.89
CA GLU C 431 31.88 35.56 12.08
CA GLU C 431 31.90 35.52 12.09
C GLU C 431 31.77 35.19 10.60
C GLU C 431 31.72 35.21 10.60
N ARG C 432 31.18 34.02 10.28
CA ARG C 432 31.03 33.54 8.88
C ARG C 432 32.39 33.52 8.19
N LYS C 433 33.34 32.85 8.82
CA LYS C 433 34.72 32.71 8.29
C LYS C 433 35.07 31.22 8.21
N THR C 434 36.12 30.88 7.47
CA THR C 434 36.63 29.49 7.40
C THR C 434 37.19 29.08 8.76
N ILE C 435 37.24 27.78 9.04
CA ILE C 435 37.95 27.26 10.24
C ILE C 435 39.42 27.75 10.14
N ARG C 436 40.02 27.63 8.96
CA ARG C 436 41.44 28.06 8.76
C ARG C 436 41.63 29.50 9.28
N GLN C 437 40.78 30.44 8.84
N GLN C 437 40.79 30.42 8.76
CA GLN C 437 40.99 31.88 9.14
CA GLN C 437 40.80 31.86 9.09
C GLN C 437 40.66 32.13 10.61
C GLN C 437 40.75 32.00 10.61
N THR C 438 39.78 31.34 11.23
CA THR C 438 39.44 31.46 12.67
C THR C 438 40.62 30.96 13.52
N VAL C 439 41.28 29.87 13.14
CA VAL C 439 42.42 29.34 13.93
C VAL C 439 43.52 30.42 13.90
N ILE C 440 43.77 31.05 12.75
CA ILE C 440 44.80 32.13 12.59
C ILE C 440 44.36 33.30 13.46
N ASP C 441 43.11 33.75 13.29
N ASP C 441 43.10 33.73 13.35
CA ASP C 441 42.52 34.91 13.99
CA ASP C 441 42.57 34.95 14.03
C ASP C 441 42.73 34.73 15.51
C ASP C 441 42.56 34.76 15.56
N ARG C 442 42.53 33.52 16.04
CA ARG C 442 42.59 33.26 17.49
C ARG C 442 44.04 33.18 17.99
N GLY C 443 45.00 33.27 17.08
CA GLY C 443 46.44 33.28 17.40
C GLY C 443 46.98 31.91 17.78
N LEU C 444 46.34 30.86 17.29
CA LEU C 444 46.74 29.46 17.62
C LEU C 444 47.97 28.99 16.85
N ILE C 445 48.31 29.67 15.75
CA ILE C 445 49.48 29.25 14.93
C ILE C 445 50.77 29.46 15.73
N GLY C 446 51.67 28.49 15.72
CA GLY C 446 52.93 28.67 16.45
C GLY C 446 53.06 27.63 17.55
N ASP C 447 52.45 27.90 18.70
CA ASP C 447 52.61 26.95 19.82
C ASP C 447 51.97 25.61 19.50
N ARG C 448 50.70 25.63 19.11
CA ARG C 448 49.94 24.38 18.87
C ARG C 448 50.35 23.70 17.57
N LEU C 449 50.38 24.46 16.48
CA LEU C 449 50.69 23.85 15.17
C LEU C 449 51.13 24.88 14.14
N SER C 450 51.76 24.40 13.06
CA SER C 450 52.22 25.32 12.00
C SER C 450 51.15 25.47 10.92
N ILE C 451 51.36 26.40 10.01
CA ILE C 451 50.43 26.58 8.86
C ILE C 451 50.44 25.29 8.04
N GLU C 452 51.60 24.67 7.87
CA GLU C 452 51.69 23.41 7.09
C GLU C 452 50.78 22.37 7.77
N ASP C 453 50.86 22.26 9.10
CA ASP C 453 50.05 21.29 9.85
C ASP C 453 48.56 21.64 9.70
N LEU C 454 48.23 22.91 9.82
CA LEU C 454 46.83 23.35 9.72
C LEU C 454 46.27 22.98 8.34
N ASP C 455 47.02 23.27 7.29
CA ASP C 455 46.57 23.00 5.90
C ASP C 455 46.38 21.49 5.69
N ARG C 456 47.24 20.68 6.27
CA ARG C 456 47.07 19.21 6.12
C ARG C 456 45.81 18.74 6.87
N ARG C 457 45.65 19.19 8.11
CA ARG C 457 44.49 18.78 8.94
C ARG C 457 43.17 19.27 8.35
N LEU C 458 43.13 20.46 7.75
CA LEU C 458 41.86 21.03 7.27
C LEU C 458 41.64 20.87 5.76
N ASP C 459 42.39 20.00 5.11
CA ASP C 459 42.19 19.81 3.65
C ASP C 459 40.86 19.04 3.45
N VAL C 460 39.82 19.73 3.03
CA VAL C 460 38.45 19.15 3.01
C VAL C 460 38.34 18.11 1.89
N LEU C 461 39.10 18.25 0.80
CA LEU C 461 39.11 17.26 -0.31
C LEU C 461 39.71 15.95 0.19
N ALA C 462 40.79 16.01 0.98
CA ALA C 462 41.48 14.85 1.57
C ALA C 462 40.54 14.22 2.59
N MET C 463 39.80 15.05 3.32
CA MET C 463 38.82 14.59 4.33
C MET C 463 37.71 13.78 3.64
N ALA C 464 37.26 14.22 2.45
CA ALA C 464 36.23 13.53 1.63
C ALA C 464 36.79 12.22 1.07
N LYS C 465 38.12 12.01 1.22
CA LYS C 465 38.87 10.82 0.73
C LYS C 465 38.68 10.77 -0.78
N ALA C 466 38.75 11.92 -1.44
CA ALA C 466 38.78 12.08 -2.91
C ALA C 466 40.13 12.70 -3.33
N GLU C 467 40.50 12.52 -4.61
CA GLU C 467 41.76 13.06 -5.21
C GLU C 467 41.39 14.13 -6.26
N TYR D 10 19.93 -0.34 41.06
CA TYR D 10 19.39 1.05 41.12
C TYR D 10 20.57 2.04 41.19
N ARG D 11 21.62 1.73 40.42
CA ARG D 11 22.95 2.40 40.44
C ARG D 11 22.86 3.72 39.69
N ILE D 12 23.62 4.71 40.11
CA ILE D 12 23.48 6.04 39.46
C ILE D 12 24.74 6.35 38.67
N GLU D 13 24.55 6.91 37.48
CA GLU D 13 25.66 7.19 36.54
C GLU D 13 25.69 8.67 36.17
N HIS D 14 26.80 9.09 35.60
CA HIS D 14 26.93 10.53 35.29
C HIS D 14 27.14 10.74 33.79
N ASP D 15 26.24 11.57 33.25
CA ASP D 15 26.05 12.02 31.84
C ASP D 15 26.45 13.50 31.77
N THR D 16 26.90 13.91 30.59
CA THR D 16 27.40 15.30 30.43
C THR D 16 26.24 16.32 30.46
N MET D 17 25.00 15.91 30.78
CA MET D 17 23.86 16.84 31.04
C MET D 17 23.11 16.39 32.32
N GLY D 18 23.81 15.75 33.26
CA GLY D 18 23.31 15.50 34.64
C GLY D 18 23.53 14.08 35.11
N GLU D 19 22.59 13.56 35.91
CA GLU D 19 22.64 12.23 36.57
C GLU D 19 21.67 11.26 35.90
N VAL D 20 22.00 9.96 35.93
CA VAL D 20 21.26 8.86 35.22
C VAL D 20 21.13 7.63 36.14
N ARG D 21 19.93 7.32 36.59
CA ARG D 21 19.79 6.09 37.40
C ARG D 21 19.49 4.92 36.47
N VAL D 22 20.28 3.86 36.63
CA VAL D 22 20.22 2.63 35.80
C VAL D 22 19.91 1.45 36.71
N PRO D 23 19.14 0.44 36.26
CA PRO D 23 18.90 -0.76 37.07
C PRO D 23 20.24 -1.47 37.37
N ALA D 24 20.35 -2.12 38.54
CA ALA D 24 21.66 -2.64 39.01
C ALA D 24 22.06 -3.88 38.21
N LYS D 25 21.11 -4.76 37.88
CA LYS D 25 21.36 -5.97 37.05
C LYS D 25 21.65 -5.59 35.58
N ALA D 26 21.37 -4.36 35.15
CA ALA D 26 21.55 -3.99 33.73
C ALA D 26 23.03 -3.83 33.37
N LEU D 27 23.40 -4.22 32.16
CA LEU D 27 24.78 -4.07 31.68
C LEU D 27 24.88 -2.84 30.78
N TRP D 28 23.78 -2.23 30.38
CA TRP D 28 23.84 -0.99 29.58
C TRP D 28 24.21 0.19 30.47
N ARG D 29 24.67 1.28 29.89
CA ARG D 29 25.06 2.43 30.76
C ARG D 29 24.20 3.67 30.53
N ALA D 30 24.78 4.85 30.71
CA ALA D 30 24.06 6.13 30.65
C ALA D 30 23.42 6.45 29.29
N GLN D 31 24.12 6.31 28.18
CA GLN D 31 23.50 6.71 26.89
C GLN D 31 22.26 5.87 26.62
N THR D 32 22.35 4.58 26.87
CA THR D 32 21.19 3.68 26.66
C THR D 32 20.04 4.12 27.56
N GLN D 33 20.32 4.47 28.81
CA GLN D 33 19.25 4.91 29.75
C GLN D 33 18.61 6.19 29.23
N ARG D 34 19.40 7.13 28.71
CA ARG D 34 18.81 8.36 28.15
C ARG D 34 17.83 7.99 27.01
N ALA D 35 18.22 7.05 26.16
CA ALA D 35 17.40 6.56 25.02
C ALA D 35 16.12 5.89 25.53
N VAL D 36 16.18 5.12 26.61
CA VAL D 36 14.99 4.47 27.26
C VAL D 36 14.02 5.59 27.62
N GLU D 37 14.55 6.71 28.10
CA GLU D 37 13.74 7.86 28.60
C GLU D 37 13.23 8.68 27.41
N ASN D 38 13.98 8.76 26.29
CA ASN D 38 13.64 9.64 25.14
C ASN D 38 12.54 9.04 24.26
N PHE D 39 12.41 7.71 24.21
CA PHE D 39 11.56 7.04 23.18
C PHE D 39 10.61 6.00 23.78
N PRO D 40 9.75 6.32 24.77
CA PRO D 40 8.73 5.38 25.22
C PRO D 40 7.54 5.39 24.25
N ILE D 41 7.67 4.72 23.10
CA ILE D 41 6.71 4.86 21.97
C ILE D 41 5.95 3.55 21.79
N SER D 42 6.64 2.44 21.53
CA SER D 42 6.04 1.11 21.19
C SER D 42 6.14 0.17 22.39
N GLY D 43 7.14 0.36 23.25
CA GLY D 43 7.45 -0.56 24.36
C GLY D 43 8.07 -1.86 23.87
N ARG D 44 8.56 -1.89 22.63
CA ARG D 44 9.23 -3.07 22.02
C ARG D 44 10.63 -2.62 21.60
N GLY D 45 11.64 -3.45 21.88
CA GLY D 45 13.04 -3.24 21.52
C GLY D 45 13.48 -4.15 20.38
N LEU D 46 14.77 -4.20 20.11
CA LEU D 46 15.37 -5.07 19.05
C LEU D 46 15.01 -6.51 19.34
N GLU D 47 14.83 -7.27 18.27
CA GLU D 47 14.63 -8.75 18.34
C GLU D 47 15.97 -9.44 18.53
N ARG D 48 15.94 -10.72 18.91
CA ARG D 48 17.12 -11.61 19.10
C ARG D 48 18.04 -11.53 17.89
N THR D 49 17.48 -11.59 16.69
CA THR D 49 18.25 -11.61 15.43
C THR D 49 19.14 -10.37 15.34
N GLN D 50 18.60 -9.20 15.70
CA GLN D 50 19.25 -7.89 15.53
C GLN D 50 20.32 -7.74 16.61
N ILE D 51 20.03 -8.21 17.81
CA ILE D 51 21.00 -8.23 18.95
C ILE D 51 22.17 -9.09 18.54
N ARG D 52 21.88 -10.28 18.01
CA ARG D 52 22.91 -11.26 17.58
C ARG D 52 23.84 -10.58 16.58
N ALA D 53 23.27 -9.94 15.53
CA ALA D 53 24.04 -9.35 14.41
C ALA D 53 24.93 -8.22 14.94
N LEU D 54 24.44 -7.44 15.89
CA LEU D 54 25.22 -6.33 16.49
C LEU D 54 26.42 -6.93 17.22
N GLY D 55 26.19 -8.02 17.96
CA GLY D 55 27.28 -8.79 18.60
C GLY D 55 28.29 -9.31 17.59
N LEU D 56 27.81 -10.00 16.57
CA LEU D 56 28.67 -10.48 15.46
C LEU D 56 29.53 -9.33 14.92
N LEU D 57 28.91 -8.18 14.62
CA LEU D 57 29.58 -7.01 14.01
C LEU D 57 30.67 -6.50 14.97
N LYS D 58 30.36 -6.32 16.26
CA LYS D 58 31.34 -5.76 17.24
C LYS D 58 32.55 -6.70 17.41
N GLY D 59 32.32 -8.01 17.41
CA GLY D 59 33.39 -9.02 17.50
C GLY D 59 34.32 -8.91 16.30
N ALA D 60 33.74 -8.71 15.11
CA ALA D 60 34.50 -8.69 13.84
C ALA D 60 35.31 -7.41 13.79
N CYS D 61 34.72 -6.28 14.18
CA CYS D 61 35.40 -4.96 14.18
C CYS D 61 36.61 -5.00 15.13
N ALA D 62 36.46 -5.59 16.32
CA ALA D 62 37.55 -5.73 17.31
C ALA D 62 38.65 -6.62 16.73
N GLN D 63 38.29 -7.71 16.06
CA GLN D 63 39.26 -8.64 15.41
C GLN D 63 40.16 -7.89 14.41
N VAL D 64 39.56 -7.09 13.53
CA VAL D 64 40.26 -6.35 12.45
C VAL D 64 41.09 -5.20 13.04
N ASN D 65 40.51 -4.47 14.00
CA ASN D 65 41.22 -3.42 14.77
C ASN D 65 42.45 -4.03 15.49
N SER D 66 42.33 -5.23 16.04
CA SER D 66 43.50 -5.92 16.65
C SER D 66 44.47 -6.30 15.52
N ASP D 67 43.97 -6.87 14.41
CA ASP D 67 44.83 -7.36 13.28
C ASP D 67 45.59 -6.18 12.71
N LEU D 68 45.03 -4.96 12.71
CA LEU D 68 45.68 -3.78 12.11
C LEU D 68 46.57 -3.08 13.14
N GLY D 69 46.68 -3.65 14.34
CA GLY D 69 47.48 -3.08 15.46
C GLY D 69 46.92 -1.73 15.91
N LEU D 70 45.59 -1.49 15.81
CA LEU D 70 44.97 -0.18 16.21
C LEU D 70 44.42 -0.32 17.62
N LEU D 71 44.19 -1.54 18.06
CA LEU D 71 43.52 -1.90 19.32
C LEU D 71 44.39 -2.93 20.04
N ALA D 72 44.81 -2.63 21.29
CA ALA D 72 45.64 -3.51 22.13
C ALA D 72 44.96 -4.87 22.23
N PRO D 73 45.69 -5.98 22.06
CA PRO D 73 45.08 -7.31 21.96
C PRO D 73 44.24 -7.70 23.18
N GLU D 74 44.66 -7.29 24.38
N GLU D 74 44.57 -7.24 24.38
CA GLU D 74 43.90 -7.46 25.67
CA GLU D 74 43.82 -7.59 25.62
C GLU D 74 42.47 -6.95 25.46
C GLU D 74 42.45 -6.89 25.62
N LYS D 75 42.34 -5.69 25.04
CA LYS D 75 41.02 -5.02 24.83
C LYS D 75 40.25 -5.78 23.74
N ALA D 76 40.89 -6.13 22.62
CA ALA D 76 40.26 -6.83 21.47
C ALA D 76 39.71 -8.14 21.97
N ASP D 77 40.49 -8.87 22.77
CA ASP D 77 40.13 -10.20 23.31
C ASP D 77 38.85 -10.09 24.14
N ALA D 78 38.78 -9.07 25.00
CA ALA D 78 37.63 -8.85 25.91
C ALA D 78 36.40 -8.48 25.09
N ILE D 79 36.55 -7.62 24.07
CA ILE D 79 35.42 -7.22 23.20
C ILE D 79 34.93 -8.48 22.50
N ILE D 80 35.85 -9.22 21.89
CA ILE D 80 35.54 -10.48 21.14
C ILE D 80 34.81 -11.47 22.04
N ALA D 81 35.21 -11.61 23.30
CA ALA D 81 34.55 -12.54 24.27
C ALA D 81 33.13 -12.07 24.54
N ALA D 82 32.96 -10.81 24.93
CA ALA D 82 31.64 -10.20 25.23
C ALA D 82 30.74 -10.28 23.99
N ALA D 83 31.24 -9.88 22.82
CA ALA D 83 30.51 -9.94 21.52
C ALA D 83 30.01 -11.37 21.24
N ALA D 84 30.80 -12.39 21.57
CA ALA D 84 30.42 -13.80 21.31
C ALA D 84 29.25 -14.16 22.23
N GLU D 85 29.26 -13.66 23.47
CA GLU D 85 28.14 -13.87 24.41
C GLU D 85 26.89 -13.26 23.80
N ILE D 86 26.99 -11.99 23.37
CA ILE D 86 25.83 -11.25 22.77
C ILE D 86 25.31 -12.04 21.56
N ALA D 87 26.21 -12.47 20.66
CA ALA D 87 25.85 -13.21 19.43
C ALA D 87 25.15 -14.53 19.75
N ASP D 88 25.40 -15.11 20.93
CA ASP D 88 24.95 -16.47 21.39
C ASP D 88 23.67 -16.31 22.22
N GLY D 89 23.13 -15.10 22.31
CA GLY D 89 21.82 -14.85 22.90
C GLY D 89 21.85 -14.75 24.41
N GLN D 90 23.02 -14.60 25.04
CA GLN D 90 23.13 -14.59 26.52
C GLN D 90 22.76 -13.22 27.10
N HIS D 91 22.45 -12.22 26.27
CA HIS D 91 22.22 -10.84 26.77
C HIS D 91 21.01 -10.19 26.07
N ASP D 92 20.04 -10.98 25.63
CA ASP D 92 18.89 -10.48 24.82
C ASP D 92 18.01 -9.57 25.71
N ASP D 93 18.35 -9.41 26.99
CA ASP D 93 17.62 -8.60 28.00
C ASP D 93 18.39 -7.31 28.36
N GLN D 94 19.50 -7.01 27.70
CA GLN D 94 20.30 -5.77 27.96
C GLN D 94 20.11 -4.72 26.84
N PHE D 95 19.03 -4.85 26.06
CA PHE D 95 18.75 -4.01 24.87
C PHE D 95 17.34 -3.43 24.98
N PRO D 96 17.15 -2.47 25.89
CA PRO D 96 15.82 -1.97 26.20
C PRO D 96 15.31 -0.84 25.32
N ILE D 97 16.10 -0.37 24.37
CA ILE D 97 15.75 0.84 23.55
C ILE D 97 14.62 0.50 22.59
N ASP D 98 13.66 1.41 22.48
CA ASP D 98 12.51 1.27 21.56
C ASP D 98 13.03 1.12 20.14
N VAL D 99 12.32 0.35 19.35
CA VAL D 99 12.47 0.34 17.87
C VAL D 99 12.48 1.76 17.30
N PHE D 100 11.51 2.57 17.74
CA PHE D 100 11.27 3.96 17.27
C PHE D 100 12.22 4.90 18.02
N GLN D 101 13.43 4.95 17.52
CA GLN D 101 14.58 5.70 18.07
C GLN D 101 15.18 6.55 16.94
N THR D 102 16.28 7.24 17.23
CA THR D 102 17.08 7.92 16.20
C THR D 102 17.23 7.01 14.99
N GLY D 103 16.95 7.58 13.83
CA GLY D 103 16.70 6.84 12.60
C GLY D 103 17.94 6.23 11.99
N SER D 104 19.12 6.58 12.51
CA SER D 104 20.39 5.93 12.14
C SER D 104 20.53 4.59 12.88
N GLY D 105 19.83 4.39 13.99
CA GLY D 105 20.06 3.25 14.91
C GLY D 105 21.27 3.50 15.80
N THR D 106 21.75 4.76 15.90
CA THR D 106 22.92 5.09 16.75
C THR D 106 22.67 4.68 18.20
N SER D 107 21.45 4.87 18.74
CA SER D 107 21.13 4.54 20.14
C SER D 107 21.41 3.05 20.40
N SER D 108 20.89 2.18 19.56
CA SER D 108 21.14 0.71 19.66
C SER D 108 22.63 0.39 19.47
N ASN D 109 23.32 1.09 18.57
CA ASN D 109 24.79 0.96 18.41
C ASN D 109 25.45 1.23 19.79
N MET D 110 25.15 2.37 20.38
CA MET D 110 25.71 2.78 21.70
C MET D 110 25.31 1.79 22.80
N ASN D 111 24.08 1.30 22.76
CA ASN D 111 23.60 0.21 23.67
C ASN D 111 24.57 -0.98 23.54
N THR D 112 24.98 -1.34 22.33
CA THR D 112 25.88 -2.52 22.14
C THR D 112 27.27 -2.21 22.73
N ASN D 113 27.75 -1.00 22.52
CA ASN D 113 29.08 -0.56 22.99
C ASN D 113 29.14 -0.64 24.52
N GLU D 114 28.11 -0.09 25.17
CA GLU D 114 28.03 -0.03 26.65
C GLU D 114 27.90 -1.42 27.27
N VAL D 115 27.08 -2.29 26.71
CA VAL D 115 26.93 -3.67 27.26
C VAL D 115 28.26 -4.39 27.14
N ILE D 116 28.96 -4.23 26.03
CA ILE D 116 30.29 -4.89 25.87
C ILE D 116 31.27 -4.31 26.92
N ALA D 117 31.22 -3.01 27.15
CA ALA D 117 32.14 -2.42 28.14
C ALA D 117 31.87 -3.03 29.51
N SER D 118 30.59 -3.13 29.87
CA SER D 118 30.24 -3.65 31.21
C SER D 118 30.62 -5.12 31.31
N ILE D 119 30.38 -5.91 30.28
CA ILE D 119 30.75 -7.34 30.37
C ILE D 119 32.26 -7.46 30.54
N ALA D 120 33.04 -6.68 29.80
CA ALA D 120 34.51 -6.76 29.87
C ALA D 120 34.98 -6.39 31.27
N ALA D 121 34.37 -5.37 31.86
CA ALA D 121 34.74 -4.90 33.20
C ALA D 121 34.57 -6.02 34.24
N LYS D 122 33.58 -6.91 34.08
CA LYS D 122 33.39 -8.08 34.98
C LYS D 122 34.62 -8.98 34.93
N GLY D 123 35.31 -9.07 33.79
CA GLY D 123 36.55 -9.88 33.67
C GLY D 123 37.81 -9.04 33.85
N GLY D 124 37.72 -7.84 34.45
CA GLY D 124 38.87 -7.01 34.90
C GLY D 124 39.41 -6.07 33.84
N VAL D 125 38.81 -6.03 32.65
CA VAL D 125 39.31 -5.21 31.50
C VAL D 125 38.43 -3.95 31.37
N THR D 126 39.08 -2.80 31.29
CA THR D 126 38.36 -1.51 31.13
C THR D 126 38.35 -1.11 29.66
N LEU D 127 37.14 -1.04 29.10
CA LEU D 127 36.92 -0.64 27.69
C LEU D 127 36.11 0.65 27.67
N HIS D 128 36.50 1.58 26.83
CA HIS D 128 35.71 2.80 26.60
C HIS D 128 34.69 2.44 25.53
N PRO D 129 33.37 2.61 25.73
CA PRO D 129 32.38 2.19 24.71
C PRO D 129 32.66 2.78 23.32
N ASN D 130 32.98 4.05 23.25
CA ASN D 130 33.17 4.69 21.94
C ASN D 130 34.59 4.49 21.37
N ASP D 131 35.62 4.82 22.15
CA ASP D 131 37.01 4.86 21.62
C ASP D 131 37.52 3.44 21.35
N ASP D 132 37.17 2.46 22.20
CA ASP D 132 37.55 1.02 22.02
C ASP D 132 36.47 0.26 21.23
N VAL D 133 35.27 0.13 21.76
CA VAL D 133 34.29 -0.81 21.16
C VAL D 133 33.74 -0.23 19.83
N ASN D 134 33.72 1.10 19.66
CA ASN D 134 33.26 1.75 18.42
C ASN D 134 34.45 2.19 17.57
N MET D 135 35.66 1.71 17.84
CA MET D 135 36.86 2.11 17.07
C MET D 135 36.72 1.77 15.59
N SER D 136 36.99 2.73 14.70
CA SER D 136 36.96 2.64 13.21
C SER D 136 35.54 2.61 12.66
N GLN D 137 34.56 2.88 13.52
CA GLN D 137 33.14 2.81 13.16
C GLN D 137 32.49 4.17 13.41
N SER D 138 31.33 4.32 12.83
CA SER D 138 30.62 5.59 13.05
C SER D 138 29.28 5.26 13.69
N SER D 139 28.49 6.28 13.92
CA SER D 139 27.15 5.99 14.44
C SER D 139 26.17 5.63 13.30
N ASN D 140 26.59 5.72 12.02
CA ASN D 140 25.75 5.54 10.80
C ASN D 140 26.08 4.33 9.92
N ASP D 141 27.22 3.66 10.09
CA ASP D 141 27.51 2.49 9.22
C ASP D 141 27.32 1.18 9.97
N THR D 142 27.12 1.24 11.27
CA THR D 142 27.02 0.04 12.13
C THR D 142 25.59 -0.57 12.13
N PHE D 143 24.59 0.21 12.47
CA PHE D 143 23.21 -0.36 12.57
C PHE D 143 22.73 -0.86 11.20
N PRO D 144 22.94 -0.18 10.06
CA PRO D 144 22.51 -0.75 8.77
C PRO D 144 23.28 -2.05 8.48
N THR D 145 24.54 -2.15 8.89
CA THR D 145 25.35 -3.38 8.66
C THR D 145 24.71 -4.56 9.42
N ALA D 146 24.40 -4.37 10.71
CA ALA D 146 23.80 -5.42 11.56
C ALA D 146 22.44 -5.80 10.97
N THR D 147 21.72 -4.82 10.43
CA THR D 147 20.38 -5.04 9.83
C THR D 147 20.52 -5.98 8.63
N HIS D 148 21.46 -5.72 7.72
CA HIS D 148 21.70 -6.56 6.52
C HIS D 148 22.33 -7.93 6.83
N ILE D 149 23.22 -8.02 7.84
CA ILE D 149 23.64 -9.32 8.42
C ILE D 149 22.40 -10.15 8.83
N ALA D 150 21.52 -9.58 9.66
CA ALA D 150 20.34 -10.26 10.22
C ALA D 150 19.40 -10.68 9.08
N ALA D 151 19.21 -9.83 8.10
CA ALA D 151 18.25 -10.09 7.01
C ALA D 151 18.82 -11.19 6.10
N THR D 152 20.12 -11.12 5.79
CA THR D 152 20.81 -12.14 4.96
C THR D 152 20.74 -13.48 5.70
N GLU D 153 21.10 -13.53 6.98
CA GLU D 153 21.00 -14.80 7.76
C GLU D 153 19.54 -15.30 7.77
N ALA D 154 18.57 -14.43 7.95
CA ALA D 154 17.14 -14.80 8.00
C ALA D 154 16.75 -15.41 6.65
N ALA D 155 17.23 -14.86 5.54
CA ALA D 155 16.85 -15.35 4.19
C ALA D 155 17.51 -16.71 3.98
N VAL D 156 18.81 -16.80 4.23
CA VAL D 156 19.63 -17.97 3.77
C VAL D 156 19.46 -19.16 4.73
N ALA D 157 19.55 -18.95 6.03
CA ALA D 157 19.62 -20.07 7.00
C ALA D 157 18.22 -20.42 7.51
N HIS D 158 17.19 -19.59 7.35
CA HIS D 158 15.86 -19.83 7.95
C HIS D 158 14.76 -19.87 6.88
N LEU D 159 14.55 -18.78 6.15
CA LEU D 159 13.38 -18.72 5.22
C LEU D 159 13.50 -19.77 4.13
N ILE D 160 14.61 -19.79 3.39
CA ILE D 160 14.80 -20.67 2.19
C ILE D 160 14.61 -22.13 2.60
N PRO D 161 15.23 -22.63 3.69
CA PRO D 161 14.94 -24.00 4.16
C PRO D 161 13.45 -24.24 4.49
N ALA D 162 12.79 -23.28 5.12
CA ALA D 162 11.35 -23.41 5.47
C ALA D 162 10.51 -23.52 4.18
N LEU D 163 10.76 -22.65 3.22
CA LEU D 163 10.03 -22.68 1.92
C LEU D 163 10.35 -24.00 1.23
N GLN D 164 11.58 -24.51 1.35
CA GLN D 164 11.97 -25.78 0.68
C GLN D 164 11.17 -26.94 1.30
N GLN D 165 10.93 -26.88 2.61
CA GLN D 165 10.12 -27.89 3.36
C GLN D 165 8.67 -27.83 2.85
N LEU D 166 8.15 -26.63 2.64
CA LEU D 166 6.77 -26.42 2.15
C LEU D 166 6.68 -26.88 0.70
N HIS D 167 7.63 -26.51 -0.14
CA HIS D 167 7.69 -26.98 -1.55
C HIS D 167 7.63 -28.51 -1.57
N ASP D 168 8.47 -29.14 -0.76
CA ASP D 168 8.62 -30.61 -0.78
C ASP D 168 7.30 -31.28 -0.32
N ALA D 169 6.56 -30.69 0.62
CA ALA D 169 5.25 -31.24 1.07
C ALA D 169 4.24 -31.08 -0.06
N LEU D 170 4.22 -29.92 -0.73
CA LEU D 170 3.32 -29.67 -1.88
C LEU D 170 3.65 -30.65 -3.03
N ALA D 171 4.91 -30.82 -3.39
CA ALA D 171 5.37 -31.73 -4.47
C ALA D 171 5.02 -33.18 -4.15
N ALA D 172 5.09 -33.60 -2.89
CA ALA D 172 4.76 -34.98 -2.46
C ALA D 172 3.29 -35.26 -2.76
N LYS D 173 2.42 -34.29 -2.46
CA LYS D 173 0.96 -34.34 -2.73
C LYS D 173 0.69 -34.33 -4.24
N ALA D 174 1.43 -33.54 -5.01
CA ALA D 174 1.25 -33.49 -6.47
C ALA D 174 1.47 -34.89 -7.03
N LEU D 175 2.42 -35.63 -6.44
CA LEU D 175 2.77 -37.00 -6.90
C LEU D 175 1.73 -37.99 -6.36
N ASP D 176 1.40 -37.95 -5.07
N ASP D 176 1.37 -37.88 -5.07
CA ASP D 176 0.37 -38.85 -4.49
CA ASP D 176 0.38 -38.75 -4.37
C ASP D 176 -0.88 -38.75 -5.37
C ASP D 176 -0.98 -38.67 -5.07
N TRP D 177 -1.30 -37.52 -5.69
CA TRP D 177 -2.63 -37.25 -6.29
C TRP D 177 -2.57 -37.06 -7.81
N HIS D 178 -1.51 -37.54 -8.47
CA HIS D 178 -1.30 -37.41 -9.94
C HIS D 178 -2.55 -37.84 -10.73
N THR D 179 -3.27 -38.88 -10.32
CA THR D 179 -4.45 -39.40 -11.06
C THR D 179 -5.76 -39.20 -10.29
N VAL D 180 -5.78 -38.32 -9.28
CA VAL D 180 -7.04 -38.00 -8.53
C VAL D 180 -7.80 -36.93 -9.32
N VAL D 181 -8.61 -37.41 -10.24
CA VAL D 181 -9.35 -36.51 -11.14
C VAL D 181 -10.44 -35.76 -10.38
N LYS D 182 -10.68 -34.54 -10.82
CA LYS D 182 -11.70 -33.66 -10.22
C LYS D 182 -12.14 -32.64 -11.28
N SER D 183 -13.12 -31.84 -10.93
CA SER D 183 -13.53 -30.81 -11.89
C SER D 183 -12.59 -29.60 -11.83
N GLY D 184 -12.27 -29.02 -12.97
CA GLY D 184 -11.58 -27.72 -12.96
C GLY D 184 -12.58 -26.60 -12.62
N ARG D 185 -12.09 -25.49 -12.10
CA ARG D 185 -12.99 -24.34 -11.86
C ARG D 185 -12.31 -23.08 -12.41
N THR D 186 -12.98 -22.40 -13.32
CA THR D 186 -12.48 -21.08 -13.75
C THR D 186 -13.60 -20.10 -13.46
N HIS D 187 -13.24 -18.93 -12.92
CA HIS D 187 -14.23 -17.90 -12.51
C HIS D 187 -15.17 -18.50 -11.46
N LEU D 188 -14.73 -19.58 -10.79
CA LEU D 188 -15.51 -20.33 -9.78
C LEU D 188 -16.58 -21.20 -10.47
N MET D 189 -16.60 -21.23 -11.80
CA MET D 189 -17.62 -21.97 -12.57
C MET D 189 -17.04 -23.30 -13.06
N ASP D 190 -17.91 -24.31 -13.16
CA ASP D 190 -17.54 -25.68 -13.63
C ASP D 190 -16.73 -25.53 -14.91
N ALA D 191 -15.56 -26.17 -14.95
CA ALA D 191 -14.65 -26.22 -16.13
C ALA D 191 -14.25 -27.67 -16.35
N VAL D 192 -13.48 -27.89 -17.42
CA VAL D 192 -13.02 -29.25 -17.83
C VAL D 192 -12.16 -29.86 -16.74
N PRO D 193 -12.05 -31.21 -16.73
CA PRO D 193 -11.32 -31.88 -15.66
C PRO D 193 -9.85 -31.48 -15.50
N VAL D 194 -9.37 -31.55 -14.26
CA VAL D 194 -7.93 -31.47 -13.87
C VAL D 194 -7.74 -32.56 -12.84
N THR D 195 -6.52 -32.73 -12.35
CA THR D 195 -6.28 -33.60 -11.19
C THR D 195 -5.86 -32.73 -10.02
N LEU D 196 -6.13 -33.22 -8.82
CA LEU D 196 -5.72 -32.55 -7.56
C LEU D 196 -4.19 -32.46 -7.59
N GLY D 197 -3.55 -33.49 -8.13
CA GLY D 197 -2.10 -33.52 -8.40
C GLY D 197 -1.62 -32.28 -9.16
N GLN D 198 -2.23 -31.99 -10.30
CA GLN D 198 -1.85 -30.85 -11.16
C GLN D 198 -1.95 -29.55 -10.36
N GLU D 199 -3.03 -29.38 -9.60
CA GLU D 199 -3.19 -28.13 -8.81
C GLU D 199 -2.04 -28.01 -7.82
N PHE D 200 -1.68 -29.11 -7.15
CA PHE D 200 -0.57 -29.11 -6.15
C PHE D 200 0.78 -28.86 -6.84
N SER D 201 0.91 -29.30 -8.07
CA SER D 201 2.15 -29.03 -8.86
C SER D 201 2.23 -27.52 -9.11
N GLY D 202 1.11 -26.85 -9.34
CA GLY D 202 1.03 -25.38 -9.46
C GLY D 202 1.43 -24.69 -8.16
N TYR D 203 0.88 -25.15 -7.03
CA TYR D 203 1.23 -24.60 -5.69
C TYR D 203 2.72 -24.80 -5.45
N ALA D 204 3.26 -25.99 -5.78
CA ALA D 204 4.67 -26.31 -5.53
C ALA D 204 5.50 -25.33 -6.36
N ARG D 205 5.12 -25.08 -7.61
CA ARG D 205 5.95 -24.19 -8.47
C ARG D 205 5.94 -22.78 -7.87
N GLN D 206 4.80 -22.33 -7.34
CA GLN D 206 4.71 -20.98 -6.72
C GLN D 206 5.74 -20.86 -5.58
N ILE D 207 5.87 -21.88 -4.75
CA ILE D 207 6.87 -21.84 -3.62
C ILE D 207 8.30 -21.94 -4.16
N GLU D 208 8.54 -22.81 -5.16
CA GLU D 208 9.85 -22.87 -5.85
C GLU D 208 10.23 -21.51 -6.44
N ALA D 209 9.32 -20.86 -7.15
CA ALA D 209 9.51 -19.49 -7.68
C ALA D 209 9.77 -18.52 -6.51
N GLY D 210 9.11 -18.67 -5.36
CA GLY D 210 9.39 -17.87 -4.15
C GLY D 210 10.84 -18.02 -3.73
N ILE D 211 11.34 -19.26 -3.71
CA ILE D 211 12.77 -19.48 -3.34
C ILE D 211 13.65 -18.79 -4.38
N GLU D 212 13.31 -18.89 -5.66
CA GLU D 212 14.14 -18.23 -6.72
C GLU D 212 14.16 -16.71 -6.50
N ARG D 213 13.03 -16.16 -6.07
CA ARG D 213 12.85 -14.70 -5.84
C ARG D 213 13.76 -14.27 -4.69
N VAL D 214 13.83 -15.06 -3.63
CA VAL D 214 14.72 -14.74 -2.47
C VAL D 214 16.16 -14.82 -2.94
N ARG D 215 16.52 -15.93 -3.61
N ARG D 215 16.54 -15.93 -3.59
CA ARG D 215 17.90 -16.17 -4.08
CA ARG D 215 17.95 -16.13 -4.05
C ARG D 215 18.35 -14.97 -4.92
C ARG D 215 18.35 -14.93 -4.90
N ALA D 216 17.48 -14.45 -5.79
CA ALA D 216 17.80 -13.37 -6.73
C ALA D 216 18.11 -12.05 -6.01
N CYS D 217 17.62 -11.81 -4.78
CA CYS D 217 17.84 -10.51 -4.10
C CYS D 217 19.13 -10.56 -3.28
N LEU D 218 19.73 -11.73 -3.10
CA LEU D 218 20.86 -11.90 -2.14
C LEU D 218 22.07 -11.06 -2.50
N PRO D 219 22.43 -10.86 -3.80
CA PRO D 219 23.59 -10.04 -4.14
C PRO D 219 23.48 -8.60 -3.59
N ARG D 220 22.28 -8.08 -3.42
CA ARG D 220 22.11 -6.69 -2.91
C ARG D 220 21.74 -6.77 -1.43
N LEU D 221 20.94 -7.74 -0.99
CA LEU D 221 20.57 -7.84 0.45
C LEU D 221 21.85 -7.97 1.27
N GLY D 222 22.86 -8.68 0.76
CA GLY D 222 24.06 -9.05 1.55
C GLY D 222 25.09 -7.92 1.63
N GLU D 223 24.84 -6.79 0.96
CA GLU D 223 25.80 -5.66 0.92
C GLU D 223 25.80 -4.99 2.31
N LEU D 224 26.99 -4.80 2.88
CA LEU D 224 27.19 -4.19 4.21
C LEU D 224 27.89 -2.85 4.05
N ALA D 225 27.45 -1.87 4.85
CA ALA D 225 27.94 -0.49 4.80
C ALA D 225 29.25 -0.39 5.58
N ILE D 226 29.53 -1.35 6.43
CA ILE D 226 30.68 -1.24 7.38
C ILE D 226 31.98 -0.72 6.73
N GLY D 227 32.60 0.27 7.35
CA GLY D 227 33.80 0.91 6.81
C GLY D 227 33.52 2.24 6.13
N GLY D 228 32.26 2.52 5.81
CA GLY D 228 31.84 3.79 5.20
C GLY D 228 31.91 4.95 6.19
N THR D 229 31.79 4.66 7.48
CA THR D 229 31.81 5.70 8.55
C THR D 229 30.65 6.69 8.41
N ALA D 230 30.86 7.91 8.87
CA ALA D 230 29.75 8.87 9.05
C ALA D 230 28.97 9.16 7.78
N VAL D 231 29.66 9.34 6.66
CA VAL D 231 28.98 9.77 5.40
C VAL D 231 29.23 8.87 4.19
N GLY D 232 29.92 7.75 4.35
CA GLY D 232 30.23 6.87 3.22
C GLY D 232 31.64 7.01 2.67
N THR D 233 32.41 7.99 3.15
CA THR D 233 33.78 8.27 2.65
C THR D 233 34.85 7.36 3.26
N GLY D 234 34.56 6.73 4.39
CA GLY D 234 35.57 5.92 5.08
C GLY D 234 36.46 6.75 5.99
N LEU D 235 36.17 8.04 6.15
CA LEU D 235 37.01 8.89 7.02
C LEU D 235 37.02 8.31 8.43
N ASN D 236 38.21 8.27 9.02
CA ASN D 236 38.47 7.74 10.38
C ASN D 236 38.41 6.20 10.43
N ALA D 237 38.51 5.55 9.28
CA ALA D 237 38.56 4.09 9.24
C ALA D 237 39.71 3.68 8.31
N PRO D 238 40.35 2.54 8.57
CA PRO D 238 41.30 1.97 7.64
C PRO D 238 40.66 1.77 6.25
N ASP D 239 41.44 2.04 5.19
CA ASP D 239 40.97 1.91 3.78
C ASP D 239 40.37 0.50 3.53
N ASP D 240 40.83 -0.52 4.22
CA ASP D 240 40.39 -1.90 3.90
C ASP D 240 39.50 -2.44 5.03
N PHE D 241 38.96 -1.56 5.88
CA PHE D 241 38.19 -1.98 7.08
C PHE D 241 37.01 -2.84 6.65
N GLY D 242 36.22 -2.35 5.69
CA GLY D 242 35.02 -3.04 5.18
C GLY D 242 35.36 -4.45 4.74
N VAL D 243 36.32 -4.57 3.82
CA VAL D 243 36.69 -5.86 3.19
C VAL D 243 37.19 -6.81 4.29
N ARG D 244 37.95 -6.32 5.29
CA ARG D 244 38.51 -7.21 6.32
C ARG D 244 37.41 -7.68 7.27
N VAL D 245 36.52 -6.77 7.69
CA VAL D 245 35.37 -7.08 8.59
C VAL D 245 34.46 -8.07 7.87
N VAL D 246 34.10 -7.80 6.64
CA VAL D 246 33.22 -8.74 5.90
C VAL D 246 33.86 -10.14 5.93
N ALA D 247 35.18 -10.23 5.74
CA ALA D 247 35.86 -11.53 5.63
C ALA D 247 35.74 -12.24 6.98
N VAL D 248 35.92 -11.54 8.10
CA VAL D 248 35.73 -12.15 9.46
C VAL D 248 34.27 -12.61 9.60
N LEU D 249 33.31 -11.80 9.17
CA LEU D 249 31.88 -12.13 9.39
C LEU D 249 31.52 -13.38 8.58
N VAL D 250 32.00 -13.47 7.34
CA VAL D 250 31.70 -14.61 6.44
C VAL D 250 32.30 -15.89 7.08
N ALA D 251 33.49 -15.78 7.63
CA ALA D 251 34.22 -16.88 8.31
C ALA D 251 33.46 -17.40 9.52
N GLN D 252 32.96 -16.49 10.34
CA GLN D 252 32.26 -16.82 11.61
C GLN D 252 30.83 -17.30 11.34
N THR D 253 30.14 -16.75 10.36
CA THR D 253 28.71 -17.08 10.13
C THR D 253 28.53 -18.19 9.08
N GLY D 254 29.52 -18.47 8.24
CA GLY D 254 29.32 -19.33 7.06
C GLY D 254 28.45 -18.68 5.98
N LEU D 255 28.15 -17.38 6.06
CA LEU D 255 27.26 -16.66 5.10
C LEU D 255 28.12 -16.01 4.01
N SER D 256 28.39 -16.78 2.95
CA SER D 256 29.11 -16.32 1.75
C SER D 256 28.39 -15.17 1.03
N GLU D 257 27.11 -14.90 1.36
CA GLU D 257 26.26 -13.84 0.72
C GLU D 257 26.62 -12.45 1.28
N LEU D 258 27.29 -12.37 2.43
CA LEU D 258 27.70 -11.06 3.00
C LEU D 258 28.81 -10.52 2.08
N ARG D 259 28.74 -9.26 1.71
CA ARG D 259 29.71 -8.63 0.81
C ARG D 259 29.87 -7.15 1.16
N THR D 260 30.98 -6.56 0.74
N THR D 260 30.98 -6.55 0.76
CA THR D 260 31.22 -5.10 0.84
CA THR D 260 31.18 -5.10 0.92
C THR D 260 30.18 -4.42 -0.05
C THR D 260 30.21 -4.39 -0.06
N ALA D 261 29.76 -3.20 0.29
CA ALA D 261 28.84 -2.42 -0.56
C ALA D 261 29.50 -2.17 -1.91
N ALA D 262 28.75 -2.28 -3.02
CA ALA D 262 29.26 -1.88 -4.35
C ALA D 262 29.61 -0.39 -4.31
N ASN D 263 28.77 0.42 -3.70
CA ASN D 263 29.02 1.89 -3.61
C ASN D 263 28.77 2.29 -2.18
N SER D 264 29.78 2.86 -1.50
CA SER D 264 29.71 3.09 -0.04
C SER D 264 28.65 4.17 0.28
N PHE D 265 28.36 5.07 -0.67
CA PHE D 265 27.40 6.18 -0.56
C PHE D 265 26.01 5.59 -0.67
N GLU D 266 25.79 4.75 -1.68
CA GLU D 266 24.46 4.11 -1.89
C GLU D 266 24.10 3.32 -0.62
N ALA D 267 25.09 2.66 -0.04
CA ALA D 267 24.88 1.73 1.10
C ALA D 267 24.41 2.44 2.38
N GLN D 268 24.60 3.75 2.46
CA GLN D 268 24.19 4.52 3.67
C GLN D 268 23.12 5.56 3.33
N ALA D 269 23.15 6.09 2.13
CA ALA D 269 22.12 7.05 1.69
C ALA D 269 20.78 6.33 1.47
N ALA D 270 20.84 5.03 1.26
CA ALA D 270 19.63 4.25 0.91
C ALA D 270 19.68 2.88 1.58
N ARG D 271 18.51 2.26 1.69
CA ARG D 271 18.25 0.89 2.20
C ARG D 271 17.46 0.15 1.11
N ASP D 272 17.81 0.38 -0.17
CA ASP D 272 17.07 -0.14 -1.34
C ASP D 272 17.08 -1.66 -1.33
N GLY D 273 18.12 -2.25 -0.76
CA GLY D 273 18.27 -3.69 -0.58
C GLY D 273 17.19 -4.28 0.28
N LEU D 274 16.78 -3.59 1.34
CA LEU D 274 15.65 -4.07 2.20
C LEU D 274 14.34 -3.95 1.42
N VAL D 275 14.14 -2.85 0.69
CA VAL D 275 12.94 -2.65 -0.18
C VAL D 275 12.86 -3.77 -1.22
N GLU D 276 13.95 -4.05 -1.94
CA GLU D 276 14.02 -5.18 -2.91
C GLU D 276 13.62 -6.49 -2.22
N ALA D 277 14.23 -6.81 -1.07
CA ALA D 277 14.00 -8.08 -0.35
C ALA D 277 12.52 -8.18 0.06
N SER D 278 11.95 -7.07 0.52
CA SER D 278 10.55 -7.06 1.01
C SER D 278 9.63 -7.39 -0.15
N GLY D 279 9.97 -6.92 -1.35
CA GLY D 279 9.22 -7.25 -2.59
C GLY D 279 9.14 -8.74 -2.81
N ALA D 280 10.26 -9.46 -2.64
CA ALA D 280 10.29 -10.94 -2.73
C ALA D 280 9.36 -11.55 -1.66
N LEU D 281 9.45 -11.07 -0.41
CA LEU D 281 8.58 -11.59 0.68
C LEU D 281 7.09 -11.30 0.39
N ARG D 282 6.78 -10.11 -0.12
CA ARG D 282 5.39 -9.74 -0.49
C ARG D 282 4.92 -10.68 -1.59
N THR D 283 5.75 -11.00 -2.61
CA THR D 283 5.37 -11.93 -3.70
C THR D 283 5.08 -13.31 -3.06
N ILE D 284 5.88 -13.74 -2.10
CA ILE D 284 5.68 -15.05 -1.43
C ILE D 284 4.34 -15.01 -0.71
N ALA D 285 4.01 -13.86 -0.10
CA ALA D 285 2.78 -13.66 0.69
C ALA D 285 1.57 -13.75 -0.25
N VAL D 286 1.71 -13.18 -1.45
CA VAL D 286 0.69 -13.29 -2.52
C VAL D 286 0.51 -14.76 -2.95
N SER D 287 1.58 -15.49 -3.22
CA SER D 287 1.51 -16.94 -3.56
C SER D 287 0.82 -17.68 -2.41
N LEU D 288 1.23 -17.41 -1.18
CA LEU D 288 0.73 -18.18 -0.02
C LEU D 288 -0.78 -17.95 0.15
N THR D 289 -1.25 -16.75 -0.15
CA THR D 289 -2.69 -16.42 -0.02
C THR D 289 -3.51 -17.31 -0.98
N LYS D 290 -3.06 -17.44 -2.22
CA LYS D 290 -3.75 -18.25 -3.26
C LYS D 290 -3.73 -19.73 -2.82
N ILE D 291 -2.60 -20.17 -2.30
CA ILE D 291 -2.52 -21.60 -1.89
C ILE D 291 -3.44 -21.87 -0.69
N ALA D 292 -3.30 -21.08 0.37
CA ALA D 292 -4.13 -21.22 1.59
C ALA D 292 -5.62 -21.09 1.24
N ASN D 293 -5.97 -20.15 0.37
CA ASN D 293 -7.39 -19.92 0.02
C ASN D 293 -7.97 -21.15 -0.68
N ASP D 294 -7.24 -21.69 -1.65
CA ASP D 294 -7.73 -22.88 -2.38
C ASP D 294 -7.89 -24.04 -1.39
N ILE D 295 -6.92 -24.21 -0.51
CA ILE D 295 -6.96 -25.33 0.45
C ILE D 295 -8.16 -25.18 1.41
N ARG D 296 -8.41 -24.00 1.95
CA ARG D 296 -9.59 -23.88 2.85
C ARG D 296 -10.88 -24.10 2.05
N TRP D 297 -10.92 -23.59 0.83
CA TRP D 297 -12.12 -23.81 -0.03
C TRP D 297 -12.28 -25.30 -0.34
N MET D 298 -11.19 -26.01 -0.62
CA MET D 298 -11.27 -27.46 -0.91
C MET D 298 -11.78 -28.20 0.34
N GLY D 299 -11.40 -27.77 1.53
CA GLY D 299 -11.84 -28.45 2.76
C GLY D 299 -13.19 -27.95 3.29
N SER D 300 -13.82 -27.03 2.58
CA SER D 300 -15.04 -26.36 3.05
C SER D 300 -16.20 -27.36 3.21
N GLY D 301 -17.08 -27.13 4.20
CA GLY D 301 -18.36 -27.87 4.37
C GLY D 301 -18.49 -28.40 5.79
N PRO D 302 -18.70 -29.82 5.91
CA PRO D 302 -18.77 -31.14 4.87
C PRO D 302 -20.06 -31.12 4.03
N LEU D 303 -21.06 -30.31 4.39
CA LEU D 303 -22.36 -30.34 3.65
C LEU D 303 -22.62 -29.13 2.77
N THR D 304 -22.19 -27.94 3.16
CA THR D 304 -22.51 -26.71 2.38
C THR D 304 -21.30 -26.22 1.59
N GLY D 305 -20.22 -26.98 1.59
CA GLY D 305 -18.98 -26.57 0.90
C GLY D 305 -18.63 -27.48 -0.27
N LEU D 306 -17.35 -27.47 -0.65
CA LEU D 306 -16.83 -28.28 -1.78
C LEU D 306 -16.48 -29.69 -1.30
N ALA D 307 -16.09 -29.83 -0.03
CA ALA D 307 -15.77 -31.15 0.58
C ALA D 307 -14.85 -32.00 -0.29
N GLU D 308 -13.83 -31.39 -0.86
CA GLU D 308 -12.89 -32.06 -1.80
C GLU D 308 -11.81 -32.80 -0.99
N ILE D 309 -11.35 -32.21 0.11
CA ILE D 309 -10.24 -32.71 0.98
C ILE D 309 -10.67 -32.57 2.44
N GLN D 310 -9.99 -33.26 3.35
CA GLN D 310 -10.09 -33.07 4.82
C GLN D 310 -8.74 -32.58 5.34
N LEU D 311 -8.76 -31.44 6.04
CA LEU D 311 -7.55 -30.86 6.68
C LEU D 311 -7.35 -31.64 7.96
N PRO D 312 -6.11 -31.87 8.43
CA PRO D 312 -5.90 -32.37 9.78
C PRO D 312 -6.51 -31.43 10.85
N ASP D 313 -7.10 -32.06 11.86
CA ASP D 313 -7.75 -31.36 13.00
C ASP D 313 -6.67 -30.99 14.02
N LEU D 314 -6.59 -29.69 14.32
CA LEU D 314 -5.71 -29.09 15.37
C LEU D 314 -6.62 -28.47 16.44
N LYS D 324 -16.03 -31.46 12.03
CA LYS D 324 -16.02 -30.15 11.31
C LYS D 324 -14.75 -29.37 11.71
N VAL D 325 -13.68 -29.57 10.96
CA VAL D 325 -12.34 -28.99 11.23
C VAL D 325 -12.31 -27.56 10.67
N ASN D 326 -12.07 -26.54 11.51
CA ASN D 326 -11.82 -25.16 10.98
C ASN D 326 -10.43 -25.16 10.33
N PRO D 327 -10.25 -24.49 9.18
CA PRO D 327 -8.95 -24.39 8.52
C PRO D 327 -8.03 -23.36 9.20
N VAL D 328 -7.61 -23.69 10.42
CA VAL D 328 -6.91 -22.73 11.31
C VAL D 328 -5.57 -22.39 10.68
N LEU D 329 -4.85 -23.35 10.06
CA LEU D 329 -3.52 -23.00 9.51
C LEU D 329 -3.65 -22.15 8.24
N PRO D 330 -4.57 -22.43 7.30
CA PRO D 330 -4.83 -21.47 6.23
C PRO D 330 -5.20 -20.07 6.74
N GLU D 331 -5.89 -19.95 7.87
CA GLU D 331 -6.26 -18.62 8.43
C GLU D 331 -5.00 -17.95 8.98
N ALA D 332 -4.09 -18.71 9.59
CA ALA D 332 -2.83 -18.16 10.12
C ALA D 332 -1.95 -17.69 8.96
N VAL D 333 -1.86 -18.49 7.89
CA VAL D 333 -1.09 -18.18 6.68
C VAL D 333 -1.64 -16.88 6.04
N THR D 334 -2.95 -16.78 5.79
CA THR D 334 -3.53 -15.58 5.14
C THR D 334 -3.36 -14.36 6.03
N GLN D 335 -3.46 -14.50 7.34
CA GLN D 335 -3.20 -13.35 8.26
C GLN D 335 -1.73 -12.93 8.21
N VAL D 336 -0.82 -13.90 8.21
CA VAL D 336 0.63 -13.58 8.10
C VAL D 336 0.81 -12.81 6.78
N ALA D 337 0.19 -13.26 5.70
CA ALA D 337 0.38 -12.69 4.35
C ALA D 337 -0.03 -11.22 4.43
N ALA D 338 -1.17 -10.94 5.08
CA ALA D 338 -1.68 -9.55 5.25
C ALA D 338 -0.62 -8.76 6.00
N GLN D 339 -0.05 -9.34 7.04
CA GLN D 339 0.99 -8.64 7.83
C GLN D 339 2.20 -8.31 6.94
N VAL D 340 2.65 -9.23 6.07
CA VAL D 340 3.85 -9.05 5.20
C VAL D 340 3.55 -7.92 4.21
N ILE D 341 2.30 -7.83 3.71
CA ILE D 341 1.87 -6.75 2.78
C ILE D 341 1.95 -5.41 3.50
N GLY D 342 1.48 -5.32 4.74
CA GLY D 342 1.54 -4.06 5.47
C GLY D 342 2.96 -3.69 5.78
N ASN D 343 3.72 -4.64 6.30
CA ASN D 343 5.17 -4.47 6.60
C ASN D 343 5.88 -3.94 5.34
N ASP D 344 5.56 -4.51 4.19
CA ASP D 344 6.16 -4.15 2.89
C ASP D 344 5.89 -2.68 2.55
N ALA D 345 4.65 -2.17 2.78
CA ALA D 345 4.33 -0.75 2.52
C ALA D 345 5.17 0.13 3.45
N ALA D 346 5.35 -0.27 4.70
CA ALA D 346 6.13 0.54 5.67
C ALA D 346 7.59 0.62 5.23
N ILE D 347 8.17 -0.50 4.77
CA ILE D 347 9.58 -0.60 4.34
C ILE D 347 9.78 0.37 3.17
N ALA D 348 8.95 0.25 2.14
CA ALA D 348 9.10 1.10 0.93
C ALA D 348 9.00 2.57 1.32
N TRP D 349 8.11 2.90 2.24
CA TRP D 349 7.87 4.30 2.65
C TRP D 349 9.15 4.85 3.31
N GLY D 350 9.73 4.10 4.23
CA GLY D 350 11.02 4.44 4.86
C GLY D 350 12.12 4.51 3.80
N GLY D 351 12.18 3.52 2.90
CA GLY D 351 13.18 3.44 1.82
C GLY D 351 13.24 4.72 1.01
N ALA D 352 12.09 5.28 0.65
CA ALA D 352 11.99 6.43 -0.28
C ALA D 352 12.46 7.73 0.37
N ASN D 353 12.54 7.79 1.69
CA ASN D 353 12.56 9.12 2.40
C ASN D 353 13.94 9.40 3.00
N GLY D 354 14.97 8.78 2.49
CA GLY D 354 16.36 9.15 2.82
C GLY D 354 16.68 10.57 2.38
N ALA D 355 17.76 11.13 2.88
CA ALA D 355 18.15 12.50 2.47
C ALA D 355 19.66 12.57 2.46
N PHE D 356 20.26 12.95 1.33
CA PHE D 356 21.73 13.17 1.24
C PHE D 356 22.44 11.90 1.72
N GLU D 357 23.30 11.96 2.75
CA GLU D 357 24.25 10.86 3.03
C GLU D 357 23.61 9.79 3.91
N LEU D 358 22.35 9.93 4.35
CA LEU D 358 21.84 8.93 5.33
C LEU D 358 20.33 8.75 5.20
N ASN D 359 19.93 7.51 5.00
CA ASN D 359 18.53 7.07 5.23
C ASN D 359 18.34 6.88 6.74
N VAL D 360 17.43 7.68 7.34
CA VAL D 360 17.12 7.67 8.80
C VAL D 360 15.76 7.02 9.10
N TYR D 361 15.45 5.90 8.44
CA TYR D 361 14.27 5.05 8.73
C TYR D 361 14.74 3.64 9.09
N ILE D 362 15.99 3.47 9.51
CA ILE D 362 16.61 2.11 9.53
C ILE D 362 15.93 1.25 10.60
N PRO D 363 15.75 1.72 11.87
CA PRO D 363 15.19 0.84 12.89
C PRO D 363 13.76 0.37 12.54
N MET D 364 12.96 1.26 11.93
CA MET D 364 11.59 0.90 11.50
C MET D 364 11.66 -0.10 10.33
N MET D 365 12.51 0.12 9.32
CA MET D 365 12.69 -0.79 8.15
C MET D 365 13.21 -2.15 8.63
N ALA D 366 14.15 -2.14 9.58
CA ALA D 366 14.69 -3.38 10.19
C ALA D 366 13.57 -4.16 10.88
N ARG D 367 12.78 -3.52 11.74
CA ARG D 367 11.72 -4.23 12.49
C ARG D 367 10.81 -4.95 11.48
N ASN D 368 10.44 -4.24 10.41
CA ASN D 368 9.44 -4.72 9.44
C ASN D 368 9.98 -5.85 8.56
N ILE D 369 11.20 -5.73 8.03
N ILE D 369 11.20 -5.71 8.02
CA ILE D 369 11.74 -6.80 7.14
CA ILE D 369 11.82 -6.74 7.13
C ILE D 369 12.03 -8.05 7.98
C ILE D 369 12.07 -8.02 7.94
N LEU D 370 12.64 -7.88 9.15
CA LEU D 370 12.98 -9.06 9.99
C LEU D 370 11.70 -9.75 10.48
N GLU D 371 10.66 -8.99 10.82
CA GLU D 371 9.36 -9.61 11.16
C GLU D 371 8.81 -10.38 9.94
N SER D 372 8.81 -9.81 8.74
CA SER D 372 8.28 -10.52 7.55
C SER D 372 9.07 -11.83 7.32
N PHE D 373 10.39 -11.80 7.44
CA PHE D 373 11.21 -13.05 7.33
C PHE D 373 10.74 -14.10 8.36
N LYS D 374 10.59 -13.70 9.62
CA LYS D 374 10.29 -14.61 10.75
C LYS D 374 8.87 -15.20 10.56
N LEU D 375 7.90 -14.35 10.22
CA LEU D 375 6.49 -14.79 10.07
C LEU D 375 6.44 -15.81 8.95
N LEU D 376 7.05 -15.50 7.81
CA LEU D 376 6.96 -16.41 6.64
C LEU D 376 7.68 -17.72 6.93
N THR D 377 8.81 -17.68 7.62
CA THR D 377 9.59 -18.89 7.96
C THR D 377 8.75 -19.82 8.86
N ASN D 378 8.21 -19.27 9.95
CA ASN D 378 7.52 -20.05 11.00
C ASN D 378 6.24 -20.63 10.40
N VAL D 379 5.47 -19.82 9.70
CA VAL D 379 4.11 -20.25 9.20
C VAL D 379 4.32 -21.23 8.05
N SER D 380 5.36 -21.09 7.23
CA SER D 380 5.62 -22.02 6.10
C SER D 380 5.91 -23.41 6.65
N ARG D 381 6.71 -23.51 7.72
CA ARG D 381 7.05 -24.80 8.34
C ARG D 381 5.76 -25.38 8.93
N LEU D 382 4.99 -24.57 9.64
CA LEU D 382 3.76 -25.07 10.32
C LEU D 382 2.77 -25.52 9.25
N PHE D 383 2.58 -24.73 8.21
CA PHE D 383 1.66 -25.05 7.09
C PHE D 383 2.06 -26.41 6.47
N ALA D 384 3.35 -26.59 6.20
CA ALA D 384 3.91 -27.81 5.56
C ALA D 384 3.65 -29.04 6.43
N GLN D 385 3.98 -28.94 7.71
CA GLN D 385 4.01 -30.07 8.65
C GLN D 385 2.61 -30.36 9.21
N ARG D 386 1.82 -29.34 9.54
CA ARG D 386 0.60 -29.59 10.34
C ARG D 386 -0.69 -29.43 9.50
N CYS D 387 -0.59 -29.05 8.23
CA CYS D 387 -1.74 -28.99 7.30
C CYS D 387 -1.43 -29.81 6.04
N ILE D 388 -0.47 -29.42 5.18
CA ILE D 388 -0.25 -30.04 3.85
C ILE D 388 0.02 -31.55 4.03
N ALA D 389 0.97 -31.93 4.89
CA ALA D 389 1.43 -33.34 5.00
C ALA D 389 0.23 -34.25 5.30
N GLY D 390 -0.71 -33.80 6.13
CA GLY D 390 -1.82 -34.64 6.60
C GLY D 390 -3.09 -34.49 5.80
N LEU D 391 -3.10 -33.76 4.68
CA LEU D 391 -4.37 -33.60 3.92
C LEU D 391 -4.78 -34.98 3.40
N THR D 392 -6.08 -35.30 3.40
CA THR D 392 -6.60 -36.52 2.72
C THR D 392 -7.61 -36.10 1.64
N ALA D 393 -7.49 -36.68 0.44
CA ALA D 393 -8.39 -36.45 -0.71
C ALA D 393 -9.65 -37.30 -0.57
N ASN D 394 -10.82 -36.72 -0.84
CA ASN D 394 -12.11 -37.43 -0.94
C ASN D 394 -12.21 -37.98 -2.38
N VAL D 395 -11.53 -39.07 -2.70
CA VAL D 395 -11.27 -39.46 -4.11
C VAL D 395 -12.59 -39.67 -4.86
N GLU D 396 -13.54 -40.39 -4.26
CA GLU D 396 -14.85 -40.73 -4.89
C GLU D 396 -15.66 -39.47 -5.11
N HIS D 397 -15.70 -38.54 -4.15
CA HIS D 397 -16.39 -37.24 -4.34
C HIS D 397 -15.77 -36.51 -5.54
N LEU D 398 -14.44 -36.42 -5.59
CA LEU D 398 -13.70 -35.67 -6.62
C LEU D 398 -14.00 -36.27 -7.99
N ARG D 399 -14.01 -37.60 -8.07
CA ARG D 399 -14.33 -38.24 -9.36
C ARG D 399 -15.76 -37.88 -9.76
N ARG D 400 -16.69 -37.84 -8.80
CA ARG D 400 -18.10 -37.54 -9.14
C ARG D 400 -18.20 -36.08 -9.61
N LEU D 401 -17.33 -35.19 -9.13
CA LEU D 401 -17.34 -33.78 -9.61
C LEU D 401 -16.79 -33.73 -11.04
N ALA D 402 -15.73 -34.50 -11.30
CA ALA D 402 -15.11 -34.61 -12.63
C ALA D 402 -16.14 -35.11 -13.64
N GLU D 403 -16.92 -36.12 -13.26
CA GLU D 403 -17.97 -36.74 -14.13
C GLU D 403 -19.15 -35.78 -14.32
N SER D 404 -19.12 -34.61 -13.66
CA SER D 404 -20.13 -33.55 -13.83
C SER D 404 -19.54 -32.31 -14.52
N SER D 405 -18.24 -32.29 -14.83
CA SER D 405 -17.59 -31.19 -15.60
C SER D 405 -18.13 -31.19 -17.03
N PRO D 406 -18.10 -30.03 -17.75
CA PRO D 406 -18.39 -30.03 -19.17
C PRO D 406 -17.40 -30.96 -19.90
N SER D 407 -17.86 -31.52 -21.01
CA SER D 407 -17.02 -32.33 -21.90
C SER D 407 -16.88 -31.55 -23.21
N ILE D 408 -16.00 -32.00 -24.08
CA ILE D 408 -15.79 -31.43 -25.44
C ILE D 408 -16.00 -32.57 -26.44
N VAL D 409 -16.31 -32.25 -27.69
CA VAL D 409 -16.62 -33.22 -28.79
C VAL D 409 -15.32 -33.55 -29.55
N THR D 410 -14.24 -32.81 -29.32
CA THR D 410 -12.94 -32.97 -30.05
C THR D 410 -12.48 -34.44 -30.09
N PRO D 411 -12.48 -35.21 -28.96
CA PRO D 411 -12.02 -36.60 -28.96
C PRO D 411 -12.92 -37.60 -29.69
N LEU D 412 -14.00 -37.13 -30.32
CA LEU D 412 -14.91 -37.93 -31.21
C LEU D 412 -14.57 -37.68 -32.68
N ASN D 413 -13.77 -36.65 -33.00
CA ASN D 413 -13.45 -36.25 -34.40
C ASN D 413 -13.13 -37.50 -35.22
N SER D 414 -12.21 -38.34 -34.76
CA SER D 414 -11.76 -39.53 -35.54
C SER D 414 -12.86 -40.58 -35.71
N ALA D 415 -13.94 -40.50 -34.94
CA ALA D 415 -15.03 -41.50 -35.07
C ALA D 415 -16.22 -40.95 -35.88
N ILE D 416 -16.54 -39.68 -35.77
CA ILE D 416 -17.76 -39.20 -36.49
C ILE D 416 -17.44 -38.09 -37.50
N GLY D 417 -16.26 -37.50 -37.42
CA GLY D 417 -15.95 -36.40 -38.35
C GLY D 417 -16.26 -35.04 -37.77
N TYR D 418 -15.49 -34.03 -38.17
CA TYR D 418 -15.63 -32.61 -37.73
C TYR D 418 -17.11 -32.20 -37.78
N GLU D 419 -17.82 -32.60 -38.84
CA GLU D 419 -19.19 -32.09 -39.14
C GLU D 419 -20.20 -32.67 -38.13
N GLU D 420 -20.19 -33.98 -37.89
CA GLU D 420 -21.12 -34.65 -36.92
C GLU D 420 -20.79 -34.15 -35.50
N ALA D 421 -19.51 -34.17 -35.13
CA ALA D 421 -19.01 -33.63 -33.84
C ALA D 421 -19.55 -32.20 -33.65
N ALA D 422 -19.41 -31.34 -34.66
CA ALA D 422 -19.91 -29.95 -34.64
C ALA D 422 -21.41 -29.97 -34.35
N ALA D 423 -22.16 -30.88 -34.99
CA ALA D 423 -23.63 -31.04 -34.83
C ALA D 423 -23.96 -31.50 -33.40
N VAL D 424 -23.13 -32.38 -32.84
CA VAL D 424 -23.28 -32.90 -31.45
C VAL D 424 -23.15 -31.73 -30.45
N ALA D 425 -22.12 -30.88 -30.61
CA ALA D 425 -21.84 -29.74 -29.68
C ALA D 425 -23.01 -28.76 -29.71
N LYS D 426 -23.53 -28.47 -30.91
CA LYS D 426 -24.64 -27.51 -31.14
C LYS D 426 -25.88 -28.05 -30.42
N GLN D 427 -26.23 -29.32 -30.66
CA GLN D 427 -27.44 -29.95 -30.06
C GLN D 427 -27.29 -30.08 -28.54
N ALA D 428 -26.12 -30.48 -28.03
CA ALA D 428 -25.87 -30.56 -26.57
C ALA D 428 -26.15 -29.18 -25.93
N LEU D 429 -25.63 -28.11 -26.51
CA LEU D 429 -25.80 -26.72 -26.00
C LEU D 429 -27.28 -26.33 -26.02
N LYS D 430 -27.95 -26.50 -27.17
CA LYS D 430 -29.38 -26.11 -27.40
C LYS D 430 -30.32 -26.84 -26.43
N GLU D 431 -30.09 -28.14 -26.19
CA GLU D 431 -31.01 -29.02 -25.41
C GLU D 431 -30.47 -29.18 -23.99
N ARG D 432 -29.34 -28.53 -23.65
CA ARG D 432 -28.73 -28.54 -22.29
C ARG D 432 -28.50 -29.98 -21.85
N LYS D 433 -27.88 -30.78 -22.73
CA LYS D 433 -27.57 -32.21 -22.51
C LYS D 433 -26.06 -32.36 -22.47
N THR D 434 -25.56 -33.46 -21.92
CA THR D 434 -24.12 -33.83 -21.99
C THR D 434 -23.73 -34.14 -23.45
N ILE D 435 -22.44 -34.08 -23.76
CA ILE D 435 -21.89 -34.64 -25.04
C ILE D 435 -22.31 -36.11 -25.13
N ARG D 436 -22.06 -36.89 -24.06
CA ARG D 436 -22.24 -38.36 -24.05
C ARG D 436 -23.68 -38.74 -24.43
N GLN D 437 -24.65 -38.11 -23.76
CA GLN D 437 -26.08 -38.41 -23.98
C GLN D 437 -26.51 -37.94 -25.37
N THR D 438 -25.94 -36.84 -25.85
CA THR D 438 -26.30 -36.28 -27.18
C THR D 438 -25.84 -37.26 -28.27
N VAL D 439 -24.67 -37.86 -28.09
CA VAL D 439 -24.15 -38.85 -29.06
C VAL D 439 -25.12 -40.04 -29.08
N ILE D 440 -25.57 -40.47 -27.91
CA ILE D 440 -26.50 -41.62 -27.76
C ILE D 440 -27.86 -41.27 -28.39
N ASP D 441 -28.41 -40.12 -28.05
CA ASP D 441 -29.74 -39.62 -28.51
C ASP D 441 -29.73 -39.41 -30.04
N ARG D 442 -28.58 -39.11 -30.64
CA ARG D 442 -28.51 -38.90 -32.11
C ARG D 442 -28.38 -40.25 -32.84
N GLY D 443 -28.36 -41.36 -32.10
CA GLY D 443 -28.20 -42.70 -32.68
C GLY D 443 -26.84 -42.93 -33.31
N LEU D 444 -25.78 -42.41 -32.68
CA LEU D 444 -24.41 -42.52 -33.23
C LEU D 444 -23.71 -43.80 -32.77
N ILE D 445 -24.26 -44.50 -31.79
CA ILE D 445 -23.64 -45.76 -31.33
C ILE D 445 -23.81 -46.80 -32.45
N GLY D 446 -22.76 -47.53 -32.79
CA GLY D 446 -22.82 -48.44 -33.94
C GLY D 446 -21.44 -48.86 -34.40
N ASP D 447 -21.30 -49.26 -35.66
CA ASP D 447 -20.02 -49.78 -36.19
C ASP D 447 -18.93 -48.70 -36.05
N ARG D 448 -19.29 -47.45 -36.35
CA ARG D 448 -18.37 -46.30 -36.29
C ARG D 448 -17.98 -45.93 -34.84
N LEU D 449 -18.83 -46.19 -33.85
CA LEU D 449 -18.51 -45.82 -32.45
C LEU D 449 -19.27 -46.69 -31.46
N SER D 450 -18.56 -47.53 -30.71
CA SER D 450 -19.21 -48.37 -29.68
C SER D 450 -19.34 -47.57 -28.41
N ILE D 451 -20.10 -48.09 -27.46
CA ILE D 451 -20.25 -47.42 -26.14
C ILE D 451 -18.89 -47.40 -25.44
N GLU D 452 -18.11 -48.49 -25.55
CA GLU D 452 -16.78 -48.60 -24.91
C GLU D 452 -15.90 -47.49 -25.47
N ASP D 453 -15.94 -47.30 -26.78
CA ASP D 453 -15.11 -46.28 -27.46
C ASP D 453 -15.53 -44.87 -27.02
N LEU D 454 -16.83 -44.62 -26.92
CA LEU D 454 -17.32 -43.27 -26.53
C LEU D 454 -16.83 -42.93 -25.12
N ASP D 455 -16.92 -43.90 -24.22
CA ASP D 455 -16.50 -43.72 -22.81
C ASP D 455 -14.99 -43.53 -22.72
N ARG D 456 -14.23 -44.30 -23.51
CA ARG D 456 -12.75 -44.17 -23.48
C ARG D 456 -12.35 -42.81 -24.07
N ARG D 457 -13.03 -42.38 -25.12
CA ARG D 457 -12.75 -41.08 -25.78
C ARG D 457 -13.05 -39.91 -24.82
N LEU D 458 -14.12 -40.01 -24.02
CA LEU D 458 -14.55 -38.90 -23.14
C LEU D 458 -14.15 -39.13 -21.68
N ASP D 459 -13.33 -40.13 -21.43
CA ASP D 459 -12.87 -40.46 -20.05
C ASP D 459 -12.31 -39.20 -19.38
N VAL D 460 -12.76 -38.92 -18.15
CA VAL D 460 -12.47 -37.62 -17.46
C VAL D 460 -10.97 -37.56 -17.11
N LEU D 461 -10.36 -38.65 -16.64
CA LEU D 461 -8.90 -38.69 -16.34
C LEU D 461 -8.09 -38.40 -17.61
N ALA D 462 -8.49 -38.93 -18.76
CA ALA D 462 -7.83 -38.71 -20.05
C ALA D 462 -7.99 -37.24 -20.45
N MET D 463 -9.20 -36.69 -20.26
CA MET D 463 -9.46 -35.24 -20.50
C MET D 463 -8.51 -34.38 -19.65
N ALA D 464 -8.08 -34.82 -18.46
CA ALA D 464 -7.17 -34.03 -17.59
C ALA D 464 -5.72 -34.10 -18.10
N LYS D 465 -5.43 -35.02 -19.03
CA LYS D 465 -4.09 -35.17 -19.67
C LYS D 465 -2.98 -35.17 -18.62
N ALA D 466 -3.05 -36.06 -17.64
CA ALA D 466 -2.07 -36.17 -16.53
C ALA D 466 -0.75 -36.78 -17.04
O3 KZN E . 25.32 32.59 0.34
C4 KZN E . 22.78 27.66 3.02
C5 KZN E . 24.51 30.85 2.47
O4 KZN E . 26.54 33.22 5.72
C6 KZN E . 24.19 32.13 0.41
N1 KZN E . 23.53 34.50 -1.89
C7 KZN E . 23.10 32.60 -0.54
C8 KZN E . 23.59 33.22 -1.81
N2 KZN E . 24.01 35.10 -3.01
C9 KZN E . 24.59 34.50 -4.08
C10 KZN E . 24.67 33.05 -4.02
C11 KZN E . 25.26 32.32 -5.05
C12 KZN E . 25.40 30.95 -4.92
N3 KZN E . 28.12 33.03 3.87
C13 KZN E . 24.96 30.30 -3.78
C14 KZN E . 24.32 31.00 -2.77
C15 KZN E . 24.17 32.39 -2.88
S KZN E . 27.29 32.24 5.01
O KZN E . 28.21 31.41 5.71
C25 KZN E . 28.92 32.22 2.93
C24 KZN E . 28.95 32.88 1.57
C23 KZN E . 29.30 34.34 1.66
C22 KZN E . 29.79 34.99 0.53
C21 KZN E . 30.08 36.34 0.58
C20 KZN E . 29.89 37.06 1.74
C19 KZN E . 29.43 36.42 2.87
C18 KZN E . 29.13 35.06 2.85
C17 KZN E . 28.66 34.37 4.13
C KZN E . 26.17 31.18 4.17
C16 KZN E . 25.52 31.64 3.04
C3 KZN E . 24.18 29.61 3.07
O1 KZN E . 23.16 28.93 2.47
C2 KZN E . 24.88 29.16 4.16
C1 KZN E . 25.88 29.95 4.71
N KZN E . 23.79 31.22 1.32
O2 KZN E . 25.05 35.17 -4.99
MG MG F . -23.51 -28.21 -2.66
C FMT G . -13.64 -19.58 -18.95
O1 FMT G . -13.00 -20.52 -18.54
O2 FMT G . -14.91 -19.56 -19.04
O3 KZN H . 23.91 32.93 7.52
C4 KZN H . 19.95 29.64 4.15
C5 KZN H . 22.56 31.99 5.19
O4 KZN H . 24.74 34.91 2.53
C6 KZN H . 23.70 31.75 7.35
N1 KZN H . 25.89 31.49 9.88
C7 KZN H . 24.34 30.71 8.25
C8 KZN H . 24.66 31.23 9.61
N2 KZN H . 26.20 31.99 11.17
C9 KZN H . 25.30 32.29 12.17
C10 KZN H . 23.90 31.96 11.86
C11 KZN H . 22.90 32.16 12.82
C12 KZN H . 21.59 31.82 12.51
N3 KZN H . 23.83 36.18 4.41
C13 KZN H . 21.28 31.28 11.28
C14 KZN H . 22.26 31.06 10.33
C15 KZN H . 23.58 31.41 10.60
S KZN H . 23.48 35.29 3.09
O KZN H . 22.57 36.05 2.31
C25 KZN H . 22.70 36.77 5.17
C24 KZN H . 23.00 36.74 6.65
C23 KZN H . 24.33 37.40 6.94
C22 KZN H . 24.58 37.95 8.20
C21 KZN H . 25.81 38.54 8.49
C20 KZN H . 26.81 38.57 7.53
C19 KZN H . 26.58 38.02 6.28
C18 KZN H . 25.34 37.45 5.96
C17 KZN H . 25.11 36.93 4.57
C KZN H . 22.67 33.84 3.66
C16 KZN H . 23.14 33.19 4.79
C3 KZN H . 21.51 31.46 4.43
O1 KZN H . 21.07 30.23 4.85
C2 KZN H . 21.02 32.14 3.33
C1 KZN H . 21.59 33.34 2.94
N KZN H . 22.93 31.27 6.36
O2 KZN H . 25.65 32.86 13.21
#